data_8K9F
#
_entry.id   8K9F
#
_cell.length_a   1.00
_cell.length_b   1.00
_cell.length_c   1.00
_cell.angle_alpha   90.00
_cell.angle_beta   90.00
_cell.angle_gamma   90.00
#
_symmetry.space_group_name_H-M   'P 1'
#
loop_
_entity.id
_entity.type
_entity.pdbx_description
1 polymer 'Cytochrome c7-like domain-containing protein'
2 polymer 'Fe-S-cluster-containing hydrogenase components 1-like protein'
3 polymer 'Polysulphide reductase NrfD'
4 polymer 'Quinol:cytochrome c oxidoreductase membrane protein'
5 polymer 'Cytochrome c domain-containing protein'
6 polymer 'Quinol:cytochrome c oxidoreductase quinone-binding subunit 2'
7 polymer 'hypothetical protein'
8 polymer unknown
9 non-polymer 'HEME C'
10 non-polymer 'IRON/SULFUR CLUSTER'
11 non-polymer 'FE3-S4 CLUSTER'
12 non-polymer 'MAGNESIUM ION'
13 non-polymer '[(2~{R})-3-[2-azanylethoxy(oxidanyl)phosphoryl]oxy-2-tetradecanoyloxy-propyl] hexadecanoate'
14 non-polymer '[(2~{R})-3-[2-azanylethoxy(oxidanyl)phosphoryl]oxy-2-pentadecanoyloxy-propyl] pentadecanoate'
15 non-polymer '1,3-bis(13-methyltetradecanoyloxy)propan-2-yl pentadecanoate'
#
loop_
_entity_poly.entity_id
_entity_poly.type
_entity_poly.pdbx_seq_one_letter_code
_entity_poly.pdbx_strand_id
1 'polypeptide(L)'
;MAQIFPRNANLLSRLSIFALVLLVVEGILILGVYFRSNYFRQVNVAIEQPVAFSHQLHVNVVGIDCRYCHTSVDQSYFAN
IPATETCMTCHSQIKTYSPLLEKVRESYATGKPIEWVKVYDLPNFVYFNHSIHVNKGIGCSTCHGQVNNMPVVWQQQALY
MGWCLNCHRNPELYVRPREEVYNMDYVPPSNQLEIGRQLVAEYGIMPPDQLTNCYVCHR
;
A
2 'polypeptide(L)'
;MTQQQPDLEAIRAQLRDARGPQFWRSLDQLADAPAFRELIEREFPRGASELEDGISRRTFLKLMGASLALAGVTACTYQP
RQYIAPFDRQPEGRVPGIPQYFASTLTLGGYGTGVLVRSNEGRPTKVEGNPRHPASLGGTDLFAQAEILTMYDPDRSTTV
LRQGVPSTWAEFTTTLGNALTAARATQGAGVRLLTTTITSPSLAAQIEQFLQAYPQARWYQYEPINRDNVVAGARLAFGR
DVTTRYDLSAAQVVVSLDADFLAPGPGFVAYARAFAERRKVRKDSTTMNRLYVVEASPSTTGTAADHRLPLRADAIAAFT
GALANELGVGGAPATLSPKAEEFLRAIARDLEEHRGQSVVIAGDQQPPIVHALAHLINAELGNVGQTVFYHEPVEARPTN
QTEELVALVSEMAAGRVETLIMIGGNPVYNAPGDLRFADRMASVPLTIHLSQFVDETSARATWHIPQAHPLESWGDARAF
DGTASIVQPLIEPLYGGKTANELLAAMLGQPEAESYDLVRSFWLEQIGETGWQVALANGVIAETVAPVIEPTLNEGAIRA
TPIPQPGDGVEIVFRPDPSLFDGFYANNGWLQELPRPLTKLVWDNAALMSPRTAIKLLGLPFNADRLIGTEADDRERQQY
LEQLSKVNGTIARIEYRGGIIEIPIWLLPGHAEDSITLNLGYGRTHAGRVGNNVGIDVYPIRTSDSPWFGAGARVTNTGR
TYLLVSTQDHWTLEGRDIYRVGEFKKFKEDPKYIAKEVYQEEYGRETPNYQSLQPGDDYTGRNAWGMTINLNACIGCNAC
VVACQAENNIAVVGKDQVSRGREMHWIRIDRYFAGEDLDNPSIYMMPVNCMQCEKAPCEVVCPVAATVHDYEGLNNMVYN
RCVGTKYCSNNCPYKVRRFNFLQYSDTTTETFKLAFNPDVTVRIRGVMEKCTYCVQRISGARIAAKRAAVQAGQSSYVIS
DGAIQTACEQACPTGAIVFGDINDSNSRVAKWKAEGHNYGLLGFLNTVPRTTYLARVRNPSEELEKVEG
;
B
3 'polypeptide(L)'
;MAQAQPLRTRPQDDGEAYLLPGETYTSISAKIGDVPLTPPLKTPKGWLAGFSVAFFMLMIFFVSVTWLFIRGVGIWGINI
PVGWGMDIINFVWWIGIGHAGTLISAILLLLNQGWRNSINRFAEAMTLFAVACAGLYPILHLGRPWLFYWLIPYPNTHGM
WPQFRSALAWDVFAISTYATVSLVFWLVGLIPDFATLRDRAKNIWVKRLYGIAALGWRGSARHWHRYEMASILLAGLSTP
LVVSVHSIISLDFAISQVPGWQVTVFPPYFVAGAVFAGFAMVLLLMIPVRTFYGFENYITLHHLDVMAKVMLTTGMIVVY
GYFMEVFASLYSGNEFEEYLLYNRLFGPSSWAYWGLLFCNAVAIQPLWFKKVRQNIPALLIISLIVSVGMWLERYVIIVI
SLERDFLPSSWDIYIPTIWDWSLYIGTFGLFFTLLFLFIRVLPMINIFEMRLFLYQETEKAKQRAGHGAHGHGHEQSPAH
GAATAD
;
C
4 'polypeptide(L)'
;MRNDVYGVMAEFPTPEALIEATRKAKAAGYTKMDAFSPFPIEEVIEEIAHGDTGVPRLVLLFGLIGAASGFILQYIGNLV
DYPLNVGGRPLDITNWPAMIPITFESGILLASFAAAIGMIVLNGLPSPYHPVFNVPRFQYASQDAFFLCIEATDPLFDRS
RTSQFLRSLNPMQVSEVAY
;
D
5 'polypeptide(L)'
;MQKPRLTSRMIRFGWVGLLVLLLTACHQDMYDQQKYTTYEPSSFFADGRSSRPNVPGTTPFEVVKTDEFLYTGLIDGQEV
DAMPFPVTKDLLLRGQLKYNIYCAVCHGEAGYGASMVAERGGIVPANFHQQRLREAPLSHFFVVITNGVYRGDPENGGYQ
SMYGYASRITPEDRWAIAAYIRALQLSQNATIDDVPPDQRAQLGN
;
E
6 'polypeptide(L)'
;MATTSISQTRIPQLGQVQMLGLAAAVIGIGVLAAGYFLSPTSFFESYIYGYYVAMTIPLGCLGFLMVQHLTGGAWGVTVR
RMLEAGAATLPIMGLLFIPIALGYFDTYKALGLEHPLYEWANPEVVTPGGAEFDPIIAHKVPWLSPLWVTARIAIFFIIW
SALALTLRAWSRQQDAGGDAKKLATRMRRLSGIGVALFVITVTFFSFDVAMSLDPHWFSTIYGAHYMANAGLMTLAFLAL
MMSRVRDAALFREYVSVKPIHDIGKLIFAFTVLWTYMSYGQLVIIWSGDVAEFTPWYVHRTQHGWVFVALALMLFAFALP
FFVLLFRGTKRNLNTLATIAGWIVVMRFVDMAWIILPEFREHLWDIAITDVAAPIGLIGLVIALFAANVQQAPLLPLRDP
NMEQLQNSGHH
;
F
7 'polypeptide(L)'
;MSYRPNYSASRYTAGRPAQPVRTARTMAEPSLSRLMIAGLMVFLVLSLVVLLAGRLPFTPQPAPVTGNTYRTYVNDARTL
LNSYGYTMEGKVHIPIDRAMDLIVERGLPVRE
;
G
8 'polypeptide(L)' MQPEWSGDPEVKPVFLAVTLTGMVAFLLMVWLFAFYW I
#
# COMPACT_ATOMS: atom_id res chain seq x y z
N ALA A 2 -23.86 -34.63 -42.88
CA ALA A 2 -23.71 -36.03 -43.24
C ALA A 2 -22.53 -36.23 -44.19
N GLN A 3 -22.08 -35.12 -44.77
CA GLN A 3 -20.93 -35.18 -45.67
C GLN A 3 -19.65 -35.47 -44.91
N ILE A 4 -19.47 -34.88 -43.73
CA ILE A 4 -18.28 -35.06 -42.93
C ILE A 4 -18.53 -35.97 -41.73
N PHE A 5 -19.65 -35.79 -41.07
CA PHE A 5 -19.99 -36.30 -39.75
C PHE A 5 -21.05 -37.39 -39.85
N PRO A 6 -21.17 -38.27 -38.78
CA PRO A 6 -22.19 -39.29 -38.93
C PRO A 6 -23.57 -38.85 -38.49
N ARG A 7 -24.48 -39.79 -38.26
CA ARG A 7 -25.85 -39.40 -37.93
C ARG A 7 -25.99 -38.86 -36.51
N ASN A 8 -25.31 -39.47 -35.53
CA ASN A 8 -25.39 -39.03 -34.15
C ASN A 8 -24.33 -38.00 -33.79
N ALA A 9 -23.82 -37.26 -34.79
CA ALA A 9 -22.93 -36.14 -34.51
C ALA A 9 -23.64 -35.03 -33.76
N ASN A 10 -24.92 -34.79 -34.07
CA ASN A 10 -25.72 -33.85 -33.33
C ASN A 10 -25.86 -34.27 -31.86
N LEU A 11 -26.10 -35.57 -31.64
CA LEU A 11 -26.18 -36.12 -30.29
C LEU A 11 -24.88 -35.93 -29.53
N LEU A 12 -23.75 -36.29 -30.16
CA LEU A 12 -22.46 -36.21 -29.50
C LEU A 12 -22.03 -34.77 -29.26
N SER A 13 -22.41 -33.85 -30.15
CA SER A 13 -22.04 -32.45 -29.97
C SER A 13 -22.85 -31.78 -28.87
N ARG A 14 -24.16 -32.03 -28.83
CA ARG A 14 -24.98 -31.52 -27.73
C ARG A 14 -24.52 -32.09 -26.39
N LEU A 15 -24.24 -33.40 -26.37
CA LEU A 15 -23.74 -34.02 -25.15
C LEU A 15 -22.36 -33.51 -24.78
N SER A 16 -21.54 -33.13 -25.76
CA SER A 16 -20.20 -32.65 -25.48
C SER A 16 -20.21 -31.23 -24.90
N ILE A 17 -21.05 -30.34 -25.46
CA ILE A 17 -21.19 -29.00 -24.87
C ILE A 17 -21.77 -29.09 -23.47
N PHE A 18 -22.78 -29.95 -23.27
CA PHE A 18 -23.35 -30.15 -21.94
C PHE A 18 -22.32 -30.73 -20.98
N ALA A 19 -21.53 -31.70 -21.45
CA ALA A 19 -20.52 -32.32 -20.61
C ALA A 19 -19.41 -31.35 -20.26
N LEU A 20 -19.04 -30.45 -21.18
CA LEU A 20 -18.05 -29.42 -20.86
C LEU A 20 -18.54 -28.50 -19.76
N VAL A 21 -19.81 -28.09 -19.84
CA VAL A 21 -20.40 -27.28 -18.76
C VAL A 21 -20.40 -28.04 -17.44
N LEU A 22 -20.76 -29.33 -17.49
CA LEU A 22 -20.83 -30.14 -16.27
C LEU A 22 -19.45 -30.43 -15.68
N LEU A 23 -18.41 -30.63 -16.51
CA LEU A 23 -17.07 -30.80 -15.93
C LEU A 23 -16.48 -29.51 -15.41
N VAL A 24 -16.85 -28.36 -15.98
CA VAL A 24 -16.46 -27.09 -15.36
C VAL A 24 -17.10 -26.94 -13.98
N VAL A 25 -18.40 -27.22 -13.89
CA VAL A 25 -19.12 -27.17 -12.62
C VAL A 25 -18.54 -28.18 -11.63
N GLU A 26 -18.21 -29.38 -12.12
CA GLU A 26 -17.66 -30.41 -11.26
C GLU A 26 -16.25 -30.10 -10.80
N GLY A 27 -15.42 -29.49 -11.64
CA GLY A 27 -14.09 -29.10 -11.21
C GLY A 27 -14.13 -27.99 -10.17
N ILE A 28 -15.06 -27.04 -10.33
CA ILE A 28 -15.28 -26.03 -9.29
C ILE A 28 -15.74 -26.70 -7.98
N LEU A 29 -16.60 -27.72 -8.10
CA LEU A 29 -17.05 -28.46 -6.92
C LEU A 29 -15.91 -29.25 -6.27
N ILE A 30 -15.01 -29.80 -7.09
CA ILE A 30 -13.82 -30.50 -6.60
C ILE A 30 -12.93 -29.56 -5.80
N LEU A 31 -12.66 -28.38 -6.37
CA LEU A 31 -11.78 -27.42 -5.71
C LEU A 31 -12.38 -26.90 -4.41
N GLY A 32 -13.68 -26.58 -4.44
CA GLY A 32 -14.33 -26.11 -3.23
C GLY A 32 -14.42 -27.16 -2.14
N VAL A 33 -14.73 -28.40 -2.52
CA VAL A 33 -14.83 -29.49 -1.55
C VAL A 33 -13.48 -29.79 -0.94
N TYR A 34 -12.42 -29.81 -1.77
CA TYR A 34 -11.09 -30.09 -1.25
C TYR A 34 -10.59 -28.97 -0.35
N PHE A 35 -10.89 -27.71 -0.66
CA PHE A 35 -10.46 -26.65 0.23
C PHE A 35 -11.32 -26.57 1.49
N ARG A 36 -12.45 -27.24 1.56
CA ARG A 36 -13.21 -27.23 2.79
C ARG A 36 -13.21 -28.59 3.42
N SER A 37 -12.44 -29.50 2.86
CA SER A 37 -12.50 -30.87 3.31
C SER A 37 -11.94 -31.03 4.71
N ASN A 38 -12.46 -32.03 5.43
CA ASN A 38 -11.93 -32.41 6.73
C ASN A 38 -10.55 -33.03 6.64
N TYR A 39 -10.12 -33.48 5.46
CA TYR A 39 -8.73 -33.88 5.29
C TYR A 39 -7.81 -32.67 5.25
N PHE A 40 -8.20 -31.62 4.51
CA PHE A 40 -7.34 -30.47 4.31
C PHE A 40 -7.11 -29.70 5.59
N ARG A 41 -8.18 -29.37 6.30
CA ARG A 41 -8.07 -28.61 7.53
C ARG A 41 -7.84 -29.49 8.75
N GLN A 42 -7.78 -30.81 8.56
CA GLN A 42 -7.57 -31.82 9.62
C GLN A 42 -8.64 -31.70 10.71
N VAL A 43 -9.89 -31.77 10.27
CA VAL A 43 -11.05 -31.59 11.12
C VAL A 43 -11.65 -32.95 11.42
N ASN A 44 -11.96 -33.19 12.70
CA ASN A 44 -12.45 -34.46 13.23
C ASN A 44 -11.47 -35.59 12.96
N VAL A 45 -10.18 -35.26 13.03
CA VAL A 45 -9.09 -36.23 12.92
C VAL A 45 -8.34 -36.19 14.24
N ALA A 46 -8.28 -37.33 14.93
CA ALA A 46 -7.64 -37.42 16.24
C ALA A 46 -6.15 -37.55 16.02
N ILE A 47 -5.45 -36.42 16.03
CA ILE A 47 -4.03 -36.40 15.70
C ILE A 47 -3.22 -36.96 16.86
N GLU A 48 -2.40 -37.96 16.58
CA GLU A 48 -1.75 -38.76 17.60
C GLU A 48 -0.58 -38.00 18.23
N GLN A 49 -0.57 -37.94 19.55
CA GLN A 49 0.44 -37.33 20.38
C GLN A 49 1.45 -38.37 20.84
N PRO A 50 2.68 -37.97 21.19
CA PRO A 50 3.70 -38.96 21.53
C PRO A 50 3.49 -39.70 22.84
N VAL A 51 2.55 -39.28 23.69
CA VAL A 51 2.26 -40.01 24.92
C VAL A 51 0.88 -40.65 24.89
N ALA A 52 -0.02 -40.18 24.01
CA ALA A 52 -1.46 -40.47 24.06
C ALA A 52 -2.02 -40.09 25.43
N PHE A 53 -1.99 -38.80 25.70
CA PHE A 53 -2.76 -38.24 26.80
C PHE A 53 -4.23 -38.47 26.54
N SER A 54 -4.99 -38.74 27.61
CA SER A 54 -6.44 -38.93 27.50
C SER A 54 -7.12 -37.82 28.27
N HIS A 55 -7.78 -36.92 27.54
CA HIS A 55 -8.62 -35.92 28.19
C HIS A 55 -9.90 -36.55 28.75
N GLN A 56 -10.39 -37.62 28.14
CA GLN A 56 -11.57 -38.32 28.65
C GLN A 56 -11.32 -38.94 30.02
N LEU A 57 -10.10 -39.41 30.25
CA LEU A 57 -9.80 -40.10 31.49
C LEU A 57 -9.42 -39.10 32.57
N HIS A 58 -8.87 -37.96 32.19
CA HIS A 58 -8.41 -37.03 33.20
C HIS A 58 -9.49 -36.07 33.63
N VAL A 59 -10.32 -35.59 32.72
CA VAL A 59 -11.25 -34.52 33.05
C VAL A 59 -12.63 -35.07 33.39
N ASN A 60 -13.16 -35.97 32.54
CA ASN A 60 -14.45 -36.56 32.85
C ASN A 60 -14.38 -37.60 33.94
N VAL A 61 -13.26 -38.29 34.08
CA VAL A 61 -13.12 -39.38 35.03
C VAL A 61 -12.29 -38.95 36.25
N VAL A 62 -11.01 -38.65 36.05
CA VAL A 62 -10.16 -38.29 37.19
C VAL A 62 -10.56 -36.90 37.72
N GLY A 63 -10.85 -35.97 36.83
CA GLY A 63 -11.56 -34.77 37.22
C GLY A 63 -10.73 -33.56 37.54
N ILE A 64 -9.74 -33.26 36.71
CA ILE A 64 -8.95 -32.07 36.98
C ILE A 64 -9.52 -30.95 36.13
N ASP A 65 -9.63 -29.76 36.71
CA ASP A 65 -10.05 -28.60 35.95
C ASP A 65 -8.99 -28.21 34.94
N CYS A 66 -9.44 -27.63 33.84
CA CYS A 66 -8.54 -27.27 32.77
C CYS A 66 -7.61 -26.10 33.08
N ARG A 67 -7.86 -25.34 34.13
CA ARG A 67 -6.85 -24.37 34.55
C ARG A 67 -5.72 -24.98 35.38
N TYR A 68 -5.82 -26.25 35.76
CA TYR A 68 -4.71 -26.91 36.43
C TYR A 68 -3.54 -27.12 35.49
N CYS A 69 -3.83 -27.52 34.25
CA CYS A 69 -2.82 -27.81 33.26
C CYS A 69 -2.62 -26.65 32.29
N HIS A 70 -3.72 -26.08 31.80
CA HIS A 70 -3.70 -24.82 31.05
C HIS A 70 -3.94 -23.65 31.99
N THR A 71 -2.87 -23.32 32.72
CA THR A 71 -2.93 -22.33 33.78
C THR A 71 -3.02 -20.92 33.25
N SER A 72 -2.69 -20.71 31.99
CA SER A 72 -2.58 -19.37 31.43
C SER A 72 -3.79 -18.99 30.59
N VAL A 73 -4.89 -19.72 30.72
CA VAL A 73 -6.01 -19.57 29.79
C VAL A 73 -6.78 -18.27 30.01
N ASP A 74 -6.71 -17.66 31.19
CA ASP A 74 -7.43 -16.44 31.48
C ASP A 74 -6.51 -15.27 31.79
N GLN A 75 -5.26 -15.35 31.39
CA GLN A 75 -4.37 -14.25 31.60
C GLN A 75 -3.72 -13.83 30.31
N SER A 76 -3.39 -14.78 29.43
CA SER A 76 -2.64 -14.46 28.24
C SER A 76 -3.42 -14.85 26.99
N TYR A 77 -2.81 -14.58 25.85
CA TYR A 77 -3.32 -15.08 24.58
C TYR A 77 -3.12 -16.58 24.49
N PHE A 78 -2.07 -17.09 25.14
CA PHE A 78 -1.63 -18.46 25.01
C PHE A 78 -2.12 -19.23 26.23
N ALA A 79 -3.01 -20.17 26.02
CA ALA A 79 -3.36 -21.07 27.10
C ALA A 79 -2.18 -22.01 27.30
N ASN A 80 -1.71 -22.14 28.54
CA ASN A 80 -0.42 -22.76 28.80
C ASN A 80 -0.44 -24.23 28.42
N ILE A 81 0.53 -24.64 27.62
CA ILE A 81 0.63 -26.08 27.37
C ILE A 81 1.35 -26.73 28.55
N PRO A 82 0.79 -27.80 29.10
CA PRO A 82 1.29 -28.34 30.38
C PRO A 82 2.71 -28.86 30.29
N ALA A 83 3.51 -28.50 31.29
CA ALA A 83 4.89 -28.93 31.38
C ALA A 83 4.96 -30.38 31.87
N THR A 84 6.18 -30.89 32.01
CA THR A 84 6.35 -32.24 32.51
C THR A 84 6.02 -32.31 34.00
N GLU A 85 6.39 -31.26 34.75
CA GLU A 85 6.19 -31.24 36.21
C GLU A 85 4.72 -31.35 36.56
N THR A 86 3.84 -30.85 35.69
CA THR A 86 2.40 -30.97 35.89
C THR A 86 1.95 -32.41 35.91
N CYS A 87 2.53 -33.23 35.03
CA CYS A 87 2.29 -34.65 35.08
C CYS A 87 2.94 -35.29 36.29
N MET A 88 4.13 -34.81 36.67
CA MET A 88 4.90 -35.45 37.72
C MET A 88 4.39 -35.18 39.13
N THR A 89 3.42 -34.28 39.34
CA THR A 89 2.81 -34.20 40.66
C THR A 89 2.01 -35.45 40.96
N CYS A 90 1.43 -36.06 39.94
CA CYS A 90 0.67 -37.29 40.08
C CYS A 90 1.52 -38.50 39.70
N HIS A 91 2.24 -38.41 38.59
CA HIS A 91 2.81 -39.62 38.00
C HIS A 91 4.20 -39.95 38.50
N SER A 92 4.64 -39.38 39.61
CA SER A 92 5.77 -39.96 40.33
C SER A 92 5.29 -41.05 41.29
N GLN A 93 3.98 -41.07 41.57
CA GLN A 93 3.34 -42.02 42.48
C GLN A 93 2.21 -42.80 41.83
N ILE A 94 1.36 -42.18 41.01
CA ILE A 94 0.26 -42.91 40.36
C ILE A 94 0.78 -43.66 39.15
N LYS A 95 1.20 -44.92 39.38
CA LYS A 95 1.84 -45.84 38.43
C LYS A 95 2.89 -45.19 37.53
N THR A 96 3.98 -44.76 38.17
CA THR A 96 5.26 -44.73 37.49
C THR A 96 5.72 -46.16 37.19
N TYR A 97 6.88 -46.28 36.55
CA TYR A 97 7.40 -47.50 35.91
C TYR A 97 6.30 -48.23 35.11
N SER A 98 5.64 -47.46 34.25
CA SER A 98 4.58 -47.82 33.32
C SER A 98 5.02 -47.51 31.90
N PRO A 99 4.64 -48.34 30.92
CA PRO A 99 5.12 -48.10 29.55
C PRO A 99 4.48 -46.93 28.85
N LEU A 100 3.31 -46.49 29.30
CA LEU A 100 2.64 -45.35 28.67
C LEU A 100 3.22 -44.03 29.10
N LEU A 101 4.16 -44.01 30.05
CA LEU A 101 4.73 -42.76 30.56
C LEU A 101 6.24 -42.72 30.48
N GLU A 102 6.84 -43.47 29.57
CA GLU A 102 8.29 -43.44 29.52
C GLU A 102 8.78 -42.14 28.90
N LYS A 103 7.98 -41.53 28.01
CA LYS A 103 8.34 -40.20 27.50
C LYS A 103 8.22 -39.14 28.58
N VAL A 104 7.19 -39.24 29.41
CA VAL A 104 6.99 -38.28 30.50
C VAL A 104 8.07 -38.45 31.57
N ARG A 105 8.52 -39.68 31.81
CA ARG A 105 9.63 -39.85 32.74
C ARG A 105 11.00 -39.66 32.08
N GLU A 106 11.07 -39.65 30.75
CA GLU A 106 12.30 -39.24 30.07
C GLU A 106 12.49 -37.74 30.19
N SER A 107 11.42 -36.98 29.98
CA SER A 107 11.40 -35.61 30.47
C SER A 107 11.31 -35.62 32.01
N TYR A 108 11.57 -34.46 32.62
CA TYR A 108 11.74 -34.23 34.05
C TYR A 108 12.97 -34.91 34.64
N ALA A 109 13.72 -35.68 33.84
CA ALA A 109 15.04 -36.16 34.18
C ALA A 109 16.08 -35.57 33.24
N THR A 110 15.93 -35.75 31.93
CA THR A 110 16.60 -34.90 30.96
C THR A 110 15.65 -33.77 30.59
N GLY A 111 16.24 -32.67 30.15
CA GLY A 111 15.46 -31.46 30.00
C GLY A 111 14.65 -31.35 28.73
N LYS A 112 14.71 -32.35 27.85
CA LYS A 112 14.10 -32.23 26.54
C LYS A 112 12.58 -32.31 26.64
N PRO A 113 11.86 -31.43 25.95
CA PRO A 113 10.40 -31.41 26.07
C PRO A 113 9.75 -32.62 25.43
N ILE A 114 8.59 -32.99 25.95
CA ILE A 114 7.74 -33.94 25.25
C ILE A 114 7.11 -33.22 24.09
N GLU A 115 7.34 -33.73 22.88
CA GLU A 115 7.12 -32.95 21.67
C GLU A 115 5.67 -33.17 21.24
N TRP A 116 4.75 -32.42 21.87
CA TRP A 116 3.34 -32.56 21.56
C TRP A 116 3.03 -32.02 20.17
N VAL A 117 1.92 -32.47 19.61
CA VAL A 117 1.48 -32.10 18.27
C VAL A 117 0.29 -31.16 18.42
N LYS A 118 0.38 -30.01 17.76
CA LYS A 118 -0.68 -29.02 17.83
C LYS A 118 -1.91 -29.46 17.05
N VAL A 119 -3.06 -29.52 17.74
CA VAL A 119 -4.28 -29.95 17.10
C VAL A 119 -5.01 -28.79 16.46
N TYR A 120 -5.35 -27.78 17.25
CA TYR A 120 -5.92 -26.54 16.75
C TYR A 120 -4.76 -25.62 16.37
N ASP A 121 -4.69 -25.26 15.09
CA ASP A 121 -3.53 -24.55 14.55
C ASP A 121 -4.03 -23.34 13.75
N LEU A 122 -3.56 -22.16 14.12
CA LEU A 122 -3.81 -21.00 13.27
C LEU A 122 -2.55 -20.62 12.51
N PRO A 123 -2.71 -19.95 11.35
CA PRO A 123 -1.56 -19.54 10.53
C PRO A 123 -0.71 -18.37 10.97
N ASN A 124 -0.66 -18.08 12.27
CA ASN A 124 0.48 -17.43 12.93
C ASN A 124 0.58 -15.93 12.69
N PHE A 125 -0.30 -15.37 11.88
CA PHE A 125 -0.55 -13.93 11.84
C PHE A 125 -1.98 -13.57 12.19
N VAL A 126 -2.64 -14.45 12.92
CA VAL A 126 -4.04 -14.32 13.24
C VAL A 126 -4.26 -13.82 14.66
N TYR A 127 -3.34 -14.18 15.57
CA TYR A 127 -3.22 -13.61 16.92
C TYR A 127 -4.50 -13.78 17.73
N PHE A 128 -4.82 -15.05 17.99
CA PHE A 128 -5.87 -15.38 18.92
C PHE A 128 -5.49 -14.98 20.34
N ASN A 129 -6.46 -14.47 21.09
CA ASN A 129 -6.27 -14.18 22.51
C ASN A 129 -7.25 -15.03 23.31
N HIS A 130 -6.71 -15.82 24.25
CA HIS A 130 -7.54 -16.72 25.04
C HIS A 130 -8.20 -16.01 26.21
N SER A 131 -7.51 -15.05 26.82
CA SER A 131 -7.95 -14.41 28.05
C SER A 131 -9.21 -13.59 27.83
N ILE A 132 -9.27 -12.87 26.71
CA ILE A 132 -10.43 -12.06 26.42
C ILE A 132 -11.61 -12.92 26.00
N HIS A 133 -11.38 -14.13 25.53
CA HIS A 133 -12.51 -14.99 25.20
C HIS A 133 -13.12 -15.61 26.44
N VAL A 134 -12.28 -16.16 27.32
CA VAL A 134 -12.84 -16.74 28.52
C VAL A 134 -13.36 -15.64 29.46
N ASN A 135 -12.75 -14.46 29.45
CA ASN A 135 -13.18 -13.40 30.36
C ASN A 135 -14.49 -12.77 29.94
N LYS A 136 -14.80 -12.75 28.65
CA LYS A 136 -16.03 -12.15 28.15
C LYS A 136 -17.14 -13.17 27.98
N GLY A 137 -17.07 -14.30 28.67
CA GLY A 137 -18.18 -15.22 28.70
C GLY A 137 -18.26 -16.20 27.56
N ILE A 138 -17.15 -16.56 26.93
CA ILE A 138 -17.12 -17.62 25.94
C ILE A 138 -16.32 -18.77 26.52
N GLY A 139 -16.98 -19.87 26.78
CA GLY A 139 -16.29 -21.01 27.31
C GLY A 139 -15.78 -21.95 26.26
N CYS A 140 -14.81 -22.78 26.65
CA CYS A 140 -14.47 -23.96 25.88
C CYS A 140 -15.70 -24.86 25.77
N SER A 141 -15.72 -25.63 24.68
CA SER A 141 -16.80 -26.39 24.05
C SER A 141 -17.73 -25.53 23.22
N THR A 142 -17.50 -24.22 23.11
CA THR A 142 -18.01 -23.50 21.96
C THR A 142 -16.99 -23.43 20.85
N CYS A 143 -15.71 -23.57 21.18
CA CYS A 143 -14.61 -23.50 20.23
C CYS A 143 -13.79 -24.77 20.13
N HIS A 144 -13.86 -25.64 21.13
CA HIS A 144 -13.11 -26.89 21.16
C HIS A 144 -13.97 -28.12 21.22
N GLY A 145 -15.27 -27.98 21.44
CA GLY A 145 -16.12 -29.11 21.63
C GLY A 145 -15.93 -29.71 23.01
N GLN A 146 -16.65 -30.79 23.27
CA GLN A 146 -16.51 -31.51 24.52
C GLN A 146 -15.16 -32.21 24.57
N VAL A 147 -14.12 -31.48 24.97
CA VAL A 147 -12.80 -32.06 25.11
C VAL A 147 -12.77 -33.02 26.28
N ASN A 148 -13.64 -32.80 27.27
CA ASN A 148 -13.70 -33.65 28.46
C ASN A 148 -14.05 -35.10 28.15
N ASN A 149 -14.63 -35.38 26.98
CA ASN A 149 -14.92 -36.76 26.59
C ASN A 149 -13.96 -37.28 25.53
N MET A 150 -12.88 -36.57 25.23
CA MET A 150 -12.01 -36.93 24.10
C MET A 150 -10.88 -37.82 24.55
N PRO A 151 -10.79 -39.07 24.08
CA PRO A 151 -9.60 -39.88 24.41
C PRO A 151 -8.36 -39.40 23.68
N VAL A 152 -8.47 -39.11 22.39
CA VAL A 152 -7.50 -38.35 21.62
C VAL A 152 -8.24 -37.18 21.01
N VAL A 153 -7.64 -35.99 21.07
CA VAL A 153 -8.34 -34.77 20.71
C VAL A 153 -8.31 -34.57 19.20
N TRP A 154 -9.47 -34.33 18.62
CA TRP A 154 -9.59 -33.90 17.23
C TRP A 154 -9.96 -32.42 17.19
N GLN A 155 -9.66 -31.79 16.07
CA GLN A 155 -10.16 -30.45 15.79
C GLN A 155 -11.64 -30.55 15.49
N GLN A 156 -12.46 -29.79 16.21
CA GLN A 156 -13.91 -29.90 16.07
C GLN A 156 -14.39 -29.25 14.78
N GLN A 157 -13.82 -28.10 14.42
CA GLN A 157 -14.17 -27.42 13.19
C GLN A 157 -12.94 -26.70 12.69
N ALA A 158 -12.97 -26.35 11.41
CA ALA A 158 -11.85 -25.62 10.82
C ALA A 158 -11.88 -24.18 11.28
N LEU A 159 -10.74 -23.67 11.71
CA LEU A 159 -10.67 -22.29 12.21
C LEU A 159 -10.66 -21.37 11.01
N TYR A 160 -11.85 -20.98 10.57
CA TYR A 160 -12.02 -20.10 9.42
C TYR A 160 -12.17 -18.64 9.85
N MET A 161 -12.11 -17.73 8.87
CA MET A 161 -12.70 -16.42 9.08
C MET A 161 -14.21 -16.48 9.10
N GLY A 162 -14.81 -17.50 8.49
CA GLY A 162 -16.24 -17.67 8.59
C GLY A 162 -16.69 -17.91 10.01
N TRP A 163 -16.04 -18.83 10.71
CA TRP A 163 -16.42 -19.20 12.07
C TRP A 163 -16.10 -18.08 13.07
N CYS A 164 -14.88 -17.55 13.00
CA CYS A 164 -14.47 -16.46 13.87
C CYS A 164 -15.29 -15.20 13.62
N LEU A 165 -15.55 -14.88 12.35
CA LEU A 165 -16.40 -13.73 12.07
C LEU A 165 -17.86 -14.01 12.34
N ASN A 166 -18.26 -15.27 12.41
CA ASN A 166 -19.63 -15.59 12.79
C ASN A 166 -19.85 -15.27 14.26
N CYS A 167 -18.90 -15.60 15.13
CA CYS A 167 -19.05 -15.14 16.50
C CYS A 167 -18.72 -13.67 16.69
N HIS A 168 -17.91 -13.10 15.82
CA HIS A 168 -17.62 -11.68 15.93
C HIS A 168 -18.70 -10.82 15.29
N ARG A 169 -19.69 -11.44 14.64
CA ARG A 169 -20.86 -10.70 14.15
C ARG A 169 -22.12 -10.99 14.93
N ASN A 170 -22.29 -12.20 15.44
CA ASN A 170 -23.41 -12.56 16.32
C ASN A 170 -22.86 -13.21 17.57
N PRO A 171 -22.34 -12.41 18.53
CA PRO A 171 -21.83 -13.00 19.77
C PRO A 171 -22.92 -13.46 20.73
N GLU A 172 -24.18 -13.15 20.45
CA GLU A 172 -25.26 -13.53 21.35
C GLU A 172 -25.59 -15.01 21.28
N LEU A 173 -25.20 -15.70 20.21
CA LEU A 173 -25.57 -17.09 20.05
C LEU A 173 -24.71 -18.05 20.86
N TYR A 174 -23.55 -17.61 21.32
CA TYR A 174 -22.59 -18.51 21.94
C TYR A 174 -22.08 -18.02 23.28
N VAL A 175 -22.43 -16.81 23.70
CA VAL A 175 -21.95 -16.28 24.97
C VAL A 175 -22.69 -16.97 26.11
N ARG A 176 -22.04 -17.09 27.25
CA ARG A 176 -22.59 -17.83 28.38
C ARG A 176 -22.34 -17.05 29.65
N PRO A 177 -23.21 -17.20 30.69
CA PRO A 177 -23.10 -16.34 31.87
C PRO A 177 -21.89 -16.62 32.73
N ARG A 178 -20.74 -16.36 32.10
CA ARG A 178 -19.45 -16.62 32.69
C ARG A 178 -19.35 -18.12 32.77
N GLU A 179 -18.69 -18.65 33.77
CA GLU A 179 -18.46 -20.10 33.90
C GLU A 179 -17.79 -20.66 32.64
N GLU A 180 -16.80 -19.90 32.18
CA GLU A 180 -16.08 -20.18 30.96
C GLU A 180 -15.32 -21.50 31.06
N VAL A 181 -14.74 -21.78 32.22
CA VAL A 181 -13.84 -22.89 32.48
C VAL A 181 -14.57 -24.04 33.13
N TYR A 182 -15.88 -23.94 33.26
CA TYR A 182 -16.69 -25.04 33.73
C TYR A 182 -16.60 -26.19 32.74
N ASN A 183 -16.69 -27.41 33.29
CA ASN A 183 -16.67 -28.65 32.52
C ASN A 183 -17.76 -28.65 31.46
N MET A 184 -17.58 -29.48 30.44
CA MET A 184 -18.56 -29.56 29.36
C MET A 184 -19.77 -30.42 29.75
N ASP A 185 -20.41 -30.01 30.84
CA ASP A 185 -21.76 -30.37 31.19
C ASP A 185 -22.72 -29.22 30.91
N TYR A 186 -22.20 -28.08 30.45
CA TYR A 186 -23.04 -26.93 30.16
C TYR A 186 -23.82 -27.15 28.87
N VAL A 187 -25.07 -26.71 28.87
CA VAL A 187 -25.90 -26.74 27.66
C VAL A 187 -26.44 -25.34 27.40
N PRO A 188 -26.43 -24.86 26.17
CA PRO A 188 -27.02 -23.57 25.87
C PRO A 188 -28.54 -23.62 25.98
N PRO A 189 -29.15 -22.68 26.68
CA PRO A 189 -30.59 -22.75 26.95
C PRO A 189 -31.40 -22.35 25.72
N SER A 190 -32.73 -22.43 25.86
CA SER A 190 -33.62 -22.11 24.75
C SER A 190 -33.63 -20.62 24.47
N ASN A 191 -33.54 -19.80 25.51
CA ASN A 191 -33.56 -18.34 25.35
C ASN A 191 -32.15 -17.81 25.12
N GLN A 192 -31.48 -18.41 24.14
CA GLN A 192 -30.11 -18.02 23.81
C GLN A 192 -30.05 -16.64 23.18
N LEU A 193 -31.08 -16.25 22.41
CA LEU A 193 -31.15 -14.89 21.90
C LEU A 193 -31.32 -13.89 23.04
N GLU A 194 -32.24 -14.17 23.96
CA GLU A 194 -32.51 -13.25 25.08
C GLU A 194 -31.32 -13.18 26.04
N ILE A 195 -30.90 -14.32 26.59
CA ILE A 195 -29.78 -14.34 27.54
C ILE A 195 -28.48 -13.94 26.85
N GLY A 196 -28.37 -14.18 25.53
CA GLY A 196 -27.21 -13.73 24.79
C GLY A 196 -27.16 -12.22 24.64
N ARG A 197 -28.30 -11.59 24.37
CA ARG A 197 -28.32 -10.13 24.27
C ARG A 197 -28.06 -9.48 25.62
N GLN A 198 -28.61 -10.04 26.70
CA GLN A 198 -28.32 -9.50 28.03
C GLN A 198 -26.86 -9.67 28.41
N LEU A 199 -26.25 -10.82 28.08
CA LEU A 199 -24.85 -11.00 28.41
C LEU A 199 -23.92 -10.20 27.50
N VAL A 200 -24.32 -9.95 26.25
CA VAL A 200 -23.56 -9.07 25.36
C VAL A 200 -23.57 -7.65 25.91
N ALA A 201 -24.73 -7.16 26.34
CA ALA A 201 -24.79 -5.81 26.89
C ALA A 201 -24.17 -5.74 28.28
N GLU A 202 -24.09 -6.86 28.98
CA GLU A 202 -23.57 -6.87 30.34
C GLU A 202 -22.05 -6.98 30.38
N TYR A 203 -21.46 -7.74 29.45
CA TYR A 203 -20.02 -7.91 29.44
C TYR A 203 -19.30 -6.82 28.66
N GLY A 204 -20.03 -5.94 27.99
CA GLY A 204 -19.37 -4.94 27.18
C GLY A 204 -18.84 -5.49 25.87
N ILE A 205 -19.51 -6.48 25.32
CA ILE A 205 -19.16 -7.00 24.00
C ILE A 205 -19.49 -5.95 22.95
N MET A 206 -18.48 -5.55 22.19
CA MET A 206 -18.55 -4.37 21.36
C MET A 206 -19.34 -4.65 20.07
N PRO A 207 -19.79 -3.61 19.38
CA PRO A 207 -20.51 -3.81 18.12
C PRO A 207 -19.67 -4.52 17.09
N PRO A 208 -20.30 -5.24 16.15
CA PRO A 208 -19.53 -5.98 15.15
C PRO A 208 -18.77 -5.13 14.15
N ASP A 209 -18.95 -3.82 14.18
CA ASP A 209 -18.20 -2.93 13.32
C ASP A 209 -16.83 -2.76 13.88
N GLN A 210 -16.67 -3.01 15.17
CA GLN A 210 -15.35 -3.01 15.78
C GLN A 210 -14.69 -4.37 15.83
N LEU A 211 -15.46 -5.44 15.93
CA LEU A 211 -14.85 -6.75 16.11
C LEU A 211 -14.58 -7.43 14.83
N THR A 212 -15.04 -6.87 13.71
CA THR A 212 -14.66 -7.46 12.43
C THR A 212 -13.57 -6.67 11.75
N ASN A 213 -12.94 -5.74 12.46
CA ASN A 213 -11.84 -4.97 11.91
C ASN A 213 -10.66 -5.90 11.69
N CYS A 214 -9.83 -5.57 10.71
CA CYS A 214 -8.72 -6.45 10.38
C CYS A 214 -7.65 -6.47 11.46
N TYR A 215 -7.39 -5.33 12.08
CA TYR A 215 -6.36 -5.28 13.11
C TYR A 215 -6.87 -5.72 14.46
N VAL A 216 -8.13 -6.15 14.53
CA VAL A 216 -8.58 -6.99 15.63
C VAL A 216 -7.74 -8.25 15.68
N CYS A 217 -7.86 -9.11 14.66
CA CYS A 217 -7.05 -10.34 14.65
C CYS A 217 -5.70 -10.20 13.95
N HIS A 218 -5.66 -9.86 12.67
CA HIS A 218 -4.40 -9.88 11.94
C HIS A 218 -3.56 -8.66 12.29
N ARG A 219 -2.25 -8.85 12.43
CA ARG A 219 -1.36 -7.77 12.85
C ARG A 219 0.05 -7.90 12.26
N CYS B 76 -2.31 -33.67 0.29
CA CYS B 76 -1.70 -32.43 0.74
C CYS B 76 -2.54 -31.82 1.86
N THR B 77 -1.89 -31.20 2.84
CA THR B 77 -2.54 -30.76 4.05
C THR B 77 -2.29 -29.25 4.18
N TYR B 78 -3.21 -28.54 4.86
CA TYR B 78 -3.24 -27.08 4.89
C TYR B 78 -1.97 -26.49 5.51
N GLN B 79 -1.47 -27.10 6.58
CA GLN B 79 -0.22 -26.71 7.23
C GLN B 79 0.56 -27.96 7.56
N PRO B 80 1.88 -27.85 7.79
CA PRO B 80 2.60 -28.96 8.43
C PRO B 80 2.20 -29.17 9.89
N ARG B 81 2.68 -30.25 10.50
CA ARG B 81 2.20 -30.63 11.85
C ARG B 81 2.37 -29.68 13.02
N GLN B 82 3.43 -28.92 13.02
CA GLN B 82 3.67 -27.92 14.06
C GLN B 82 3.76 -28.56 15.45
N TYR B 83 4.88 -29.25 15.66
CA TYR B 83 5.22 -29.71 17.00
C TYR B 83 5.36 -28.52 17.94
N ILE B 84 5.06 -28.72 19.22
CA ILE B 84 5.02 -27.63 20.18
C ILE B 84 5.61 -28.10 21.52
N ALA B 85 6.59 -27.35 22.03
CA ALA B 85 7.46 -27.83 23.10
C ALA B 85 7.19 -27.13 24.43
N PRO B 86 6.64 -27.82 25.43
CA PRO B 86 6.49 -27.22 26.77
C PRO B 86 7.76 -27.33 27.58
N PHE B 87 7.68 -27.02 28.87
CA PHE B 87 8.86 -26.97 29.71
C PHE B 87 9.10 -28.28 30.43
N ASP B 88 10.22 -28.36 31.11
CA ASP B 88 10.51 -29.51 31.92
C ASP B 88 10.33 -29.09 33.35
N ARG B 89 10.80 -27.90 33.71
CA ARG B 89 10.40 -27.19 34.91
C ARG B 89 10.00 -25.80 34.44
N GLN B 90 8.81 -25.37 34.83
CA GLN B 90 8.30 -24.09 34.37
C GLN B 90 9.09 -22.93 34.97
N PRO B 91 9.24 -21.84 34.22
CA PRO B 91 9.72 -20.59 34.83
C PRO B 91 8.72 -20.10 35.86
N GLU B 92 9.25 -19.53 36.93
CA GLU B 92 8.48 -19.39 38.16
C GLU B 92 7.46 -18.25 38.07
N GLY B 93 7.93 -17.03 37.88
CA GLY B 93 7.09 -15.86 38.03
C GLY B 93 6.39 -15.36 36.78
N ARG B 94 6.44 -16.09 35.68
CA ARG B 94 5.87 -15.60 34.44
C ARG B 94 4.76 -16.51 33.95
N VAL B 95 3.72 -15.89 33.40
CA VAL B 95 2.63 -16.58 32.72
C VAL B 95 3.04 -16.66 31.25
N PRO B 96 3.04 -17.83 30.62
CA PRO B 96 3.55 -17.92 29.24
C PRO B 96 2.63 -17.24 28.24
N GLY B 97 3.24 -16.48 27.35
CA GLY B 97 2.51 -15.63 26.44
C GLY B 97 2.41 -14.18 26.84
N ILE B 98 2.98 -13.80 27.97
CA ILE B 98 2.99 -12.41 28.43
C ILE B 98 4.42 -11.93 28.51
N PRO B 99 4.78 -10.86 27.79
CA PRO B 99 6.12 -10.30 27.93
C PRO B 99 6.38 -9.73 29.32
N GLN B 100 7.61 -9.89 29.77
CA GLN B 100 8.08 -9.38 31.05
C GLN B 100 9.10 -8.29 30.78
N TYR B 101 9.14 -7.27 31.63
CA TYR B 101 10.06 -6.17 31.47
C TYR B 101 11.09 -6.20 32.59
N PHE B 102 12.37 -6.19 32.22
CA PHE B 102 13.47 -6.24 33.16
C PHE B 102 14.31 -4.98 33.04
N ALA B 103 14.83 -4.51 34.16
CA ALA B 103 15.68 -3.33 34.17
C ALA B 103 17.15 -3.74 34.06
N SER B 104 17.87 -3.09 33.16
CA SER B 104 19.28 -3.36 32.96
C SER B 104 19.99 -2.03 32.75
N THR B 105 21.23 -2.10 32.26
CA THR B 105 22.01 -0.91 31.94
C THR B 105 22.85 -1.19 30.70
N LEU B 106 22.85 -0.24 29.76
CA LEU B 106 23.61 -0.35 28.52
C LEU B 106 24.54 0.85 28.40
N THR B 107 25.81 0.59 28.12
CA THR B 107 26.85 1.62 28.16
C THR B 107 27.29 1.97 26.74
N LEU B 108 27.27 3.26 26.42
CA LEU B 108 27.79 3.71 25.13
C LEU B 108 29.31 3.84 25.17
N GLY B 109 29.82 4.76 26.01
CA GLY B 109 31.24 4.93 26.19
C GLY B 109 31.62 4.65 27.63
N GLY B 110 31.05 3.59 28.18
CA GLY B 110 31.12 3.30 29.59
C GLY B 110 29.96 3.88 30.38
N TYR B 111 29.49 5.06 30.00
CA TYR B 111 28.40 5.72 30.70
C TYR B 111 27.09 5.02 30.38
N GLY B 112 26.52 4.35 31.38
CA GLY B 112 25.39 3.48 31.16
C GLY B 112 24.06 4.18 31.33
N THR B 113 23.13 3.88 30.43
CA THR B 113 21.78 4.42 30.49
C THR B 113 20.83 3.29 30.88
N GLY B 114 19.87 3.61 31.75
CA GLY B 114 18.99 2.58 32.29
C GLY B 114 17.95 2.20 31.27
N VAL B 115 17.85 0.91 31.00
CA VAL B 115 16.95 0.42 29.96
C VAL B 115 15.96 -0.56 30.58
N LEU B 116 14.75 -0.57 30.03
CA LEU B 116 13.81 -1.65 30.21
C LEU B 116 13.92 -2.54 28.98
N VAL B 117 14.23 -3.80 29.18
CA VAL B 117 14.36 -4.74 28.07
C VAL B 117 13.21 -5.73 28.16
N ARG B 118 12.45 -5.85 27.08
CA ARG B 118 11.33 -6.78 27.06
C ARG B 118 11.84 -8.21 26.98
N SER B 119 11.34 -9.05 27.88
CA SER B 119 11.64 -10.47 27.89
C SER B 119 10.43 -11.18 27.33
N ASN B 120 10.56 -11.74 26.12
CA ASN B 120 9.39 -12.29 25.46
C ASN B 120 9.02 -13.65 26.02
N GLU B 121 9.92 -14.62 25.90
CA GLU B 121 9.80 -15.92 26.57
C GLU B 121 11.13 -16.24 27.24
N GLY B 122 11.66 -15.27 27.96
CA GLY B 122 12.97 -15.41 28.56
C GLY B 122 14.11 -15.01 27.66
N ARG B 123 13.85 -14.28 26.59
CA ARG B 123 14.90 -13.74 25.74
C ARG B 123 14.67 -12.26 25.52
N PRO B 124 15.73 -11.47 25.39
CA PRO B 124 15.54 -10.03 25.12
C PRO B 124 15.00 -9.81 23.72
N THR B 125 14.00 -8.96 23.61
CA THR B 125 13.44 -8.67 22.30
C THR B 125 13.44 -7.18 21.97
N LYS B 126 13.08 -6.32 22.90
CA LYS B 126 12.96 -4.90 22.63
C LYS B 126 13.53 -4.13 23.81
N VAL B 127 14.36 -3.14 23.53
CA VAL B 127 14.91 -2.27 24.56
C VAL B 127 14.09 -0.99 24.60
N GLU B 128 13.49 -0.73 25.76
CA GLU B 128 12.82 0.53 26.02
C GLU B 128 13.65 1.33 27.01
N GLY B 129 13.15 2.50 27.39
CA GLY B 129 13.83 3.27 28.41
C GLY B 129 13.26 2.95 29.79
N ASN B 130 14.16 2.81 30.76
CA ASN B 130 13.76 2.66 32.14
C ASN B 130 13.40 4.03 32.66
N PRO B 131 12.13 4.28 33.03
CA PRO B 131 11.70 5.65 33.36
C PRO B 131 12.26 6.19 34.66
N ARG B 132 12.85 5.36 35.51
CA ARG B 132 13.41 5.83 36.76
C ARG B 132 14.86 6.27 36.64
N HIS B 133 15.46 6.06 35.56
CA HIS B 133 16.90 6.27 35.52
C HIS B 133 17.24 7.70 35.08
N PRO B 134 18.35 8.24 35.54
CA PRO B 134 18.97 9.36 34.82
C PRO B 134 19.56 8.88 33.51
N ALA B 135 19.62 9.79 32.54
CA ALA B 135 19.95 9.58 31.14
C ALA B 135 18.98 8.65 30.43
N SER B 136 17.83 8.35 31.04
CA SER B 136 16.70 7.75 30.36
C SER B 136 15.46 8.22 31.11
N LEU B 137 14.91 9.34 30.69
CA LEU B 137 13.66 9.81 31.28
C LEU B 137 12.48 9.34 30.45
N GLY B 138 12.43 8.03 30.21
CA GLY B 138 11.47 7.41 29.35
C GLY B 138 12.08 6.86 28.07
N GLY B 139 12.97 7.61 27.44
CA GLY B 139 13.52 7.26 26.14
C GLY B 139 14.97 6.85 26.24
N THR B 140 15.50 6.37 25.11
CA THR B 140 16.88 5.94 25.01
C THR B 140 17.43 6.38 23.66
N ASP B 141 18.75 6.31 23.53
CA ASP B 141 19.36 6.60 22.24
C ASP B 141 19.31 5.36 21.35
N LEU B 142 19.86 5.49 20.14
CA LEU B 142 19.67 4.48 19.12
C LEU B 142 20.54 3.25 19.34
N PHE B 143 21.70 3.42 19.99
CA PHE B 143 22.58 2.29 20.22
C PHE B 143 22.01 1.34 21.26
N ALA B 144 21.35 1.90 22.28
CA ALA B 144 20.59 1.09 23.22
C ALA B 144 19.47 0.36 22.52
N GLN B 145 18.84 1.00 21.52
CA GLN B 145 17.73 0.36 20.83
C GLN B 145 18.20 -0.73 19.87
N ALA B 146 19.41 -0.63 19.35
CA ALA B 146 19.95 -1.64 18.45
C ALA B 146 20.87 -2.62 19.15
N GLU B 147 20.97 -2.53 20.48
CA GLU B 147 21.65 -3.57 21.25
C GLU B 147 20.98 -4.94 21.12
N ILE B 148 19.71 -5.00 20.72
CA ILE B 148 19.06 -6.29 20.45
C ILE B 148 19.72 -6.97 19.26
N LEU B 149 19.87 -6.26 18.15
CA LEU B 149 20.50 -6.85 16.99
C LEU B 149 22.01 -6.98 17.15
N THR B 150 22.61 -6.19 18.03
CA THR B 150 24.00 -6.47 18.43
C THR B 150 24.07 -7.78 19.20
N MET B 151 23.10 -8.04 20.07
CA MET B 151 23.08 -9.25 20.87
C MET B 151 22.85 -10.49 20.01
N TYR B 152 21.93 -10.39 19.05
CA TYR B 152 21.60 -11.53 18.19
C TYR B 152 22.38 -11.51 16.89
N ASP B 153 23.55 -10.91 16.88
CA ASP B 153 24.43 -11.02 15.73
C ASP B 153 24.90 -12.47 15.60
N PRO B 154 24.80 -13.07 14.42
CA PRO B 154 25.29 -14.45 14.25
C PRO B 154 26.80 -14.57 14.28
N ASP B 155 27.52 -13.46 14.20
CA ASP B 155 28.98 -13.45 14.18
C ASP B 155 29.55 -13.08 15.54
N ARG B 156 28.71 -13.08 16.57
CA ARG B 156 29.20 -12.97 17.95
C ARG B 156 30.06 -14.17 18.26
N SER B 157 31.16 -13.93 18.97
CA SER B 157 32.18 -14.96 19.16
C SER B 157 31.67 -16.08 20.04
N THR B 158 31.92 -17.31 19.62
CA THR B 158 31.25 -18.47 20.19
C THR B 158 32.10 -19.24 21.18
N THR B 159 33.42 -19.22 21.03
CA THR B 159 34.30 -20.07 21.81
C THR B 159 35.56 -19.32 22.18
N VAL B 160 36.26 -19.86 23.19
CA VAL B 160 37.62 -19.41 23.49
C VAL B 160 38.54 -19.86 22.36
N LEU B 161 39.29 -18.93 21.80
CA LEU B 161 40.25 -19.22 20.74
C LEU B 161 41.66 -18.97 21.26
N ARG B 162 42.50 -20.00 21.20
CA ARG B 162 43.88 -19.84 21.66
C ARG B 162 44.71 -19.05 20.65
N GLN B 163 44.87 -19.58 19.44
CA GLN B 163 45.52 -18.86 18.35
C GLN B 163 44.60 -18.79 17.13
N GLY B 164 43.30 -18.74 17.36
CA GLY B 164 42.32 -18.92 16.31
C GLY B 164 41.72 -20.31 16.27
N VAL B 165 42.39 -21.30 16.87
CA VAL B 165 41.88 -22.64 17.05
C VAL B 165 41.05 -22.63 18.32
N PRO B 166 39.85 -23.24 18.33
CA PRO B 166 39.01 -23.24 19.53
C PRO B 166 39.64 -23.94 20.72
N SER B 167 39.35 -23.42 21.91
CA SER B 167 39.81 -23.98 23.17
C SER B 167 38.71 -23.80 24.20
N THR B 168 39.01 -24.15 25.45
CA THR B 168 38.03 -24.09 26.52
C THR B 168 38.48 -23.09 27.58
N TRP B 169 37.58 -22.85 28.55
CA TRP B 169 37.90 -21.95 29.66
C TRP B 169 38.96 -22.56 30.58
N ALA B 170 38.99 -23.88 30.70
CA ALA B 170 39.95 -24.54 31.60
C ALA B 170 41.37 -24.41 31.09
N GLU B 171 41.57 -24.60 29.78
CA GLU B 171 42.87 -24.39 29.14
C GLU B 171 43.33 -22.95 29.32
N PHE B 172 42.40 -22.01 29.15
CA PHE B 172 42.68 -20.59 29.34
C PHE B 172 43.12 -20.30 30.77
N THR B 173 42.41 -20.85 31.76
CA THR B 173 42.72 -20.52 33.13
C THR B 173 44.01 -21.19 33.60
N THR B 174 44.33 -22.38 33.10
CA THR B 174 45.62 -22.99 33.41
C THR B 174 46.77 -22.16 32.84
N THR B 175 46.61 -21.67 31.60
CA THR B 175 47.65 -20.81 31.03
C THR B 175 47.72 -19.45 31.73
N LEU B 176 46.57 -18.94 32.19
CA LEU B 176 46.55 -17.65 32.88
C LEU B 176 47.20 -17.77 34.25
N GLY B 177 47.00 -18.90 34.92
CA GLY B 177 47.72 -19.15 36.16
C GLY B 177 49.22 -19.29 35.95
N ASN B 178 49.62 -19.91 34.82
CA ASN B 178 51.04 -19.99 34.50
C ASN B 178 51.64 -18.60 34.25
N ALA B 179 50.91 -17.76 33.51
CA ALA B 179 51.36 -16.39 33.27
C ALA B 179 51.33 -15.55 34.54
N LEU B 180 50.45 -15.90 35.46
CA LEU B 180 50.35 -15.16 36.70
C LEU B 180 51.53 -15.50 37.58
N THR B 181 51.78 -16.78 37.77
CA THR B 181 52.93 -17.14 38.58
C THR B 181 54.24 -16.78 37.90
N ALA B 182 54.23 -16.50 36.60
CA ALA B 182 55.43 -15.98 35.95
C ALA B 182 55.75 -14.56 36.39
N ALA B 183 54.74 -13.78 36.76
CA ALA B 183 54.94 -12.38 37.10
C ALA B 183 54.68 -12.06 38.57
N ARG B 184 54.46 -13.06 39.41
CA ARG B 184 54.31 -12.79 40.83
C ARG B 184 55.68 -12.87 41.51
N ALA B 185 56.65 -13.56 40.89
CA ALA B 185 58.01 -13.54 41.43
C ALA B 185 58.57 -12.12 41.46
N THR B 186 58.35 -11.35 40.40
CA THR B 186 58.53 -9.91 40.47
C THR B 186 57.25 -9.26 40.99
N GLN B 187 57.29 -7.95 41.20
CA GLN B 187 56.09 -7.28 41.68
C GLN B 187 55.05 -7.04 40.59
N GLY B 188 55.37 -7.33 39.32
CA GLY B 188 54.36 -7.22 38.28
C GLY B 188 54.67 -6.22 37.18
N ALA B 189 55.95 -6.09 36.84
CA ALA B 189 56.37 -5.06 35.90
C ALA B 189 55.94 -5.36 34.46
N GLY B 190 55.59 -6.60 34.15
CA GLY B 190 55.26 -6.96 32.79
C GLY B 190 53.76 -7.00 32.50
N VAL B 191 52.95 -7.23 33.52
CA VAL B 191 51.52 -7.38 33.32
C VAL B 191 50.87 -6.02 33.14
N ARG B 192 50.13 -5.86 32.05
CA ARG B 192 49.47 -4.61 31.72
C ARG B 192 48.04 -4.87 31.30
N LEU B 193 47.20 -3.87 31.46
CA LEU B 193 45.80 -3.96 31.07
C LEU B 193 45.50 -2.94 29.98
N LEU B 194 44.31 -3.08 29.39
CA LEU B 194 43.78 -2.09 28.46
C LEU B 194 42.27 -2.25 28.52
N THR B 195 41.58 -1.25 29.03
CA THR B 195 40.13 -1.28 29.03
C THR B 195 39.59 -0.09 28.24
N THR B 196 38.28 -0.01 28.20
CA THR B 196 37.61 1.24 27.85
C THR B 196 37.41 2.02 29.16
N THR B 197 36.63 3.09 29.13
CA THR B 197 36.28 3.75 30.38
C THR B 197 35.35 2.87 31.18
N ILE B 198 35.78 2.47 32.36
CA ILE B 198 35.03 1.58 33.23
C ILE B 198 34.32 2.45 34.25
N THR B 199 33.01 2.60 34.11
CA THR B 199 32.16 3.16 35.14
C THR B 199 31.43 2.07 35.91
N SER B 200 32.09 0.93 36.10
CA SER B 200 31.53 -0.20 36.82
C SER B 200 32.28 -0.32 38.14
N PRO B 201 31.67 0.08 39.27
CA PRO B 201 32.37 -0.02 40.57
C PRO B 201 32.75 -1.43 40.97
N SER B 202 32.01 -2.45 40.50
CA SER B 202 32.45 -3.83 40.67
C SER B 202 33.77 -4.07 39.93
N LEU B 203 33.81 -3.67 38.65
CA LEU B 203 35.00 -3.87 37.85
C LEU B 203 36.14 -2.95 38.27
N ALA B 204 35.82 -1.72 38.64
CA ALA B 204 36.85 -0.80 39.15
C ALA B 204 37.42 -1.29 40.47
N ALA B 205 36.57 -1.88 41.31
CA ALA B 205 37.06 -2.52 42.52
C ALA B 205 37.99 -3.68 42.21
N GLN B 206 37.60 -4.53 41.25
CA GLN B 206 38.38 -5.73 40.93
C GLN B 206 39.72 -5.38 40.33
N ILE B 207 39.77 -4.39 39.43
CA ILE B 207 41.06 -3.94 38.91
C ILE B 207 41.88 -3.25 40.00
N GLU B 208 41.24 -2.66 41.01
CA GLU B 208 42.01 -2.07 42.09
C GLU B 208 42.66 -3.14 42.96
N GLN B 209 41.95 -4.25 43.23
CA GLN B 209 42.61 -5.36 43.92
C GLN B 209 43.68 -6.02 43.06
N PHE B 210 43.50 -6.04 41.74
CA PHE B 210 44.56 -6.58 40.88
C PHE B 210 45.81 -5.70 40.91
N LEU B 211 45.64 -4.38 40.86
CA LEU B 211 46.78 -3.48 41.02
C LEU B 211 47.35 -3.51 42.42
N GLN B 212 46.54 -3.91 43.41
CA GLN B 212 47.06 -4.15 44.75
C GLN B 212 47.97 -5.38 44.77
N ALA B 213 47.54 -6.46 44.10
CA ALA B 213 48.37 -7.68 44.08
C ALA B 213 49.57 -7.53 43.14
N TYR B 214 49.48 -6.64 42.16
CA TYR B 214 50.58 -6.37 41.24
C TYR B 214 50.83 -4.88 41.23
N PRO B 215 51.70 -4.38 42.14
CA PRO B 215 51.86 -2.92 42.27
C PRO B 215 52.49 -2.23 41.06
N GLN B 216 53.28 -2.92 40.24
CA GLN B 216 53.82 -2.28 39.06
C GLN B 216 52.88 -2.37 37.85
N ALA B 217 51.82 -3.16 37.93
CA ALA B 217 50.85 -3.23 36.83
C ALA B 217 50.04 -1.94 36.75
N ARG B 218 49.66 -1.57 35.53
CA ARG B 218 48.91 -0.34 35.28
C ARG B 218 47.62 -0.66 34.54
N TRP B 219 46.70 0.30 34.57
CA TRP B 219 45.36 0.10 34.00
C TRP B 219 45.32 0.42 32.51
N TYR B 220 45.64 1.66 32.14
CA TYR B 220 45.70 2.12 30.74
C TYR B 220 44.37 1.95 30.01
N GLN B 221 43.37 2.71 30.42
CA GLN B 221 42.08 2.68 29.73
C GLN B 221 42.11 3.53 28.46
N TYR B 222 41.32 3.11 27.46
CA TYR B 222 41.20 3.86 26.22
C TYR B 222 39.91 3.49 25.48
N GLU B 223 39.24 4.49 24.94
CA GLU B 223 38.31 4.35 23.83
C GLU B 223 38.62 5.44 22.82
N PRO B 224 38.27 5.25 21.54
CA PRO B 224 38.46 6.35 20.58
C PRO B 224 37.50 7.50 20.78
N ILE B 225 36.24 7.24 21.13
CA ILE B 225 35.33 8.31 21.50
C ILE B 225 35.37 8.44 23.00
N ASN B 226 36.34 9.18 23.48
CA ASN B 226 36.77 9.30 24.86
C ASN B 226 36.21 10.58 25.47
N ARG B 227 36.68 10.93 26.67
CA ARG B 227 36.34 12.20 27.32
C ARG B 227 37.60 12.82 27.92
N ASP B 228 38.66 12.91 27.11
CA ASP B 228 39.92 13.41 27.65
C ASP B 228 39.94 14.92 27.83
N ASN B 229 39.27 15.66 26.96
CA ASN B 229 39.44 17.09 27.05
C ASN B 229 38.54 17.71 28.11
N VAL B 230 37.41 17.07 28.44
CA VAL B 230 36.59 17.57 29.55
C VAL B 230 37.32 17.35 30.88
N VAL B 231 38.09 16.26 30.98
CA VAL B 231 38.77 16.00 32.25
C VAL B 231 40.10 16.75 32.31
N ALA B 232 40.72 17.03 31.15
CA ALA B 232 41.90 17.87 31.15
C ALA B 232 41.54 19.34 31.35
N GLY B 233 40.37 19.76 30.89
CA GLY B 233 39.86 21.07 31.25
C GLY B 233 39.51 21.18 32.71
N ALA B 234 39.01 20.09 33.31
CA ALA B 234 38.85 20.06 34.75
C ALA B 234 40.18 20.16 35.48
N ARG B 235 41.21 19.46 34.98
CA ARG B 235 42.53 19.52 35.59
C ARG B 235 43.14 20.91 35.49
N LEU B 236 42.96 21.57 34.35
CA LEU B 236 43.48 22.93 34.19
C LEU B 236 42.69 23.92 35.04
N ALA B 237 41.35 23.79 35.05
CA ALA B 237 40.50 24.76 35.72
C ALA B 237 40.53 24.62 37.23
N PHE B 238 40.48 23.41 37.75
CA PHE B 238 40.29 23.21 39.18
C PHE B 238 41.42 22.46 39.87
N GLY B 239 42.32 21.82 39.13
CA GLY B 239 43.32 21.01 39.77
C GLY B 239 42.78 19.74 40.38
N ARG B 240 41.65 19.24 39.87
CA ARG B 240 40.99 18.06 40.39
C ARG B 240 40.05 17.56 39.30
N ASP B 241 40.01 16.24 39.11
CA ASP B 241 39.13 15.62 38.14
C ASP B 241 37.68 15.81 38.56
N VAL B 242 36.95 16.65 37.83
CA VAL B 242 35.53 16.86 38.10
C VAL B 242 34.76 16.58 36.82
N THR B 243 33.47 16.32 36.99
CA THR B 243 32.54 16.26 35.87
C THR B 243 31.59 17.44 35.94
N THR B 244 30.98 17.76 34.81
CA THR B 244 30.02 18.83 34.71
C THR B 244 28.68 18.25 34.29
N ARG B 245 27.66 18.46 35.10
CA ARG B 245 26.30 18.05 34.76
C ARG B 245 25.47 19.31 34.55
N TYR B 246 24.91 19.46 33.36
CA TYR B 246 24.19 20.65 32.97
C TYR B 246 22.70 20.43 33.16
N ASP B 247 22.09 21.22 34.03
CA ASP B 247 20.63 21.23 34.13
C ASP B 247 20.11 22.17 33.06
N LEU B 248 19.63 21.61 31.96
CA LEU B 248 19.17 22.40 30.83
C LEU B 248 17.70 22.78 30.93
N SER B 249 17.00 22.31 31.96
CA SER B 249 15.62 22.73 32.18
C SER B 249 15.53 24.12 32.82
N ALA B 250 16.62 24.62 33.38
CA ALA B 250 16.67 25.96 33.95
C ALA B 250 17.63 26.85 33.19
N ALA B 251 17.62 26.75 31.86
CA ALA B 251 18.52 27.49 31.00
C ALA B 251 17.72 28.32 30.01
N GLN B 252 18.18 29.54 29.75
CA GLN B 252 17.57 30.37 28.72
C GLN B 252 18.45 30.50 27.48
N VAL B 253 19.75 30.74 27.65
CA VAL B 253 20.69 30.86 26.53
C VAL B 253 21.74 29.77 26.67
N VAL B 254 21.52 28.64 25.99
CA VAL B 254 22.50 27.56 25.93
C VAL B 254 23.45 27.86 24.79
N VAL B 255 24.75 27.87 25.09
CA VAL B 255 25.78 28.16 24.10
C VAL B 255 26.66 26.92 23.97
N SER B 256 26.79 26.40 22.75
CA SER B 256 27.46 25.14 22.48
C SER B 256 28.65 25.37 21.56
N LEU B 257 29.80 25.67 22.14
CA LEU B 257 31.03 25.82 21.36
C LEU B 257 31.48 24.41 20.98
N ASP B 258 31.01 23.95 19.82
CA ASP B 258 31.35 22.64 19.24
C ASP B 258 30.98 21.50 20.18
N ALA B 259 29.78 21.58 20.74
CA ALA B 259 29.28 20.58 21.68
C ALA B 259 28.13 19.83 21.06
N ASP B 260 28.00 18.57 21.44
CA ASP B 260 27.06 17.64 20.83
C ASP B 260 26.21 16.98 21.90
N PHE B 261 25.68 17.78 22.82
CA PHE B 261 24.80 17.27 23.86
C PHE B 261 23.46 16.82 23.31
N LEU B 262 23.07 17.30 22.15
CA LEU B 262 21.89 16.79 21.45
C LEU B 262 22.25 15.65 20.49
N ALA B 263 23.50 15.21 20.49
CA ALA B 263 23.92 13.99 19.82
C ALA B 263 24.17 12.93 20.88
N PRO B 264 24.09 11.64 20.53
CA PRO B 264 24.32 10.58 21.53
C PRO B 264 25.70 10.60 22.16
N GLY B 265 25.75 10.29 23.45
CA GLY B 265 26.92 10.44 24.26
C GLY B 265 26.55 10.45 25.73
N PRO B 266 27.36 11.13 26.55
CA PRO B 266 27.11 11.14 27.99
C PRO B 266 25.93 12.03 28.35
N GLY B 267 24.88 11.41 28.89
CA GLY B 267 23.70 12.15 29.30
C GLY B 267 22.93 12.78 28.17
N PHE B 268 22.97 12.18 26.98
CA PHE B 268 22.29 12.74 25.82
C PHE B 268 20.78 12.76 26.00
N VAL B 269 20.22 11.70 26.57
CA VAL B 269 18.76 11.60 26.65
C VAL B 269 18.22 12.60 27.68
N ALA B 270 18.89 12.75 28.81
CA ALA B 270 18.45 13.71 29.82
C ALA B 270 18.63 15.14 29.35
N TYR B 271 19.76 15.45 28.70
CA TYR B 271 19.99 16.79 28.16
C TYR B 271 19.00 17.11 27.05
N ALA B 272 18.71 16.12 26.20
CA ALA B 272 17.73 16.30 25.13
C ALA B 272 16.33 16.49 25.69
N ARG B 273 15.99 15.75 26.74
CA ARG B 273 14.68 15.89 27.37
C ARG B 273 14.51 17.25 28.02
N ALA B 274 15.55 17.72 28.72
CA ALA B 274 15.47 19.04 29.37
C ALA B 274 15.42 20.15 28.33
N PHE B 275 16.25 20.06 27.29
CA PHE B 275 16.27 21.04 26.22
C PHE B 275 14.93 21.10 25.49
N ALA B 276 14.35 19.94 25.18
CA ALA B 276 13.11 19.95 24.42
C ALA B 276 11.90 20.26 25.26
N GLU B 277 11.92 19.93 26.56
CA GLU B 277 10.86 20.40 27.45
C GLU B 277 10.91 21.90 27.61
N ARG B 278 12.02 22.53 27.29
CA ARG B 278 12.01 24.00 27.29
C ARG B 278 11.74 24.45 25.87
N ARG B 279 11.82 23.51 24.93
CA ARG B 279 11.52 23.89 23.56
C ARG B 279 10.04 23.80 23.22
N LYS B 280 9.31 22.89 23.85
CA LYS B 280 7.91 22.64 23.50
C LYS B 280 7.05 23.83 23.90
N VAL B 281 6.57 24.57 22.92
CA VAL B 281 5.88 25.83 23.14
C VAL B 281 4.39 25.61 22.94
N ARG B 282 3.59 26.13 23.87
CA ARG B 282 2.15 26.17 23.75
C ARG B 282 1.71 27.63 23.83
N LYS B 283 0.40 27.83 23.91
CA LYS B 283 -0.10 29.18 24.14
C LYS B 283 0.10 29.62 25.59
N ASP B 284 0.08 28.69 26.53
CA ASP B 284 0.35 29.03 27.92
C ASP B 284 1.84 29.25 28.19
N SER B 285 2.71 28.80 27.28
CA SER B 285 4.14 28.96 27.50
C SER B 285 4.55 30.39 27.25
N THR B 286 5.24 30.98 28.23
CA THR B 286 5.73 32.35 28.13
C THR B 286 7.25 32.43 28.03
N THR B 287 7.94 31.30 28.11
CA THR B 287 9.39 31.27 28.03
C THR B 287 9.81 30.14 27.09
N MET B 288 10.71 30.47 26.17
CA MET B 288 11.34 29.47 25.32
C MET B 288 12.82 29.80 25.22
N ASN B 289 13.66 28.78 25.40
CA ASN B 289 15.09 28.99 25.44
C ASN B 289 15.66 29.27 24.04
N ARG B 290 16.96 29.56 24.01
CA ARG B 290 17.67 29.93 22.80
C ARG B 290 19.00 29.20 22.76
N LEU B 291 19.22 28.42 21.72
CA LEU B 291 20.45 27.64 21.57
C LEU B 291 21.38 28.31 20.58
N TYR B 292 22.64 28.45 20.95
CA TYR B 292 23.73 28.83 20.06
C TYR B 292 24.69 27.66 19.94
N VAL B 293 24.93 27.19 18.72
CA VAL B 293 25.97 26.20 18.52
C VAL B 293 26.96 26.78 17.51
N VAL B 294 28.24 26.66 17.82
CA VAL B 294 29.32 27.11 16.94
C VAL B 294 30.12 25.86 16.60
N GLU B 295 30.01 25.38 15.38
CA GLU B 295 30.50 24.04 15.05
C GLU B 295 31.12 24.00 13.66
N ALA B 296 31.95 22.98 13.45
CA ALA B 296 32.55 22.71 12.15
C ALA B 296 31.73 21.73 11.33
N SER B 297 31.43 20.59 11.91
CA SER B 297 30.52 19.64 11.30
C SER B 297 29.11 19.96 11.70
N PRO B 298 28.17 19.95 10.72
CA PRO B 298 26.78 20.07 11.16
C PRO B 298 26.48 18.81 11.94
N SER B 299 25.66 18.91 12.98
CA SER B 299 25.39 17.80 13.86
C SER B 299 23.95 17.88 14.31
N THR B 300 23.58 16.95 15.19
CA THR B 300 22.23 16.90 15.73
C THR B 300 21.94 18.10 16.61
N THR B 301 22.97 18.64 17.27
CA THR B 301 22.81 19.89 18.01
C THR B 301 22.77 21.09 17.06
N GLY B 302 23.38 20.98 15.88
CA GLY B 302 23.38 22.06 14.93
C GLY B 302 22.01 22.39 14.38
N THR B 303 21.15 21.37 14.21
CA THR B 303 19.81 21.59 13.67
C THR B 303 18.96 22.41 14.62
N ALA B 304 18.89 21.99 15.89
CA ALA B 304 17.90 22.50 16.84
C ALA B 304 18.15 23.94 17.26
N ALA B 305 19.32 24.50 16.95
CA ALA B 305 19.62 25.85 17.38
C ALA B 305 18.85 26.88 16.58
N ASP B 306 18.61 28.01 17.23
CA ASP B 306 18.06 29.15 16.53
C ASP B 306 19.12 29.88 15.74
N HIS B 307 20.38 29.83 16.19
CA HIS B 307 21.49 30.38 15.44
C HIS B 307 22.61 29.36 15.41
N ARG B 308 23.02 28.96 14.21
CA ARG B 308 24.10 28.01 14.05
C ARG B 308 25.16 28.66 13.19
N LEU B 309 26.37 28.80 13.72
CA LEU B 309 27.45 29.42 12.98
C LEU B 309 28.42 28.35 12.53
N PRO B 310 28.56 28.09 11.24
CA PRO B 310 29.62 27.19 10.79
C PRO B 310 30.99 27.85 10.84
N LEU B 311 31.77 27.47 11.84
CA LEU B 311 33.12 27.94 12.07
C LEU B 311 34.04 26.74 12.17
N ARG B 312 35.28 26.91 11.72
CA ARG B 312 36.25 25.83 11.69
C ARG B 312 36.58 25.34 13.10
N ALA B 313 36.83 24.03 13.22
CA ALA B 313 37.10 23.43 14.52
C ALA B 313 38.42 23.90 15.12
N ASP B 314 39.34 24.38 14.28
CA ASP B 314 40.52 25.07 14.79
C ASP B 314 40.15 26.39 15.45
N ALA B 315 39.09 27.02 14.99
CA ALA B 315 38.74 28.38 15.38
C ALA B 315 37.79 28.45 16.57
N ILE B 316 37.38 27.31 17.12
CA ILE B 316 36.45 27.35 18.24
C ILE B 316 37.20 27.78 19.51
N ALA B 317 38.49 27.46 19.57
CA ALA B 317 39.34 27.96 20.66
C ALA B 317 39.48 29.48 20.60
N ALA B 318 39.67 30.04 19.41
CA ALA B 318 39.72 31.49 19.27
C ALA B 318 38.37 32.13 19.52
N PHE B 319 37.29 31.46 19.08
CA PHE B 319 35.93 31.96 19.33
C PHE B 319 35.63 31.98 20.83
N THR B 320 36.09 30.96 21.55
CA THR B 320 35.84 30.87 22.97
C THR B 320 36.68 31.88 23.74
N GLY B 321 37.91 32.12 23.27
CA GLY B 321 38.72 33.20 23.84
C GLY B 321 38.12 34.57 23.62
N ALA B 322 37.52 34.79 22.43
CA ALA B 322 36.85 36.05 22.18
C ALA B 322 35.57 36.20 23.00
N LEU B 323 34.88 35.10 23.25
CA LEU B 323 33.72 35.12 24.14
C LEU B 323 34.14 35.48 25.56
N ALA B 324 35.27 34.95 26.02
CA ALA B 324 35.81 35.32 27.32
C ALA B 324 36.24 36.78 27.34
N ASN B 325 36.76 37.28 26.21
CA ASN B 325 37.15 38.70 26.13
C ASN B 325 35.93 39.60 26.24
N GLU B 326 34.86 39.31 25.51
CA GLU B 326 33.72 40.21 25.54
C GLU B 326 32.90 40.07 26.83
N LEU B 327 32.85 38.88 27.42
CA LEU B 327 32.10 38.73 28.66
C LEU B 327 32.82 39.32 29.87
N GLY B 328 34.14 39.50 29.79
CA GLY B 328 34.87 40.27 30.79
C GLY B 328 35.89 39.48 31.59
N VAL B 329 35.84 38.15 31.57
CA VAL B 329 36.85 37.34 32.25
C VAL B 329 38.15 37.33 31.45
N GLY B 330 39.20 36.81 32.06
CA GLY B 330 40.48 36.73 31.38
C GLY B 330 40.49 35.72 30.25
N GLY B 331 40.50 36.23 29.02
CA GLY B 331 40.59 35.38 27.84
C GLY B 331 41.68 35.84 26.91
N ALA B 332 41.33 36.06 25.64
CA ALA B 332 42.26 36.58 24.65
C ALA B 332 41.47 37.21 23.52
N PRO B 333 41.98 38.31 22.95
CA PRO B 333 41.35 38.84 21.73
C PRO B 333 41.56 37.90 20.55
N ALA B 334 40.62 37.97 19.61
CA ALA B 334 40.67 37.08 18.46
C ALA B 334 40.10 37.80 17.24
N THR B 335 40.50 37.32 16.06
CA THR B 335 40.02 37.86 14.80
C THR B 335 39.14 36.82 14.09
N LEU B 336 38.11 37.30 13.39
CA LEU B 336 37.10 36.42 12.82
C LEU B 336 36.50 37.06 11.58
N SER B 337 35.77 36.24 10.83
CA SER B 337 34.90 36.71 9.77
C SER B 337 33.75 37.53 10.37
N PRO B 338 33.19 38.51 9.63
CA PRO B 338 32.21 39.40 10.28
C PRO B 338 30.88 38.75 10.61
N LYS B 339 30.50 37.68 9.90
CA LYS B 339 29.38 36.85 10.36
C LYS B 339 29.71 36.22 11.71
N ALA B 340 30.94 35.70 11.86
CA ALA B 340 31.37 35.11 13.11
C ALA B 340 31.51 36.15 14.22
N GLU B 341 31.99 37.35 13.87
CA GLU B 341 32.23 38.35 14.91
C GLU B 341 30.92 38.99 15.37
N GLU B 342 29.98 39.22 14.45
CA GLU B 342 28.64 39.66 14.81
C GLU B 342 27.90 38.58 15.61
N PHE B 343 28.09 37.31 15.24
CA PHE B 343 27.55 36.19 15.99
C PHE B 343 28.12 36.14 17.41
N LEU B 344 29.41 36.46 17.55
CA LEU B 344 30.05 36.42 18.86
C LEU B 344 29.56 37.54 19.74
N ARG B 345 29.38 38.75 19.18
CA ARG B 345 28.80 39.82 20.00
C ARG B 345 27.33 39.56 20.32
N ALA B 346 26.61 38.86 19.44
CA ALA B 346 25.25 38.44 19.76
C ALA B 346 25.21 37.44 20.91
N ILE B 347 26.16 36.50 20.93
CA ILE B 347 26.27 35.56 22.05
C ILE B 347 26.58 36.31 23.33
N ALA B 348 27.57 37.21 23.27
CA ALA B 348 27.97 37.98 24.44
C ALA B 348 26.95 39.03 24.86
N ARG B 349 25.93 39.28 24.04
CA ARG B 349 24.80 40.09 24.49
C ARG B 349 23.67 39.22 25.06
N ASP B 350 23.49 38.00 24.53
CA ASP B 350 22.52 37.07 25.14
C ASP B 350 23.04 36.51 26.46
N LEU B 351 24.33 36.15 26.50
CA LEU B 351 25.01 36.01 27.78
C LEU B 351 25.21 37.40 28.37
N GLU B 352 25.35 37.46 29.70
CA GLU B 352 25.39 38.65 30.55
C GLU B 352 24.05 39.38 30.60
N GLU B 353 23.05 38.87 29.89
CA GLU B 353 21.65 39.22 30.10
C GLU B 353 20.94 38.17 30.92
N HIS B 354 21.33 36.91 30.76
CA HIS B 354 20.78 35.80 31.52
C HIS B 354 21.90 35.26 32.40
N ARG B 355 22.07 35.90 33.55
CA ARG B 355 23.12 35.54 34.50
C ARG B 355 22.56 34.52 35.47
N GLY B 356 23.08 33.31 35.43
CA GLY B 356 22.50 32.18 36.10
C GLY B 356 21.52 31.40 35.24
N GLN B 357 20.96 32.02 34.21
CA GLN B 357 20.05 31.38 33.28
C GLN B 357 20.69 31.16 31.92
N SER B 358 21.98 30.85 31.90
CA SER B 358 22.67 30.57 30.65
C SER B 358 23.62 29.41 30.89
N VAL B 359 23.90 28.65 29.83
CA VAL B 359 24.88 27.57 29.89
C VAL B 359 25.85 27.74 28.75
N VAL B 360 27.14 27.61 29.05
CA VAL B 360 28.18 27.49 28.04
C VAL B 360 28.68 26.05 28.08
N ILE B 361 28.55 25.35 26.96
CA ILE B 361 28.92 23.94 26.85
C ILE B 361 30.02 23.83 25.80
N ALA B 362 31.06 23.08 26.12
CA ALA B 362 32.07 22.68 25.16
C ALA B 362 31.99 21.18 24.94
N GLY B 363 32.32 20.75 23.72
CA GLY B 363 32.38 19.34 23.40
C GLY B 363 33.79 18.81 23.49
N ASP B 364 33.91 17.48 23.57
CA ASP B 364 35.19 16.84 23.86
C ASP B 364 36.20 17.03 22.74
N GLN B 365 35.71 17.22 21.53
CA GLN B 365 36.59 17.45 20.39
C GLN B 365 37.53 18.59 20.62
N GLN B 366 37.03 19.65 21.21
CA GLN B 366 37.76 20.88 21.43
C GLN B 366 38.89 20.69 22.44
N PRO B 367 39.93 21.51 22.40
CA PRO B 367 41.08 21.34 23.29
C PRO B 367 40.74 21.60 24.75
N PRO B 368 41.61 21.18 25.68
CA PRO B 368 41.34 21.44 27.12
C PRO B 368 41.21 22.90 27.53
N ILE B 369 41.83 23.83 26.81
CA ILE B 369 41.67 25.24 27.15
C ILE B 369 40.26 25.71 26.80
N VAL B 370 39.58 25.04 25.88
CA VAL B 370 38.20 25.42 25.57
C VAL B 370 37.29 25.06 26.73
N HIS B 371 37.51 23.89 27.34
CA HIS B 371 36.75 23.50 28.53
C HIS B 371 37.12 24.33 29.74
N ALA B 372 38.40 24.72 29.85
CA ALA B 372 38.84 25.59 30.93
C ALA B 372 38.18 26.97 30.83
N LEU B 373 38.19 27.56 29.64
CA LEU B 373 37.53 28.84 29.42
C LEU B 373 36.02 28.73 29.56
N ALA B 374 35.44 27.56 29.23
CA ALA B 374 34.02 27.34 29.46
C ALA B 374 33.69 27.30 30.94
N HIS B 375 34.56 26.68 31.75
CA HIS B 375 34.41 26.71 33.20
C HIS B 375 34.51 28.14 33.73
N LEU B 376 35.47 28.91 33.21
CA LEU B 376 35.66 30.29 33.63
C LEU B 376 34.45 31.17 33.27
N ILE B 377 33.89 30.97 32.08
CA ILE B 377 32.68 31.68 31.67
C ILE B 377 31.50 31.29 32.55
N ASN B 378 31.32 29.98 32.80
CA ASN B 378 30.19 29.53 33.61
C ASN B 378 30.32 29.95 35.07
N ALA B 379 31.54 30.22 35.54
CA ALA B 379 31.68 30.82 36.85
C ALA B 379 31.39 32.32 36.81
N GLU B 380 31.68 32.99 35.69
CA GLU B 380 31.38 34.42 35.58
C GLU B 380 29.88 34.68 35.64
N LEU B 381 29.10 33.98 34.83
CA LEU B 381 27.69 34.31 34.67
C LEU B 381 26.82 33.74 35.79
N GLY B 382 27.40 33.25 36.88
CA GLY B 382 26.62 32.70 37.96
C GLY B 382 25.98 31.38 37.64
N ASN B 383 26.47 30.68 36.62
CA ASN B 383 25.88 29.45 36.15
C ASN B 383 26.23 28.25 37.01
N VAL B 384 27.31 28.32 37.78
CA VAL B 384 27.71 27.21 38.63
C VAL B 384 26.78 27.13 39.84
N GLY B 385 26.23 25.96 40.09
CA GLY B 385 25.36 25.73 41.22
C GLY B 385 23.89 25.96 40.97
N GLN B 386 23.52 26.55 39.84
CA GLN B 386 22.12 26.77 39.49
C GLN B 386 21.73 26.09 38.20
N THR B 387 22.58 26.15 37.19
CA THR B 387 22.37 25.46 35.92
C THR B 387 23.56 24.63 35.49
N VAL B 388 24.71 24.79 36.14
CA VAL B 388 25.90 23.99 35.90
C VAL B 388 26.34 23.44 37.25
N PHE B 389 26.50 22.11 37.32
CA PHE B 389 26.77 21.44 38.59
C PHE B 389 28.04 20.62 38.45
N TYR B 390 29.07 21.00 39.19
CA TYR B 390 30.30 20.23 39.24
C TYR B 390 30.15 19.07 40.20
N HIS B 391 30.62 17.90 39.79
CA HIS B 391 30.37 16.66 40.50
C HIS B 391 31.66 15.89 40.69
N GLU B 392 31.58 14.87 41.54
CA GLU B 392 32.67 13.94 41.73
C GLU B 392 32.84 13.09 40.46
N PRO B 393 34.07 12.63 40.17
CA PRO B 393 34.31 11.91 38.91
C PRO B 393 33.65 10.55 38.87
N VAL B 394 32.67 10.42 37.97
CA VAL B 394 31.90 9.17 37.86
C VAL B 394 32.66 8.07 37.13
N GLU B 395 33.81 8.39 36.53
CA GLU B 395 34.57 7.45 35.73
C GLU B 395 35.66 6.75 36.52
N ALA B 396 35.42 6.52 37.83
CA ALA B 396 36.34 5.92 38.79
C ALA B 396 37.67 6.67 38.83
N ARG B 397 38.70 6.14 38.17
CA ARG B 397 39.96 6.85 38.02
C ARG B 397 39.96 7.49 36.64
N PRO B 398 39.95 8.81 36.53
CA PRO B 398 40.07 9.46 35.22
C PRO B 398 41.50 9.77 34.87
N THR B 399 41.80 9.67 33.57
CA THR B 399 43.13 9.95 33.05
C THR B 399 43.00 10.67 31.72
N ASN B 400 44.14 10.93 31.09
CA ASN B 400 44.19 11.34 29.69
C ASN B 400 44.48 10.08 28.88
N GLN B 401 43.42 9.52 28.30
CA GLN B 401 43.46 8.20 27.68
C GLN B 401 44.36 8.13 26.46
N THR B 402 44.49 9.22 25.70
CA THR B 402 45.42 9.18 24.59
C THR B 402 46.87 9.29 25.07
N GLU B 403 47.10 9.99 26.20
CA GLU B 403 48.41 9.99 26.81
C GLU B 403 48.75 8.61 27.39
N GLU B 404 47.75 7.95 27.98
CA GLU B 404 47.93 6.58 28.43
C GLU B 404 48.17 5.63 27.27
N LEU B 405 47.56 5.91 26.10
CA LEU B 405 47.85 5.10 24.92
C LEU B 405 49.28 5.26 24.45
N VAL B 406 49.77 6.49 24.30
CA VAL B 406 51.13 6.65 23.78
C VAL B 406 52.15 6.14 24.80
N ALA B 407 51.79 6.20 26.09
CA ALA B 407 52.57 5.52 27.12
C ALA B 407 52.61 4.01 26.91
N LEU B 408 51.47 3.39 26.59
CA LEU B 408 51.44 1.93 26.39
C LEU B 408 52.18 1.52 25.12
N VAL B 409 51.97 2.25 24.02
CA VAL B 409 52.63 1.90 22.76
C VAL B 409 54.14 2.13 22.86
N SER B 410 54.58 3.15 23.60
CA SER B 410 56.00 3.29 23.88
C SER B 410 56.52 2.18 24.78
N GLU B 411 55.67 1.67 25.70
CA GLU B 411 56.09 0.57 26.57
C GLU B 411 56.30 -0.72 25.79
N MET B 412 55.37 -1.06 24.89
CA MET B 412 55.58 -2.24 24.06
C MET B 412 56.61 -2.01 22.97
N ALA B 413 56.86 -0.75 22.59
CA ALA B 413 57.95 -0.46 21.67
C ALA B 413 59.30 -0.66 22.34
N ALA B 414 59.38 -0.43 23.66
CA ALA B 414 60.59 -0.72 24.40
C ALA B 414 60.74 -2.19 24.77
N GLY B 415 59.69 -3.00 24.56
CA GLY B 415 59.75 -4.41 24.88
C GLY B 415 59.52 -4.74 26.34
N ARG B 416 59.09 -3.77 27.16
CA ARG B 416 58.88 -4.00 28.58
C ARG B 416 57.62 -4.82 28.85
N VAL B 417 56.58 -4.66 28.04
CA VAL B 417 55.27 -5.25 28.31
C VAL B 417 55.33 -6.76 28.06
N GLU B 418 54.93 -7.55 29.05
CA GLU B 418 54.91 -9.00 28.96
C GLU B 418 53.52 -9.57 28.80
N THR B 419 52.57 -9.14 29.63
CA THR B 419 51.20 -9.65 29.60
C THR B 419 50.28 -8.47 29.34
N LEU B 420 49.55 -8.52 28.24
CA LEU B 420 48.61 -7.47 27.87
C LEU B 420 47.19 -8.05 27.89
N ILE B 421 46.31 -7.42 28.66
CA ILE B 421 44.93 -7.86 28.81
C ILE B 421 44.04 -6.76 28.26
N MET B 422 43.18 -7.11 27.31
CA MET B 422 42.29 -6.15 26.69
C MET B 422 40.85 -6.57 26.94
N ILE B 423 40.07 -5.67 27.54
CA ILE B 423 38.64 -5.88 27.72
C ILE B 423 37.92 -4.94 26.75
N GLY B 424 37.43 -5.52 25.65
CA GLY B 424 36.78 -4.77 24.60
C GLY B 424 37.73 -3.82 23.89
N GLY B 425 37.13 -2.81 23.27
CA GLY B 425 37.83 -1.64 22.83
C GLY B 425 38.31 -1.65 21.39
N ASN B 426 38.53 -2.83 20.82
CA ASN B 426 39.16 -3.01 19.51
C ASN B 426 40.45 -2.20 19.31
N PRO B 427 41.47 -2.38 20.15
CA PRO B 427 42.61 -1.45 20.15
C PRO B 427 43.49 -1.52 18.91
N VAL B 428 43.49 -2.65 18.19
CA VAL B 428 44.19 -2.72 16.91
C VAL B 428 43.49 -1.83 15.89
N TYR B 429 42.17 -1.81 15.92
CA TYR B 429 41.42 -1.04 14.93
C TYR B 429 41.19 0.40 15.37
N ASN B 430 40.86 0.60 16.65
CA ASN B 430 40.38 1.89 17.14
C ASN B 430 41.49 2.89 17.45
N ALA B 431 42.74 2.48 17.44
CA ALA B 431 43.83 3.38 17.79
C ALA B 431 44.09 4.39 16.69
N PRO B 432 44.69 5.52 17.01
CA PRO B 432 45.32 6.34 15.97
C PRO B 432 46.40 5.56 15.25
N GLY B 433 46.46 5.74 13.93
CA GLY B 433 47.36 4.96 13.11
C GLY B 433 48.81 5.38 13.15
N ASP B 434 49.12 6.53 13.75
CA ASP B 434 50.51 6.93 13.91
C ASP B 434 51.25 6.09 14.93
N LEU B 435 50.52 5.45 15.85
CA LEU B 435 51.15 4.59 16.84
C LEU B 435 51.60 3.27 16.26
N ARG B 436 50.99 2.84 15.14
CA ARG B 436 51.22 1.55 14.49
C ARG B 436 51.05 0.40 15.49
N PHE B 437 49.85 0.37 16.08
CA PHE B 437 49.57 -0.42 17.27
C PHE B 437 49.71 -1.92 17.03
N ALA B 438 49.35 -2.39 15.84
CA ALA B 438 49.40 -3.81 15.57
C ALA B 438 50.83 -4.33 15.44
N ASP B 439 51.76 -3.47 15.00
CA ASP B 439 53.16 -3.89 14.89
C ASP B 439 53.81 -4.05 16.27
N ARG B 440 53.47 -3.18 17.21
CA ARG B 440 53.92 -3.38 18.59
C ARG B 440 53.03 -4.34 19.36
N MET B 441 51.90 -4.77 18.80
CA MET B 441 51.10 -5.79 19.44
C MET B 441 51.80 -7.15 19.42
N ALA B 442 52.45 -7.47 18.31
CA ALA B 442 53.14 -8.74 18.18
C ALA B 442 54.44 -8.81 18.98
N SER B 443 54.88 -7.69 19.57
CA SER B 443 56.02 -7.74 20.48
C SER B 443 55.64 -8.38 21.82
N VAL B 444 54.37 -8.40 22.15
CA VAL B 444 53.90 -8.99 23.40
C VAL B 444 53.74 -10.50 23.21
N PRO B 445 54.40 -11.33 24.03
CA PRO B 445 54.31 -12.78 23.83
C PRO B 445 52.94 -13.36 24.13
N LEU B 446 52.37 -13.02 25.28
CA LEU B 446 51.08 -13.56 25.70
C LEU B 446 50.11 -12.42 25.89
N THR B 447 49.15 -12.29 24.98
CA THR B 447 48.13 -11.26 24.99
C THR B 447 46.80 -11.90 25.39
N ILE B 448 45.82 -11.05 25.70
CA ILE B 448 44.52 -11.49 26.20
C ILE B 448 43.47 -10.56 25.60
N HIS B 449 42.43 -11.11 25.01
CA HIS B 449 41.33 -10.28 24.53
C HIS B 449 39.98 -10.81 24.97
N LEU B 450 39.22 -9.98 25.67
CA LEU B 450 37.80 -10.19 25.93
C LEU B 450 37.05 -9.29 24.97
N SER B 451 36.34 -9.88 24.02
CA SER B 451 36.13 -9.19 22.75
C SER B 451 34.70 -9.00 22.31
N GLN B 452 33.82 -9.99 22.56
CA GLN B 452 32.38 -10.05 22.22
C GLN B 452 32.16 -10.27 20.72
N PHE B 453 33.21 -10.15 19.92
CA PHE B 453 33.24 -10.48 18.51
C PHE B 453 34.65 -10.95 18.21
N VAL B 454 34.79 -11.98 17.36
CA VAL B 454 36.13 -12.25 16.83
C VAL B 454 36.48 -11.09 15.91
N ASP B 455 37.38 -10.24 16.37
CA ASP B 455 37.54 -8.90 15.84
C ASP B 455 38.92 -8.74 15.23
N GLU B 456 39.27 -7.49 14.88
CA GLU B 456 40.56 -7.20 14.29
C GLU B 456 41.70 -7.38 15.29
N THR B 457 41.42 -7.16 16.58
CA THR B 457 42.47 -7.36 17.58
C THR B 457 42.57 -8.81 18.00
N SER B 458 41.43 -9.52 18.07
CA SER B 458 41.45 -10.92 18.48
C SER B 458 42.09 -11.79 17.41
N ALA B 459 42.11 -11.34 16.16
CA ALA B 459 42.95 -11.97 15.15
C ALA B 459 44.42 -11.78 15.46
N ARG B 460 44.81 -10.57 15.88
CA ARG B 460 46.21 -10.30 16.19
C ARG B 460 46.62 -10.95 17.51
N ALA B 461 45.78 -10.85 18.52
CA ALA B 461 46.14 -11.30 19.86
C ALA B 461 45.91 -12.81 20.01
N THR B 462 46.61 -13.38 20.98
CA THR B 462 46.38 -14.75 21.41
C THR B 462 45.34 -14.76 22.52
N TRP B 463 44.77 -15.95 22.75
CA TRP B 463 43.83 -16.24 23.84
C TRP B 463 42.63 -15.30 23.86
N HIS B 464 41.94 -15.22 22.73
CA HIS B 464 40.74 -14.41 22.64
C HIS B 464 39.61 -15.08 23.41
N ILE B 465 38.93 -14.31 24.25
CA ILE B 465 37.89 -14.81 25.14
C ILE B 465 36.55 -14.25 24.67
N PRO B 466 35.50 -15.06 24.60
CA PRO B 466 34.16 -14.52 24.35
C PRO B 466 33.70 -13.65 25.51
N GLN B 467 33.28 -12.43 25.19
CA GLN B 467 32.71 -11.52 26.17
C GLN B 467 31.21 -11.61 26.10
N ALA B 468 30.57 -11.73 27.25
CA ALA B 468 29.12 -11.78 27.31
C ALA B 468 28.54 -10.42 26.94
N HIS B 469 27.45 -10.46 26.17
CA HIS B 469 26.72 -9.25 25.87
C HIS B 469 26.07 -8.70 27.15
N PRO B 470 25.89 -7.38 27.25
CA PRO B 470 25.22 -6.82 28.44
C PRO B 470 23.81 -7.34 28.70
N LEU B 471 23.07 -7.74 27.66
CA LEU B 471 21.75 -8.32 27.85
C LEU B 471 21.82 -9.70 28.48
N GLU B 472 22.98 -10.37 28.45
CA GLU B 472 23.14 -11.69 29.04
C GLU B 472 24.25 -11.69 30.09
N SER B 473 24.51 -10.55 30.72
CA SER B 473 25.58 -10.45 31.69
C SER B 473 25.07 -9.89 33.00
N TRP B 474 25.72 -10.29 34.09
CA TRP B 474 25.53 -9.69 35.39
C TRP B 474 26.62 -8.64 35.58
N GLY B 475 26.22 -7.45 36.02
CA GLY B 475 27.19 -6.39 36.19
C GLY B 475 26.51 -5.11 36.62
N ASP B 476 27.27 -4.02 36.53
CA ASP B 476 26.79 -2.71 36.93
C ASP B 476 27.45 -1.65 36.06
N ALA B 477 26.84 -0.47 36.02
CA ALA B 477 27.37 0.63 35.22
C ALA B 477 26.87 1.96 35.78
N ARG B 478 27.77 2.91 35.95
CA ARG B 478 27.41 4.24 36.42
C ARG B 478 26.94 5.10 35.25
N ALA B 479 25.95 5.94 35.53
CA ALA B 479 25.41 6.86 34.53
C ALA B 479 26.27 8.12 34.50
N PHE B 480 25.80 9.17 33.82
CA PHE B 480 26.54 10.42 33.73
C PHE B 480 26.54 11.17 35.05
N ASP B 481 25.61 10.83 35.95
CA ASP B 481 25.52 11.42 37.28
C ASP B 481 25.91 10.43 38.37
N GLY B 482 26.52 9.30 38.01
CA GLY B 482 26.95 8.30 38.96
C GLY B 482 25.84 7.55 39.68
N THR B 483 24.83 7.09 38.94
CA THR B 483 23.71 6.36 39.52
C THR B 483 24.04 4.92 39.86
N ALA B 484 24.86 4.26 39.02
CA ALA B 484 25.46 2.93 39.26
C ALA B 484 24.46 1.79 39.22
N SER B 485 23.53 1.83 38.27
CA SER B 485 22.50 0.80 38.10
C SER B 485 23.11 -0.56 37.76
N ILE B 486 22.32 -1.61 38.00
CA ILE B 486 22.79 -3.00 37.93
C ILE B 486 22.36 -3.60 36.61
N VAL B 487 23.32 -4.11 35.84
CA VAL B 487 23.03 -4.79 34.59
C VAL B 487 22.47 -6.17 34.87
N GLN B 488 21.35 -6.49 34.26
CA GLN B 488 20.67 -7.76 34.49
C GLN B 488 20.73 -8.64 33.26
N PRO B 489 20.91 -9.95 33.43
CA PRO B 489 20.83 -10.87 32.30
C PRO B 489 19.41 -11.33 32.04
N LEU B 490 18.88 -11.03 30.86
CA LEU B 490 17.56 -11.54 30.52
C LEU B 490 17.60 -12.95 29.96
N ILE B 491 18.79 -13.46 29.67
CA ILE B 491 18.96 -14.84 29.22
C ILE B 491 20.30 -15.31 29.76
N GLU B 492 20.43 -16.63 29.93
CA GLU B 492 21.73 -17.21 30.17
C GLU B 492 22.61 -16.98 28.94
N PRO B 493 23.93 -16.81 29.12
CA PRO B 493 24.78 -16.35 28.01
C PRO B 493 24.83 -17.33 26.84
N LEU B 494 24.63 -16.78 25.65
CA LEU B 494 24.23 -17.58 24.49
C LEU B 494 25.39 -18.41 23.96
N TYR B 495 26.47 -17.76 23.57
CA TYR B 495 27.63 -18.40 22.98
C TYR B 495 28.73 -18.38 24.02
N GLY B 496 28.73 -19.36 24.91
CA GLY B 496 29.69 -19.34 26.00
C GLY B 496 29.34 -18.24 26.97
N GLY B 497 30.10 -17.16 26.95
CA GLY B 497 29.78 -15.98 27.73
C GLY B 497 30.61 -15.84 28.98
N LYS B 498 31.59 -14.94 28.95
CA LYS B 498 32.45 -14.68 30.10
C LYS B 498 32.63 -13.18 30.24
N THR B 499 32.13 -12.63 31.34
CA THR B 499 32.13 -11.18 31.53
C THR B 499 33.48 -10.69 32.03
N ALA B 500 33.60 -9.36 32.09
CA ALA B 500 34.84 -8.75 32.53
C ALA B 500 35.04 -8.89 34.03
N ASN B 501 33.95 -9.00 34.79
CA ASN B 501 34.08 -9.31 36.22
C ASN B 501 34.60 -10.72 36.41
N GLU B 502 34.13 -11.68 35.61
CA GLU B 502 34.64 -13.04 35.69
C GLU B 502 36.08 -13.14 35.19
N LEU B 503 36.42 -12.37 34.14
CA LEU B 503 37.81 -12.33 33.68
C LEU B 503 38.72 -11.73 34.73
N LEU B 504 38.30 -10.64 35.37
CA LEU B 504 39.13 -10.01 36.40
C LEU B 504 39.21 -10.86 37.66
N ALA B 505 38.20 -11.68 37.93
CA ALA B 505 38.30 -12.65 39.01
C ALA B 505 39.21 -13.80 38.64
N ALA B 506 39.27 -14.16 37.35
CA ALA B 506 40.22 -15.18 36.90
C ALA B 506 41.66 -14.70 37.05
N MET B 507 41.93 -13.44 36.66
CA MET B 507 43.24 -12.85 36.94
C MET B 507 43.45 -12.50 38.40
N LEU B 508 42.38 -12.49 39.20
CA LEU B 508 42.57 -12.34 40.65
C LEU B 508 43.18 -13.58 41.26
N GLY B 509 42.97 -14.74 40.66
CA GLY B 509 43.55 -15.98 41.16
C GLY B 509 42.55 -17.11 41.26
N GLN B 510 41.29 -16.79 41.55
CA GLN B 510 40.34 -17.88 41.75
C GLN B 510 39.53 -18.14 40.48
N PRO B 511 39.41 -19.37 40.05
CA PRO B 511 38.68 -19.68 38.81
C PRO B 511 37.23 -20.05 39.10
N GLU B 512 36.43 -20.02 38.03
CA GLU B 512 35.01 -20.40 38.03
C GLU B 512 34.19 -19.58 39.03
N ALA B 513 34.39 -18.26 38.98
CA ALA B 513 33.55 -17.32 39.72
C ALA B 513 32.62 -16.66 38.73
N GLU B 514 31.32 -16.81 38.95
CA GLU B 514 30.32 -16.27 38.04
C GLU B 514 30.12 -14.79 38.29
N SER B 515 29.58 -14.10 37.28
CA SER B 515 29.35 -12.67 37.41
C SER B 515 28.16 -12.37 38.32
N TYR B 516 27.31 -13.34 38.59
CA TYR B 516 26.26 -13.16 39.59
C TYR B 516 26.86 -13.00 40.97
N ASP B 517 27.70 -13.95 41.38
CA ASP B 517 28.25 -13.96 42.74
C ASP B 517 29.23 -12.81 42.95
N LEU B 518 29.92 -12.40 41.89
CA LEU B 518 30.88 -11.30 42.00
C LEU B 518 30.17 -9.97 42.25
N VAL B 519 29.14 -9.65 41.47
CA VAL B 519 28.47 -8.38 41.68
C VAL B 519 27.52 -8.42 42.87
N ARG B 520 27.07 -9.61 43.28
CA ARG B 520 26.40 -9.71 44.58
C ARG B 520 27.37 -9.42 45.71
N SER B 521 28.55 -10.04 45.69
CA SER B 521 29.51 -9.84 46.76
C SER B 521 30.10 -8.43 46.77
N PHE B 522 30.10 -7.74 45.64
CA PHE B 522 30.42 -6.31 45.70
C PHE B 522 29.25 -5.49 46.21
N TRP B 523 28.03 -5.79 45.77
CA TRP B 523 26.93 -4.85 46.01
C TRP B 523 26.09 -5.18 47.23
N LEU B 524 25.92 -6.45 47.58
CA LEU B 524 25.57 -6.78 48.95
C LEU B 524 26.75 -6.40 49.83
N GLU B 525 26.44 -5.96 51.07
CA GLU B 525 27.32 -5.43 52.13
C GLU B 525 27.78 -4.01 51.79
N GLN B 526 27.48 -3.52 50.59
CA GLN B 526 27.70 -2.11 50.26
C GLN B 526 26.42 -1.29 50.33
N ILE B 527 25.32 -1.81 49.80
CA ILE B 527 23.99 -1.24 50.01
C ILE B 527 23.06 -2.19 50.74
N GLY B 528 23.52 -3.39 51.08
CA GLY B 528 22.71 -4.38 51.75
C GLY B 528 21.92 -5.24 50.78
N GLU B 529 21.45 -6.38 51.30
CA GLU B 529 20.67 -7.30 50.48
C GLU B 529 19.30 -6.73 50.16
N THR B 530 18.65 -6.13 51.16
CA THR B 530 17.31 -5.60 50.97
C THR B 530 17.33 -4.36 50.10
N GLY B 531 18.45 -3.64 50.09
CA GLY B 531 18.65 -2.58 49.10
C GLY B 531 19.01 -3.10 47.73
N TRP B 532 19.71 -4.24 47.67
CA TRP B 532 20.02 -4.87 46.38
C TRP B 532 18.77 -5.36 45.68
N GLN B 533 17.78 -5.83 46.45
CA GLN B 533 16.51 -6.26 45.88
C GLN B 533 15.77 -5.11 45.21
N VAL B 534 15.75 -3.94 45.86
CA VAL B 534 15.13 -2.76 45.27
C VAL B 534 15.95 -2.26 44.09
N ALA B 535 17.28 -2.34 44.19
CA ALA B 535 18.16 -1.99 43.08
C ALA B 535 18.01 -2.90 41.87
N LEU B 536 17.52 -4.12 42.07
CA LEU B 536 17.18 -5.02 40.99
C LEU B 536 15.77 -4.79 40.45
N ALA B 537 14.81 -4.46 41.32
CA ALA B 537 13.44 -4.25 40.88
C ALA B 537 13.31 -2.93 40.11
N ASN B 538 13.57 -1.82 40.79
CA ASN B 538 13.79 -0.56 40.10
C ASN B 538 15.13 -0.60 39.39
N GLY B 539 15.30 0.26 38.39
CA GLY B 539 16.58 0.33 37.72
C GLY B 539 17.67 0.92 38.59
N VAL B 540 17.37 2.01 39.30
CA VAL B 540 18.38 2.82 39.96
C VAL B 540 18.83 2.22 41.28
N ILE B 541 19.91 2.77 41.83
CA ILE B 541 20.29 2.55 43.22
C ILE B 541 19.93 3.83 43.96
N ALA B 542 19.18 3.71 45.05
CA ALA B 542 18.65 4.89 45.70
C ALA B 542 19.74 5.69 46.41
N GLU B 543 20.63 5.00 47.12
CA GLU B 543 21.57 5.69 48.01
C GLU B 543 22.70 6.37 47.24
N THR B 544 23.30 5.69 46.26
CA THR B 544 24.51 6.22 45.62
C THR B 544 24.19 7.21 44.52
N VAL B 545 25.02 8.25 44.45
CA VAL B 545 24.95 9.30 43.44
C VAL B 545 26.29 10.02 43.50
N ALA B 546 26.63 10.75 42.44
CA ALA B 546 27.85 11.55 42.48
C ALA B 546 27.62 12.79 43.33
N PRO B 547 28.38 12.99 44.40
CA PRO B 547 28.14 14.14 45.28
C PRO B 547 28.57 15.46 44.64
N VAL B 548 27.90 16.53 45.07
CA VAL B 548 28.17 17.86 44.53
C VAL B 548 29.41 18.44 45.20
N ILE B 549 30.35 18.91 44.39
CA ILE B 549 31.55 19.58 44.85
C ILE B 549 31.75 20.90 44.09
N GLU B 550 32.37 21.86 44.77
CA GLU B 550 32.58 23.21 44.25
C GLU B 550 34.05 23.58 44.41
N PRO B 551 34.91 23.14 43.51
CA PRO B 551 36.32 23.48 43.61
C PRO B 551 36.59 24.91 43.15
N THR B 552 37.64 25.50 43.71
CA THR B 552 38.02 26.84 43.29
C THR B 552 38.59 26.82 41.89
N LEU B 553 38.36 27.91 41.17
CA LEU B 553 38.76 28.02 39.78
C LEU B 553 39.97 28.92 39.67
N ASN B 554 41.01 28.40 39.03
CA ASN B 554 42.27 29.12 38.81
C ASN B 554 42.07 30.02 37.60
N GLU B 555 41.73 31.28 37.86
CA GLU B 555 41.55 32.24 36.77
C GLU B 555 42.88 32.60 36.11
N GLY B 556 44.00 32.36 36.79
CA GLY B 556 45.31 32.63 36.23
C GLY B 556 45.87 31.47 35.43
N ALA B 557 45.72 30.24 35.94
CA ALA B 557 46.30 29.09 35.25
C ALA B 557 45.57 28.77 33.95
N ILE B 558 44.28 29.12 33.87
CA ILE B 558 43.58 29.09 32.60
C ILE B 558 44.09 30.20 31.69
N ARG B 559 44.33 31.39 32.25
CA ARG B 559 44.86 32.51 31.48
C ARG B 559 46.27 32.21 30.99
N ALA B 560 47.08 31.49 31.79
CA ALA B 560 48.43 31.11 31.39
C ALA B 560 48.39 29.80 30.60
N THR B 561 47.80 29.89 29.40
CA THR B 561 47.67 28.78 28.46
C THR B 561 47.60 29.42 27.09
N PRO B 562 48.20 28.82 26.04
CA PRO B 562 48.25 29.48 24.73
C PRO B 562 46.91 29.82 24.07
N ILE B 563 45.83 29.06 24.29
CA ILE B 563 44.55 29.17 23.58
C ILE B 563 44.80 29.13 22.07
N PRO B 564 45.04 27.94 21.49
CA PRO B 564 45.70 27.83 20.18
C PRO B 564 44.92 28.48 19.03
N GLN B 565 45.67 29.07 18.11
CA GLN B 565 45.10 29.92 17.08
C GLN B 565 44.84 29.09 15.81
N PRO B 566 43.74 29.35 15.12
CA PRO B 566 43.38 28.56 13.94
C PRO B 566 44.20 28.89 12.70
N GLY B 567 44.12 27.97 11.74
CA GLY B 567 44.42 28.28 10.36
C GLY B 567 45.79 27.88 9.87
N ASP B 568 45.86 26.74 9.19
CA ASP B 568 46.97 26.40 8.31
C ASP B 568 46.51 26.16 6.89
N GLY B 569 45.45 25.38 6.72
CA GLY B 569 44.88 25.08 5.42
C GLY B 569 43.58 24.31 5.58
N VAL B 570 43.39 23.29 4.76
CA VAL B 570 42.22 22.42 4.91
C VAL B 570 42.39 21.58 6.16
N GLU B 571 41.32 21.47 6.94
CA GLU B 571 41.38 20.76 8.20
C GLU B 571 40.32 19.70 8.38
N ILE B 572 40.76 18.48 8.54
CA ILE B 572 39.86 17.38 8.79
C ILE B 572 39.38 17.46 10.24
N VAL B 573 38.07 17.37 10.44
CA VAL B 573 37.54 17.09 11.78
C VAL B 573 37.24 15.61 11.82
N PHE B 574 37.60 14.97 12.92
CA PHE B 574 37.28 13.57 13.12
C PHE B 574 36.02 13.46 13.94
N ARG B 575 35.04 12.71 13.44
CA ARG B 575 33.75 12.69 14.08
C ARG B 575 33.36 11.26 14.42
N PRO B 576 32.73 11.04 15.57
CA PRO B 576 32.01 9.79 15.78
C PRO B 576 30.88 9.66 14.77
N ASP B 577 30.67 8.44 14.30
CA ASP B 577 29.55 8.23 13.41
C ASP B 577 28.25 8.25 14.21
N PRO B 578 27.22 8.96 13.72
CA PRO B 578 25.98 9.05 14.49
C PRO B 578 25.21 7.75 14.59
N SER B 579 25.50 6.77 13.73
CA SER B 579 24.87 5.46 13.83
C SER B 579 25.83 4.34 14.17
N LEU B 580 27.14 4.54 14.03
CA LEU B 580 28.10 3.48 14.31
C LEU B 580 28.96 3.76 15.54
N PHE B 581 28.91 4.98 16.09
CA PHE B 581 29.72 5.44 17.21
C PHE B 581 31.22 5.26 16.93
N ASP B 582 31.86 4.35 17.66
CA ASP B 582 33.29 4.11 17.50
C ASP B 582 33.58 2.99 16.51
N GLY B 583 32.56 2.38 15.93
CA GLY B 583 32.72 1.22 15.07
C GLY B 583 32.41 -0.09 15.73
N PHE B 584 32.09 -0.10 17.03
CA PHE B 584 31.66 -1.34 17.68
C PHE B 584 30.33 -1.82 17.12
N TYR B 585 29.47 -0.90 16.69
CA TYR B 585 28.18 -1.22 16.13
C TYR B 585 28.21 -1.38 14.62
N ALA B 586 29.39 -1.64 14.04
CA ALA B 586 29.48 -1.75 12.59
C ALA B 586 28.88 -3.05 12.09
N ASN B 587 28.85 -4.08 12.93
CA ASN B 587 28.20 -5.33 12.55
C ASN B 587 26.70 -5.31 12.81
N ASN B 588 26.19 -4.25 13.44
CA ASN B 588 24.76 -4.13 13.66
C ASN B 588 24.08 -3.84 12.32
N GLY B 589 23.14 -4.70 11.94
CA GLY B 589 22.45 -4.52 10.69
C GLY B 589 21.53 -3.32 10.67
N TRP B 590 20.84 -3.06 11.79
CA TRP B 590 19.91 -1.94 11.87
C TRP B 590 20.63 -0.61 11.75
N LEU B 591 21.81 -0.49 12.36
CA LEU B 591 22.47 0.80 12.42
C LEU B 591 23.15 1.18 11.12
N GLN B 592 23.68 0.19 10.39
CA GLN B 592 24.26 0.48 9.09
C GLN B 592 23.17 0.85 8.07
N GLU B 593 22.05 0.13 8.12
CA GLU B 593 20.89 0.43 7.27
C GLU B 593 20.27 1.77 7.63
N LEU B 594 20.29 2.15 8.91
CA LEU B 594 19.68 3.39 9.36
C LEU B 594 20.38 4.59 8.75
N PRO B 595 19.66 5.52 8.13
CA PRO B 595 20.30 6.66 7.48
C PRO B 595 20.97 7.60 8.47
N ARG B 596 22.08 8.12 8.06
CA ARG B 596 22.87 8.98 8.94
C ARG B 596 22.19 10.34 9.04
N PRO B 597 22.13 10.92 10.24
CA PRO B 597 21.54 12.26 10.38
C PRO B 597 22.32 13.29 9.57
N LEU B 598 21.56 14.20 8.96
CA LEU B 598 21.97 15.34 8.14
C LEU B 598 22.58 14.96 6.80
N THR B 599 22.82 13.68 6.52
CA THR B 599 23.35 13.25 5.23
C THR B 599 22.48 12.19 4.56
N LYS B 600 21.79 11.37 5.36
CA LYS B 600 21.00 10.21 4.94
C LYS B 600 21.82 9.16 4.20
N LEU B 601 23.13 9.15 4.39
CA LEU B 601 23.98 8.12 3.80
C LEU B 601 23.82 6.83 4.57
N VAL B 602 23.59 5.73 3.86
CA VAL B 602 23.53 4.43 4.50
C VAL B 602 24.67 3.59 3.98
N TRP B 603 25.10 2.63 4.81
CA TRP B 603 25.97 1.52 4.46
C TRP B 603 27.36 1.94 4.02
N ASP B 604 27.76 3.20 4.23
CA ASP B 604 29.05 3.64 3.72
C ASP B 604 29.50 4.86 4.50
N ASN B 605 30.79 5.18 4.35
CA ASN B 605 31.39 6.38 4.91
C ASN B 605 31.66 7.37 3.78
N ALA B 606 31.68 8.65 4.14
CA ALA B 606 31.98 9.69 3.16
C ALA B 606 32.68 10.85 3.84
N ALA B 607 33.60 11.46 3.09
CA ALA B 607 34.08 12.79 3.45
C ALA B 607 32.95 13.78 3.27
N LEU B 608 32.84 14.74 4.19
CA LEU B 608 31.80 15.74 4.14
C LEU B 608 32.40 17.10 3.84
N MET B 609 31.85 17.76 2.83
CA MET B 609 32.34 19.03 2.32
C MET B 609 31.23 20.06 2.42
N SER B 610 31.63 21.33 2.48
CA SER B 610 30.73 22.37 2.03
C SER B 610 30.77 22.42 0.50
N PRO B 611 29.70 22.90 -0.14
CA PRO B 611 29.78 23.14 -1.60
C PRO B 611 30.87 24.11 -2.00
N ARG B 612 31.10 25.15 -1.19
CA ARG B 612 32.24 26.04 -1.41
C ARG B 612 33.56 25.29 -1.25
N THR B 613 33.62 24.39 -0.27
CA THR B 613 34.84 23.63 0.00
C THR B 613 35.18 22.69 -1.15
N ALA B 614 34.18 21.97 -1.68
CA ALA B 614 34.45 21.06 -2.79
C ALA B 614 34.68 21.80 -4.09
N ILE B 615 34.06 22.97 -4.26
CA ILE B 615 34.32 23.79 -5.45
C ILE B 615 35.73 24.35 -5.42
N LYS B 616 36.23 24.71 -4.23
CA LYS B 616 37.59 25.23 -4.15
C LYS B 616 38.63 24.11 -4.16
N LEU B 617 38.27 22.90 -3.74
CA LEU B 617 39.26 21.84 -3.54
C LEU B 617 39.29 20.81 -4.67
N LEU B 618 38.14 20.37 -5.15
CA LEU B 618 38.10 19.25 -6.07
C LEU B 618 38.26 19.66 -7.53
N GLY B 619 38.34 20.95 -7.83
CA GLY B 619 38.38 21.39 -9.21
C GLY B 619 37.07 21.24 -9.93
N LEU B 620 35.96 21.25 -9.21
CA LEU B 620 34.64 21.07 -9.81
C LEU B 620 34.22 22.33 -10.54
N PRO B 621 33.68 22.22 -11.76
CA PRO B 621 33.27 23.44 -12.52
C PRO B 621 31.92 24.01 -12.10
N PHE B 622 31.82 24.42 -10.83
CA PHE B 622 30.59 25.01 -10.34
C PHE B 622 30.93 26.29 -9.57
N ASN B 623 29.89 26.94 -9.07
CA ASN B 623 30.04 28.27 -8.51
C ASN B 623 30.05 28.30 -6.99
N ALA B 624 29.03 27.71 -6.35
CA ALA B 624 28.71 27.88 -4.93
C ALA B 624 28.54 29.36 -4.55
N ASP B 625 28.09 30.14 -5.52
CA ASP B 625 27.72 31.53 -5.34
C ASP B 625 26.43 31.87 -6.05
N ARG B 626 25.96 31.01 -6.96
CA ARG B 626 24.57 31.01 -7.40
C ARG B 626 23.66 30.39 -6.36
N LEU B 627 24.23 29.76 -5.33
CA LEU B 627 23.50 29.37 -4.12
C LEU B 627 23.14 30.55 -3.25
N ILE B 628 23.73 31.72 -3.48
CA ILE B 628 23.53 32.89 -2.63
C ILE B 628 22.31 33.63 -3.15
N GLY B 629 21.44 34.07 -2.25
CA GLY B 629 20.34 34.91 -2.66
C GLY B 629 19.20 34.91 -1.66
N THR B 630 18.12 35.56 -2.06
CA THR B 630 16.91 35.70 -1.28
C THR B 630 15.81 34.83 -1.88
N GLU B 631 14.59 34.98 -1.37
CA GLU B 631 13.45 34.25 -1.90
C GLU B 631 13.02 34.74 -3.28
N ALA B 632 13.51 35.90 -3.72
CA ALA B 632 13.18 36.39 -5.06
C ALA B 632 13.76 35.51 -6.17
N ASP B 633 14.79 34.73 -5.87
CA ASP B 633 15.37 33.75 -6.77
C ASP B 633 15.65 32.45 -6.03
N ASP B 634 14.65 31.96 -5.28
CA ASP B 634 14.81 30.79 -4.43
C ASP B 634 14.86 29.49 -5.23
N ARG B 635 14.00 29.37 -6.25
CA ARG B 635 13.86 28.09 -6.94
C ARG B 635 15.07 27.81 -7.83
N GLU B 636 15.68 28.84 -8.41
CA GLU B 636 16.91 28.64 -9.16
C GLU B 636 18.06 28.25 -8.26
N ARG B 637 18.11 28.78 -7.03
CA ARG B 637 19.12 28.34 -6.06
C ARG B 637 18.92 26.89 -5.67
N GLN B 638 17.66 26.47 -5.49
CA GLN B 638 17.40 25.07 -5.18
C GLN B 638 17.76 24.15 -6.34
N GLN B 639 17.49 24.59 -7.57
CA GLN B 639 17.89 23.81 -8.74
C GLN B 639 19.40 23.76 -8.89
N TYR B 640 20.11 24.82 -8.53
CA TYR B 640 21.57 24.77 -8.58
C TYR B 640 22.14 23.88 -7.48
N LEU B 641 21.47 23.80 -6.33
CA LEU B 641 21.91 22.84 -5.33
C LEU B 641 21.63 21.41 -5.78
N GLU B 642 20.56 21.20 -6.54
CA GLU B 642 20.33 19.90 -7.15
C GLU B 642 21.38 19.59 -8.22
N GLN B 643 21.83 20.61 -8.96
CA GLN B 643 22.94 20.44 -9.90
C GLN B 643 24.26 20.23 -9.18
N LEU B 644 24.39 20.71 -7.95
CA LEU B 644 25.59 20.47 -7.15
C LEU B 644 25.68 19.03 -6.72
N SER B 645 24.56 18.32 -6.63
CA SER B 645 24.60 16.89 -6.48
C SER B 645 24.99 16.24 -7.80
N LYS B 646 25.15 14.92 -7.76
CA LYS B 646 25.78 14.04 -8.77
C LYS B 646 27.27 14.33 -8.95
N VAL B 647 27.86 15.17 -8.09
CA VAL B 647 29.31 15.15 -7.86
C VAL B 647 29.62 14.43 -6.56
N ASN B 648 28.62 14.09 -5.79
CA ASN B 648 28.78 13.24 -4.63
C ASN B 648 29.22 11.84 -5.04
N GLY B 649 30.07 11.25 -4.21
CA GLY B 649 30.69 10.00 -4.57
C GLY B 649 31.98 10.14 -5.33
N THR B 650 32.41 11.37 -5.61
CA THR B 650 33.72 11.60 -6.20
C THR B 650 34.79 11.21 -5.20
N ILE B 651 35.62 10.23 -5.56
CA ILE B 651 36.72 9.83 -4.71
C ILE B 651 37.77 10.95 -4.69
N ALA B 652 38.16 11.38 -3.51
CA ALA B 652 39.13 12.44 -3.35
C ALA B 652 40.30 11.94 -2.52
N ARG B 653 41.51 12.08 -3.05
CA ARG B 653 42.72 11.70 -2.33
C ARG B 653 43.16 12.86 -1.46
N ILE B 654 43.11 12.68 -0.16
CA ILE B 654 43.66 13.66 0.76
C ILE B 654 45.02 13.17 1.20
N GLU B 655 45.79 14.07 1.81
CA GLU B 655 47.02 13.69 2.49
C GLU B 655 46.98 14.32 3.87
N TYR B 656 46.89 13.49 4.90
CA TYR B 656 47.08 13.95 6.26
C TYR B 656 48.56 13.72 6.60
N ARG B 657 48.91 13.81 7.89
CA ARG B 657 50.31 13.75 8.31
C ARG B 657 50.80 12.30 8.17
N GLY B 658 51.16 11.95 6.93
CA GLY B 658 51.63 10.63 6.58
C GLY B 658 50.56 9.68 6.09
N GLY B 659 49.29 10.01 6.26
CA GLY B 659 48.19 9.10 5.96
C GLY B 659 47.41 9.53 4.74
N ILE B 660 46.98 8.56 3.93
CA ILE B 660 46.14 8.79 2.76
C ILE B 660 44.95 7.85 2.89
N ILE B 661 43.73 8.41 2.79
CA ILE B 661 42.53 7.65 3.07
C ILE B 661 41.75 7.30 1.79
N GLU B 662 41.74 8.19 0.79
CA GLU B 662 41.09 7.99 -0.52
C GLU B 662 39.59 7.71 -0.35
N ILE B 663 38.88 8.73 0.08
CA ILE B 663 37.48 8.58 0.48
C ILE B 663 36.58 9.36 -0.48
N PRO B 664 35.40 8.85 -0.83
CA PRO B 664 34.45 9.65 -1.62
C PRO B 664 33.91 10.83 -0.83
N ILE B 665 33.39 11.82 -1.56
CA ILE B 665 32.92 13.05 -0.94
C ILE B 665 31.40 13.11 -1.01
N TRP B 666 30.83 13.70 0.04
CA TRP B 666 29.40 13.97 0.13
C TRP B 666 29.24 15.41 0.52
N LEU B 667 28.44 16.14 -0.26
CA LEU B 667 28.27 17.56 0.00
C LEU B 667 27.33 17.78 1.17
N LEU B 668 27.73 18.68 2.06
CA LEU B 668 26.94 19.01 3.24
C LEU B 668 26.83 20.53 3.28
N PRO B 669 25.67 21.08 2.93
CA PRO B 669 25.53 22.55 2.87
C PRO B 669 25.71 23.27 4.19
N GLY B 670 25.48 22.61 5.32
CA GLY B 670 25.72 23.29 6.58
C GLY B 670 27.16 23.34 7.04
N HIS B 671 28.06 22.70 6.30
CA HIS B 671 29.43 22.52 6.75
C HIS B 671 30.22 23.82 6.77
N ALA B 672 31.15 23.90 7.72
CA ALA B 672 32.08 25.01 7.78
C ALA B 672 33.05 24.94 6.61
N GLU B 673 33.42 26.10 6.09
CA GLU B 673 34.32 26.16 4.95
C GLU B 673 35.73 25.75 5.35
N ASP B 674 36.44 25.14 4.39
CA ASP B 674 37.79 24.57 4.56
C ASP B 674 37.85 23.54 5.68
N SER B 675 36.75 22.82 5.91
CA SER B 675 36.67 21.83 6.97
C SER B 675 36.14 20.53 6.39
N ILE B 676 36.72 19.41 6.83
CA ILE B 676 36.38 18.10 6.31
C ILE B 676 35.92 17.25 7.48
N THR B 677 34.81 16.53 7.31
CA THR B 677 34.31 15.64 8.35
C THR B 677 34.49 14.20 7.88
N LEU B 678 35.45 13.52 8.48
CA LEU B 678 35.62 12.08 8.31
C LEU B 678 35.02 11.41 9.53
N ASN B 679 34.24 10.35 9.31
CA ASN B 679 33.50 9.71 10.38
C ASN B 679 34.21 8.45 10.82
N LEU B 680 34.60 8.41 12.09
CA LEU B 680 35.20 7.22 12.67
C LEU B 680 34.17 6.12 12.80
N GLY B 681 34.57 4.90 12.50
CA GLY B 681 33.69 3.77 12.74
C GLY B 681 33.63 2.76 11.62
N TYR B 682 34.13 3.14 10.45
CA TYR B 682 34.04 2.33 9.25
C TYR B 682 35.41 1.75 8.89
N GLY B 683 35.46 1.08 7.76
CA GLY B 683 36.68 0.47 7.29
C GLY B 683 37.10 -0.77 8.06
N ARG B 684 36.19 -1.38 8.79
CA ARG B 684 36.52 -2.58 9.54
C ARG B 684 36.69 -3.78 8.61
N THR B 685 37.56 -4.69 9.01
CA THR B 685 37.85 -5.87 8.21
C THR B 685 37.33 -7.16 8.81
N HIS B 686 37.24 -7.26 10.13
CA HIS B 686 36.89 -8.51 10.78
C HIS B 686 35.53 -8.45 11.47
N ALA B 687 34.66 -7.54 11.04
CA ALA B 687 33.27 -7.64 11.42
C ALA B 687 32.60 -8.75 10.61
N GLY B 688 31.36 -9.05 10.95
CA GLY B 688 30.67 -10.19 10.37
C GLY B 688 30.13 -9.93 8.98
N ARG B 689 29.05 -10.65 8.65
CA ARG B 689 28.42 -10.53 7.34
C ARG B 689 27.85 -9.14 7.10
N VAL B 690 27.48 -8.44 8.16
CA VAL B 690 27.10 -7.03 8.10
C VAL B 690 28.34 -6.18 8.33
N GLY B 691 28.67 -5.33 7.37
CA GLY B 691 29.80 -4.45 7.52
C GLY B 691 31.15 -5.13 7.50
N ASN B 692 31.32 -6.13 6.63
CA ASN B 692 32.60 -6.83 6.53
C ASN B 692 33.68 -5.94 5.93
N ASN B 693 33.30 -5.08 4.99
CA ASN B 693 34.21 -4.12 4.40
C ASN B 693 33.52 -2.78 4.15
N VAL B 694 32.47 -2.49 4.93
CA VAL B 694 31.66 -1.30 4.70
C VAL B 694 32.43 -0.04 5.10
N GLY B 695 32.38 0.96 4.24
CA GLY B 695 33.01 2.21 4.54
C GLY B 695 34.49 2.18 4.22
N ILE B 696 35.13 3.28 4.59
CA ILE B 696 36.55 3.47 4.33
C ILE B 696 37.18 4.02 5.60
N ASP B 697 38.31 3.42 6.01
CA ASP B 697 38.78 3.57 7.39
C ASP B 697 39.41 4.93 7.63
N VAL B 698 38.91 5.59 8.69
CA VAL B 698 39.40 6.89 9.09
C VAL B 698 40.51 6.81 10.14
N TYR B 699 40.48 5.77 10.98
CA TYR B 699 41.48 5.58 12.04
C TYR B 699 42.97 5.55 11.63
N PRO B 700 43.43 4.87 10.57
CA PRO B 700 44.87 4.81 10.35
C PRO B 700 45.47 6.06 9.71
N ILE B 701 44.73 7.16 9.62
CA ILE B 701 45.33 8.44 9.25
C ILE B 701 45.29 9.34 10.48
N ARG B 702 44.42 9.01 11.43
CA ARG B 702 44.19 9.84 12.60
C ARG B 702 45.42 9.87 13.50
N THR B 703 45.73 11.06 14.02
CA THR B 703 46.99 11.31 14.72
C THR B 703 46.72 11.45 16.21
N SER B 704 47.50 10.73 17.02
CA SER B 704 47.32 10.71 18.47
C SER B 704 47.61 12.06 19.14
N ASP B 705 48.40 12.93 18.50
CA ASP B 705 48.70 14.23 19.09
C ASP B 705 47.47 15.11 19.15
N SER B 706 46.66 15.13 18.08
CA SER B 706 45.40 15.85 18.04
C SER B 706 44.35 14.92 17.46
N PRO B 707 43.68 14.12 18.31
CA PRO B 707 42.84 13.03 17.80
C PRO B 707 41.55 13.49 17.15
N TRP B 708 41.17 14.76 17.28
CA TRP B 708 39.86 15.19 16.80
C TRP B 708 39.92 16.10 15.58
N PHE B 709 40.91 16.97 15.47
CA PHE B 709 41.08 17.72 14.23
C PHE B 709 42.56 18.05 14.01
N GLY B 710 42.90 18.29 12.76
CA GLY B 710 44.24 18.77 12.41
C GLY B 710 44.19 19.53 11.11
N ALA B 711 45.08 20.52 10.98
CA ALA B 711 44.93 21.60 10.03
C ALA B 711 45.70 21.41 8.73
N GLY B 712 46.29 20.24 8.50
CA GLY B 712 46.98 20.03 7.25
C GLY B 712 46.38 18.94 6.39
N ALA B 713 45.77 19.29 5.27
CA ALA B 713 45.15 18.33 4.39
C ALA B 713 45.34 18.75 2.94
N ARG B 714 45.55 17.76 2.07
CA ARG B 714 45.78 18.00 0.64
C ARG B 714 44.68 17.31 -0.16
N VAL B 715 43.53 17.94 -0.30
CA VAL B 715 42.40 17.36 -1.01
C VAL B 715 42.64 17.53 -2.50
N THR B 716 42.98 16.44 -3.18
CA THR B 716 43.17 16.44 -4.61
C THR B 716 42.14 15.51 -5.24
N ASN B 717 41.81 15.81 -6.49
CA ASN B 717 40.88 14.96 -7.21
C ASN B 717 41.55 13.64 -7.60
N THR B 718 40.72 12.64 -7.84
CA THR B 718 41.18 11.34 -8.28
C THR B 718 40.39 10.84 -9.47
N GLY B 719 39.14 11.28 -9.63
CA GLY B 719 38.23 10.60 -10.54
C GLY B 719 37.56 9.48 -9.78
N ARG B 720 37.24 8.40 -10.50
CA ARG B 720 36.81 7.10 -9.94
C ARG B 720 35.61 7.26 -8.99
N THR B 721 34.50 7.72 -9.56
CA THR B 721 33.33 8.07 -8.78
C THR B 721 32.71 6.83 -8.15
N TYR B 722 32.42 6.90 -6.86
CA TYR B 722 31.87 5.77 -6.13
C TYR B 722 30.37 5.96 -5.92
N LEU B 723 29.65 4.85 -5.88
CA LEU B 723 28.23 4.89 -5.58
C LEU B 723 28.05 5.20 -4.09
N LEU B 724 27.78 6.46 -3.78
CA LEU B 724 27.42 6.87 -2.43
C LEU B 724 25.90 6.93 -2.35
N VAL B 725 25.34 6.17 -1.42
CA VAL B 725 23.91 5.84 -1.44
C VAL B 725 23.23 6.64 -0.35
N SER B 726 22.16 7.34 -0.72
CA SER B 726 21.40 8.14 0.22
C SER B 726 19.93 7.75 0.18
N THR B 727 19.24 8.05 1.27
CA THR B 727 17.82 7.72 1.39
C THR B 727 16.94 8.82 0.83
N GLN B 728 17.46 10.05 0.73
CA GLN B 728 16.63 11.17 0.34
C GLN B 728 16.81 11.58 -1.12
N ASP B 729 18.08 11.82 -1.48
CA ASP B 729 18.45 12.19 -2.85
C ASP B 729 18.17 13.63 -3.18
N HIS B 730 17.08 14.15 -2.69
CA HIS B 730 16.72 15.54 -2.95
C HIS B 730 16.79 16.31 -1.65
N TRP B 731 17.43 17.47 -1.69
CA TRP B 731 17.88 18.08 -0.45
C TRP B 731 16.98 19.20 0.04
N THR B 732 16.44 20.02 -0.85
CA THR B 732 15.65 21.17 -0.44
C THR B 732 14.17 20.89 -0.63
N LEU B 733 13.35 21.41 0.27
CA LEU B 733 11.92 21.43 0.02
C LEU B 733 11.66 22.40 -1.12
N GLU B 734 10.94 21.93 -2.13
CA GLU B 734 10.87 22.67 -3.40
C GLU B 734 9.68 23.63 -3.39
N GLY B 735 9.71 24.55 -2.43
CA GLY B 735 8.70 25.59 -2.31
C GLY B 735 7.32 25.08 -1.98
N ARG B 736 7.20 24.15 -1.05
CA ARG B 736 5.89 23.63 -0.64
C ARG B 736 5.70 23.81 0.86
N ASP B 737 4.50 23.50 1.33
CA ASP B 737 4.16 23.65 2.75
C ASP B 737 4.35 22.35 3.50
N ILE B 738 5.58 21.99 3.73
CA ILE B 738 5.94 20.74 4.39
C ILE B 738 6.39 20.97 5.82
N TYR B 739 7.32 21.90 6.01
CA TYR B 739 7.90 22.25 7.30
C TYR B 739 7.59 23.71 7.57
N ARG B 740 6.72 23.96 8.53
CA ARG B 740 6.24 25.29 8.83
C ARG B 740 7.06 25.87 9.97
N VAL B 741 7.64 27.05 9.74
CA VAL B 741 8.57 27.67 10.68
C VAL B 741 7.98 29.00 11.13
N GLY B 742 8.14 29.29 12.42
CA GLY B 742 7.66 30.53 12.99
C GLY B 742 8.69 31.16 13.89
N GLU B 743 8.29 32.25 14.53
CA GLU B 743 9.09 32.94 15.52
C GLU B 743 8.31 33.04 16.82
N PHE B 744 9.02 33.00 17.94
CA PHE B 744 8.37 32.91 19.24
C PHE B 744 7.67 34.20 19.65
N LYS B 745 8.14 35.36 19.18
CA LYS B 745 7.46 36.60 19.52
C LYS B 745 6.10 36.70 18.84
N LYS B 746 6.03 36.39 17.55
CA LYS B 746 4.75 36.45 16.86
C LYS B 746 3.87 35.25 17.21
N PHE B 747 4.46 34.10 17.54
CA PHE B 747 3.66 32.97 18.03
C PHE B 747 3.10 33.28 19.41
N LYS B 748 3.85 33.99 20.23
CA LYS B 748 3.37 34.45 21.52
C LYS B 748 2.23 35.44 21.37
N GLU B 749 2.35 36.37 20.42
CA GLU B 749 1.27 37.33 20.22
C GLU B 749 0.09 36.74 19.48
N ASP B 750 0.31 35.76 18.61
CA ASP B 750 -0.75 35.11 17.86
C ASP B 750 -0.38 33.65 17.60
N PRO B 751 -1.00 32.64 18.23
CA PRO B 751 -0.46 31.29 17.95
C PRO B 751 -0.72 30.73 16.58
N LYS B 752 -1.81 31.14 15.95
CA LYS B 752 -2.18 30.58 14.66
C LYS B 752 -1.56 31.33 13.48
N TYR B 753 -0.63 32.26 13.74
CA TYR B 753 -0.09 33.09 12.67
C TYR B 753 0.77 32.32 11.69
N ILE B 754 1.27 31.15 12.08
CA ILE B 754 2.10 30.34 11.19
C ILE B 754 1.29 29.85 10.01
N ALA B 755 0.07 29.34 10.25
CA ALA B 755 -0.80 28.94 9.17
C ALA B 755 -1.33 30.13 8.39
N LYS B 756 -1.58 31.25 9.06
CA LYS B 756 -2.17 32.42 8.41
C LYS B 756 -1.23 33.03 7.38
N GLU B 757 0.08 33.03 7.64
CA GLU B 757 1.02 33.52 6.65
C GLU B 757 1.22 32.53 5.51
N VAL B 758 1.07 31.22 5.79
CA VAL B 758 1.10 30.23 4.71
C VAL B 758 -0.10 30.41 3.80
N TYR B 759 -1.29 30.44 4.38
CA TYR B 759 -2.53 30.38 3.62
C TYR B 759 -2.88 31.70 2.96
N GLN B 760 -2.26 32.80 3.36
CA GLN B 760 -2.46 34.06 2.66
C GLN B 760 -1.71 34.07 1.34
N GLU B 761 -0.55 33.44 1.28
CA GLU B 761 0.19 33.37 0.02
C GLU B 761 -0.41 32.34 -0.93
N GLU B 762 -0.91 31.23 -0.39
CA GLU B 762 -1.45 30.16 -1.23
C GLU B 762 -2.83 30.52 -1.77
N TYR B 763 -3.74 30.91 -0.87
CA TYR B 763 -5.14 31.09 -1.23
C TYR B 763 -5.66 32.50 -1.05
N GLY B 764 -4.93 33.38 -0.37
CA GLY B 764 -5.43 34.71 -0.12
C GLY B 764 -6.47 34.81 0.96
N ARG B 765 -6.71 33.72 1.69
CA ARG B 765 -7.60 33.71 2.85
C ARG B 765 -6.81 33.18 4.04
N GLU B 766 -7.16 33.68 5.22
CA GLU B 766 -6.41 33.34 6.42
C GLU B 766 -6.63 31.89 6.84
N THR B 767 -7.84 31.38 6.60
CA THR B 767 -8.23 30.04 6.94
C THR B 767 -8.66 29.30 5.67
N PRO B 768 -8.11 28.12 5.38
CA PRO B 768 -8.51 27.41 4.17
C PRO B 768 -9.89 26.79 4.33
N ASN B 769 -10.56 26.60 3.21
CA ASN B 769 -11.87 25.95 3.18
C ASN B 769 -11.72 24.75 2.27
N TYR B 770 -11.30 23.63 2.84
CA TYR B 770 -11.06 22.40 2.09
C TYR B 770 -12.36 21.62 2.05
N GLN B 771 -13.14 21.84 0.99
CA GLN B 771 -14.36 21.09 0.79
C GLN B 771 -14.02 19.68 0.35
N SER B 772 -14.81 18.71 0.82
CA SER B 772 -14.55 17.32 0.47
C SER B 772 -15.86 16.63 0.10
N LEU B 773 -15.79 15.82 -0.96
CA LEU B 773 -16.95 15.04 -1.37
C LEU B 773 -17.17 13.85 -0.44
N GLN B 774 -16.10 13.15 -0.06
CA GLN B 774 -16.25 11.91 0.68
C GLN B 774 -16.59 12.18 2.14
N PRO B 775 -17.53 11.43 2.71
CA PRO B 775 -17.97 11.73 4.08
C PRO B 775 -16.98 11.30 5.13
N GLY B 776 -16.39 10.12 4.97
CA GLY B 776 -15.61 9.54 6.04
C GLY B 776 -16.48 8.86 7.07
N ASP B 777 -15.89 8.68 8.25
CA ASP B 777 -16.61 8.24 9.44
C ASP B 777 -16.53 9.36 10.47
N ASP B 778 -17.43 9.32 11.45
CA ASP B 778 -17.50 10.46 12.35
C ASP B 778 -16.53 10.38 13.52
N TYR B 779 -16.37 9.19 14.11
CA TYR B 779 -15.46 8.93 15.24
C TYR B 779 -15.80 9.80 16.46
N THR B 780 -17.06 9.75 16.89
CA THR B 780 -17.46 10.59 18.02
C THR B 780 -17.13 9.93 19.35
N GLY B 781 -17.75 8.79 19.63
CA GLY B 781 -17.65 8.19 20.96
C GLY B 781 -16.58 7.14 21.07
N ARG B 782 -15.63 7.13 20.14
CA ARG B 782 -14.63 6.09 20.04
C ARG B 782 -13.27 6.59 20.52
N ASN B 783 -12.36 5.65 20.76
CA ASN B 783 -10.98 5.98 21.10
C ASN B 783 -10.19 6.11 19.82
N ALA B 784 -10.08 7.32 19.30
CA ALA B 784 -9.41 7.57 18.03
C ALA B 784 -7.93 7.84 18.29
N TRP B 785 -7.06 6.96 17.82
CA TRP B 785 -5.63 7.08 18.09
C TRP B 785 -4.97 8.06 17.13
N GLY B 786 -4.19 8.97 17.69
CA GLY B 786 -3.50 9.96 16.88
C GLY B 786 -2.09 10.17 17.37
N MET B 787 -1.24 10.61 16.46
CA MET B 787 0.15 10.93 16.74
C MET B 787 0.32 12.44 16.63
N THR B 788 1.24 12.96 17.42
CA THR B 788 1.62 14.37 17.42
C THR B 788 3.14 14.42 17.41
N ILE B 789 3.71 15.19 16.49
CA ILE B 789 5.15 15.35 16.38
C ILE B 789 5.49 16.84 16.45
N ASN B 790 6.29 17.20 17.44
CA ASN B 790 6.71 18.58 17.63
C ASN B 790 8.01 18.81 16.87
N LEU B 791 7.95 19.66 15.85
CA LEU B 791 9.15 19.99 15.10
C LEU B 791 10.10 20.87 15.87
N ASN B 792 9.62 21.55 16.90
CA ASN B 792 10.52 22.28 17.80
C ASN B 792 11.36 21.34 18.65
N ALA B 793 10.89 20.13 18.87
CA ALA B 793 11.58 19.24 19.77
C ALA B 793 12.41 18.18 19.07
N CYS B 794 12.08 17.82 17.85
CA CYS B 794 12.82 16.74 17.18
C CYS B 794 14.15 17.29 16.66
N ILE B 795 15.20 16.49 16.81
CA ILE B 795 16.55 16.96 16.53
C ILE B 795 17.22 16.18 15.41
N GLY B 796 16.73 14.99 15.08
CA GLY B 796 17.41 14.13 14.13
C GLY B 796 18.15 13.04 14.87
N CYS B 797 17.60 12.62 16.01
CA CYS B 797 18.28 11.63 16.84
C CYS B 797 18.30 10.27 16.17
N ASN B 798 17.28 9.97 15.37
CA ASN B 798 17.06 8.72 14.64
C ASN B 798 16.91 7.50 15.53
N ALA B 799 16.75 7.68 16.85
CA ALA B 799 16.39 6.58 17.71
C ALA B 799 14.97 6.11 17.49
N CYS B 800 14.08 6.98 16.97
CA CYS B 800 12.71 6.54 16.70
C CYS B 800 12.65 5.60 15.51
N VAL B 801 13.58 5.76 14.55
CA VAL B 801 13.59 4.83 13.42
C VAL B 801 14.09 3.45 13.86
N VAL B 802 15.13 3.39 14.68
CA VAL B 802 15.64 2.12 15.19
C VAL B 802 14.62 1.45 16.11
N ALA B 803 13.90 2.26 16.89
CA ALA B 803 12.86 1.70 17.75
C ALA B 803 11.73 1.10 16.97
N CYS B 804 11.27 1.76 15.92
CA CYS B 804 10.14 1.20 15.18
C CYS B 804 10.63 0.07 14.27
N GLN B 805 11.94 0.02 13.99
CA GLN B 805 12.54 -1.13 13.33
C GLN B 805 12.60 -2.34 14.26
N ALA B 806 13.01 -2.15 15.51
CA ALA B 806 13.15 -3.25 16.46
C ALA B 806 11.81 -3.82 16.89
N GLU B 807 10.83 -2.94 17.09
CA GLU B 807 9.52 -3.38 17.58
C GLU B 807 8.78 -4.18 16.53
N ASN B 808 8.89 -3.78 15.27
CA ASN B 808 7.97 -4.23 14.23
C ASN B 808 8.62 -5.13 13.21
N ASN B 809 9.79 -5.71 13.52
CA ASN B 809 10.46 -6.73 12.71
C ASN B 809 10.78 -6.26 11.29
N ILE B 810 11.10 -4.99 11.11
CA ILE B 810 11.39 -4.50 9.76
C ILE B 810 12.76 -4.99 9.35
N ALA B 811 12.82 -5.62 8.18
CA ALA B 811 14.03 -6.26 7.71
C ALA B 811 15.04 -5.22 7.24
N VAL B 812 16.31 -5.60 7.30
CA VAL B 812 17.41 -4.78 6.80
C VAL B 812 17.69 -5.22 5.38
N VAL B 813 17.58 -4.30 4.44
CA VAL B 813 18.02 -4.53 3.09
C VAL B 813 19.46 -4.03 2.97
N GLY B 814 20.17 -4.51 1.97
CA GLY B 814 21.57 -4.20 1.82
C GLY B 814 21.77 -2.83 1.20
N LYS B 815 23.03 -2.56 0.84
CA LYS B 815 23.36 -1.33 0.14
C LYS B 815 22.75 -1.32 -1.26
N ASP B 816 22.58 -2.50 -1.87
CA ASP B 816 22.04 -2.60 -3.22
C ASP B 816 20.60 -2.14 -3.28
N GLN B 817 19.77 -2.54 -2.33
CA GLN B 817 18.36 -2.18 -2.40
C GLN B 817 18.09 -0.74 -1.98
N VAL B 818 18.95 -0.13 -1.17
CA VAL B 818 18.83 1.31 -0.97
C VAL B 818 19.38 2.06 -2.16
N SER B 819 20.33 1.47 -2.89
CA SER B 819 20.76 2.05 -4.16
C SER B 819 19.63 2.03 -5.17
N ARG B 820 18.82 0.97 -5.18
CA ARG B 820 17.61 0.98 -5.99
C ARG B 820 16.59 1.93 -5.41
N GLY B 821 16.50 2.01 -4.10
CA GLY B 821 15.55 2.90 -3.45
C GLY B 821 14.47 2.15 -2.72
N ARG B 822 14.81 0.98 -2.20
CA ARG B 822 13.87 0.08 -1.56
C ARG B 822 14.25 -0.18 -0.12
N GLU B 823 14.62 0.88 0.60
CA GLU B 823 14.81 0.77 2.03
C GLU B 823 13.48 0.48 2.71
N MET B 824 13.54 -0.20 3.84
CA MET B 824 12.34 -0.65 4.51
C MET B 824 12.37 0.05 5.85
N HIS B 825 11.73 1.21 5.92
CA HIS B 825 11.68 2.00 7.14
C HIS B 825 10.27 2.55 7.27
N TRP B 826 9.61 2.23 8.38
CA TRP B 826 8.23 2.65 8.56
C TRP B 826 8.13 4.12 8.95
N ILE B 827 9.16 4.65 9.61
CA ILE B 827 9.27 6.07 9.88
C ILE B 827 10.60 6.54 9.31
N ARG B 828 10.58 7.65 8.61
CA ARG B 828 11.77 8.21 8.00
C ARG B 828 11.91 9.65 8.49
N ILE B 829 13.14 10.15 8.48
CA ILE B 829 13.42 11.52 8.90
C ILE B 829 13.74 12.33 7.67
N ASP B 830 12.97 13.40 7.45
CA ASP B 830 13.12 14.27 6.29
C ASP B 830 14.05 15.41 6.66
N ARG B 831 15.20 15.52 6.01
CA ARG B 831 16.13 16.62 6.24
C ARG B 831 16.11 17.55 5.03
N TYR B 832 15.92 18.86 5.25
CA TYR B 832 15.45 19.70 4.17
C TYR B 832 16.25 20.96 3.83
N PHE B 833 17.23 21.37 4.64
CA PHE B 833 18.29 22.32 4.23
C PHE B 833 17.77 23.69 3.77
N ALA B 834 16.54 24.06 4.08
CA ALA B 834 15.92 25.22 3.46
C ALA B 834 16.37 26.49 4.16
N GLY B 835 16.86 27.45 3.37
CA GLY B 835 17.22 28.74 3.92
C GLY B 835 17.93 29.56 2.88
N GLU B 836 18.07 30.85 3.18
CA GLU B 836 18.81 31.76 2.31
C GLU B 836 20.29 31.44 2.38
N ASP B 837 20.98 31.81 1.29
CA ASP B 837 22.42 31.70 1.00
C ASP B 837 22.85 30.26 0.70
N LEU B 838 22.03 29.26 1.09
CA LEU B 838 22.11 27.84 0.73
C LEU B 838 23.49 27.18 0.93
N ASP B 839 24.36 27.84 1.66
CA ASP B 839 25.65 27.32 2.08
C ASP B 839 25.89 27.60 3.54
N ASN B 840 25.02 28.39 4.18
CA ASN B 840 24.83 28.40 5.62
C ASN B 840 23.31 28.32 5.80
N PRO B 841 22.72 27.13 5.63
CA PRO B 841 21.26 27.05 5.61
C PRO B 841 20.65 26.65 6.95
N SER B 842 19.33 26.73 7.04
CA SER B 842 18.60 26.18 8.17
C SER B 842 18.22 24.74 7.87
N ILE B 843 18.61 23.83 8.74
CA ILE B 843 18.40 22.40 8.55
C ILE B 843 17.17 21.99 9.36
N TYR B 844 16.30 21.20 8.74
CA TYR B 844 14.99 20.87 9.29
C TYR B 844 14.80 19.36 9.25
N MET B 845 14.74 18.71 10.41
CA MET B 845 14.45 17.28 10.46
C MET B 845 12.97 17.06 10.74
N MET B 846 12.34 16.18 9.96
CA MET B 846 10.92 15.89 10.09
C MET B 846 10.70 14.38 10.10
N PRO B 847 10.18 13.82 11.19
CA PRO B 847 9.80 12.40 11.14
C PRO B 847 8.55 12.23 10.27
N VAL B 848 8.55 11.18 9.46
CA VAL B 848 7.42 10.89 8.59
C VAL B 848 7.10 9.41 8.75
N ASN B 849 6.08 9.11 9.54
CA ASN B 849 5.42 7.80 9.61
C ASN B 849 4.14 7.95 8.79
N CYS B 850 3.23 7.00 8.90
CA CYS B 850 2.01 7.16 8.12
C CYS B 850 1.13 8.15 8.87
N MET B 851 0.45 9.02 8.14
CA MET B 851 -0.44 9.96 8.78
C MET B 851 -1.72 9.34 9.28
N GLN B 852 -1.98 8.07 8.95
CA GLN B 852 -3.19 7.33 9.33
C GLN B 852 -4.43 8.11 8.89
N CYS B 853 -4.54 8.24 7.57
CA CYS B 853 -5.37 9.24 6.94
C CYS B 853 -6.82 8.82 7.09
N GLU B 854 -7.66 9.71 7.65
CA GLU B 854 -9.06 9.35 7.87
C GLU B 854 -9.80 9.16 6.56
N LYS B 855 -9.55 10.02 5.59
CA LYS B 855 -10.00 9.83 4.21
C LYS B 855 -8.81 9.44 3.33
N ALA B 856 -8.44 8.17 3.42
CA ALA B 856 -7.13 7.73 2.96
C ALA B 856 -7.11 7.48 1.46
N PRO B 857 -6.21 8.13 0.71
CA PRO B 857 -6.07 7.81 -0.71
C PRO B 857 -5.54 6.41 -0.96
N CYS B 858 -4.85 5.86 0.02
CA CYS B 858 -4.20 4.56 0.00
C CYS B 858 -5.14 3.38 0.28
N GLU B 859 -6.36 3.61 0.76
CA GLU B 859 -7.30 2.51 0.87
C GLU B 859 -8.21 2.40 -0.34
N VAL B 860 -8.51 3.51 -0.99
CA VAL B 860 -9.49 3.53 -2.06
C VAL B 860 -8.97 2.83 -3.30
N VAL B 861 -7.66 2.63 -3.43
CA VAL B 861 -7.07 2.11 -4.65
C VAL B 861 -6.70 0.65 -4.56
N CYS B 862 -6.60 0.07 -3.37
CA CYS B 862 -5.96 -1.24 -3.27
C CYS B 862 -7.07 -2.28 -3.43
N PRO B 863 -7.03 -3.11 -4.47
CA PRO B 863 -8.26 -3.78 -4.94
C PRO B 863 -8.73 -4.94 -4.09
N VAL B 864 -7.87 -5.57 -3.30
CA VAL B 864 -8.30 -6.71 -2.51
C VAL B 864 -8.78 -6.31 -1.12
N ALA B 865 -8.98 -5.01 -0.88
CA ALA B 865 -9.45 -4.44 0.40
C ALA B 865 -8.56 -4.86 1.56
N ALA B 866 -7.26 -4.69 1.36
CA ALA B 866 -6.27 -5.13 2.34
C ALA B 866 -5.81 -4.01 3.25
N THR B 867 -5.88 -2.79 2.80
CA THR B 867 -5.67 -1.65 3.66
C THR B 867 -7.03 -0.97 3.77
N VAL B 868 -7.64 -1.12 4.95
CA VAL B 868 -8.96 -0.57 5.25
C VAL B 868 -8.84 0.19 6.57
N HIS B 869 -9.90 0.92 6.92
CA HIS B 869 -9.96 1.63 8.17
C HIS B 869 -10.80 0.85 9.17
N ASP B 870 -10.59 1.12 10.46
CA ASP B 870 -11.22 0.30 11.48
C ASP B 870 -12.18 1.21 12.24
N TYR B 871 -12.67 0.69 13.35
CA TYR B 871 -13.47 1.49 14.27
C TYR B 871 -12.61 2.57 14.93
N GLU B 872 -11.34 2.32 15.14
CA GLU B 872 -10.48 3.27 15.84
C GLU B 872 -9.82 4.29 14.92
N GLY B 873 -10.05 4.21 13.61
CA GLY B 873 -9.60 5.23 12.69
C GLY B 873 -8.18 5.09 12.18
N LEU B 874 -7.55 3.94 12.36
CA LEU B 874 -6.16 3.74 11.97
C LEU B 874 -6.07 2.80 10.77
N ASN B 875 -5.09 3.03 9.91
CA ASN B 875 -5.04 2.27 8.66
C ASN B 875 -4.62 0.83 8.91
N ASN B 876 -5.46 -0.11 8.50
CA ASN B 876 -5.29 -1.53 8.81
C ASN B 876 -4.62 -2.19 7.61
N MET B 877 -3.29 -2.20 7.60
CA MET B 877 -2.55 -2.89 6.53
C MET B 877 -2.47 -4.38 6.85
N VAL B 878 -3.12 -5.20 6.03
CA VAL B 878 -3.18 -6.64 6.23
C VAL B 878 -2.17 -7.29 5.30
N TYR B 879 -1.09 -7.81 5.87
CA TYR B 879 -0.03 -8.42 5.08
C TYR B 879 -0.48 -9.69 4.38
N ASN B 880 -1.32 -10.49 5.02
CA ASN B 880 -1.80 -11.70 4.41
C ASN B 880 -2.81 -11.48 3.29
N ARG B 881 -3.38 -10.30 3.10
CA ARG B 881 -4.30 -10.06 1.99
C ARG B 881 -3.62 -9.39 0.80
N CYS B 882 -2.46 -8.81 1.01
CA CYS B 882 -1.79 -8.13 -0.03
C CYS B 882 -1.40 -9.05 -1.14
N VAL B 883 -1.60 -8.63 -2.37
CA VAL B 883 -1.30 -9.44 -3.51
C VAL B 883 -0.11 -8.74 -4.08
N GLY B 884 0.07 -7.49 -3.74
CA GLY B 884 1.19 -6.69 -4.18
C GLY B 884 0.90 -5.85 -5.41
N THR B 885 -0.21 -5.12 -5.44
CA THR B 885 -0.47 -4.32 -6.61
C THR B 885 0.40 -3.08 -6.68
N LYS B 886 0.87 -2.59 -5.52
CA LYS B 886 1.67 -1.37 -5.36
C LYS B 886 0.98 -0.11 -5.90
N TYR B 887 -0.33 -0.09 -5.84
CA TYR B 887 -1.06 1.03 -6.29
C TYR B 887 -1.16 1.80 -5.04
N CYS B 888 -1.35 1.10 -3.95
CA CYS B 888 -1.40 1.72 -2.64
C CYS B 888 -0.14 2.52 -2.32
N SER B 889 1.01 2.14 -2.90
CA SER B 889 2.18 3.00 -2.82
C SER B 889 1.98 4.30 -3.58
N ASN B 890 1.52 4.20 -4.83
CA ASN B 890 1.45 5.34 -5.73
C ASN B 890 0.44 6.37 -5.28
N ASN B 891 -0.58 5.98 -4.53
CA ASN B 891 -1.61 6.93 -4.17
C ASN B 891 -1.44 7.54 -2.79
N CYS B 892 -0.61 6.99 -1.93
CA CYS B 892 -0.47 7.59 -0.61
C CYS B 892 0.45 8.79 -0.77
N PRO B 893 -0.03 10.01 -0.51
CA PRO B 893 0.70 11.21 -0.97
C PRO B 893 1.98 11.49 -0.22
N TYR B 894 2.26 10.73 0.83
CA TYR B 894 3.43 10.91 1.66
C TYR B 894 4.45 9.82 1.42
N LYS B 895 4.09 8.81 0.61
CA LYS B 895 4.96 7.72 0.17
C LYS B 895 5.58 6.96 1.33
N VAL B 896 4.78 6.76 2.38
CA VAL B 896 5.26 6.10 3.59
C VAL B 896 5.15 4.59 3.54
N ARG B 897 4.43 4.05 2.58
CA ARG B 897 4.30 2.60 2.47
C ARG B 897 5.59 2.03 1.90
N ARG B 898 5.88 0.78 2.25
CA ARG B 898 7.11 0.12 1.86
C ARG B 898 6.78 -1.27 1.36
N PHE B 899 7.43 -1.67 0.27
CA PHE B 899 7.11 -2.94 -0.38
C PHE B 899 8.24 -3.93 -0.20
N ASN B 900 7.89 -5.14 0.18
CA ASN B 900 8.84 -6.24 0.20
C ASN B 900 9.06 -6.68 -1.23
N PHE B 901 10.01 -6.03 -1.92
CA PHE B 901 10.28 -6.34 -3.31
C PHE B 901 10.90 -7.72 -3.46
N LEU B 902 11.93 -7.99 -2.67
CA LEU B 902 12.53 -9.32 -2.58
C LEU B 902 12.24 -9.89 -1.20
N GLN B 903 12.71 -11.11 -0.96
CA GLN B 903 12.58 -11.67 0.37
C GLN B 903 13.59 -10.98 1.28
N TYR B 904 13.16 -9.87 1.90
CA TYR B 904 14.05 -9.10 2.75
C TYR B 904 14.19 -9.72 4.13
N SER B 905 13.14 -10.37 4.63
CA SER B 905 13.14 -10.93 5.96
C SER B 905 14.10 -12.10 6.06
N ASP B 906 14.84 -12.15 7.16
CA ASP B 906 15.88 -13.16 7.34
C ASP B 906 15.24 -14.49 7.63
N THR B 907 15.14 -15.33 6.60
CA THR B 907 14.44 -16.60 6.67
C THR B 907 15.32 -17.74 7.18
N THR B 908 16.62 -17.53 7.35
CA THR B 908 17.54 -18.62 7.61
C THR B 908 18.29 -18.50 8.93
N THR B 909 18.80 -17.32 9.28
CA THR B 909 19.74 -17.23 10.39
C THR B 909 18.97 -17.21 11.70
N GLU B 910 19.22 -18.24 12.51
CA GLU B 910 18.41 -18.57 13.68
C GLU B 910 18.51 -17.49 14.76
N THR B 911 19.68 -16.87 14.89
CA THR B 911 19.85 -15.76 15.83
C THR B 911 18.99 -14.57 15.42
N PHE B 912 18.86 -14.31 14.12
CA PHE B 912 17.96 -13.27 13.67
C PHE B 912 16.51 -13.67 13.81
N LYS B 913 16.22 -14.97 13.79
CA LYS B 913 14.85 -15.43 14.06
C LYS B 913 14.50 -15.27 15.52
N LEU B 914 15.49 -15.28 16.41
CA LEU B 914 15.23 -15.04 17.81
C LEU B 914 14.93 -13.58 18.11
N ALA B 915 15.39 -12.66 17.27
CA ALA B 915 15.21 -11.23 17.55
C ALA B 915 13.85 -10.71 17.13
N PHE B 916 13.09 -11.47 16.34
CA PHE B 916 11.79 -11.00 15.88
C PHE B 916 10.80 -11.00 17.03
N ASN B 917 10.08 -9.89 17.18
CA ASN B 917 9.04 -9.82 18.20
C ASN B 917 7.84 -10.62 17.71
N PRO B 918 7.37 -11.61 18.46
CA PRO B 918 6.31 -12.48 17.97
C PRO B 918 4.91 -11.87 18.02
N ASP B 919 4.76 -10.64 18.46
CA ASP B 919 3.46 -9.99 18.41
C ASP B 919 3.20 -9.29 17.08
N VAL B 920 4.20 -9.24 16.19
CA VAL B 920 4.08 -8.65 14.86
C VAL B 920 4.40 -9.72 13.84
N THR B 921 3.69 -9.70 12.71
CA THR B 921 3.98 -10.58 11.60
C THR B 921 5.32 -10.23 10.97
N VAL B 922 6.11 -11.25 10.67
CA VAL B 922 7.31 -11.08 9.86
C VAL B 922 6.93 -11.27 8.41
N ARG B 923 7.16 -10.25 7.60
CA ARG B 923 6.51 -10.14 6.29
C ARG B 923 7.23 -10.98 5.23
N ILE B 924 6.45 -11.64 4.40
CA ILE B 924 6.94 -12.43 3.28
C ILE B 924 7.20 -11.50 2.10
N ARG B 925 7.84 -12.00 1.05
CA ARG B 925 8.05 -11.25 -0.18
C ARG B 925 6.72 -10.88 -0.84
N GLY B 926 6.62 -9.64 -1.28
CA GLY B 926 5.52 -9.23 -2.11
C GLY B 926 4.36 -8.58 -1.41
N VAL B 927 4.51 -8.12 -0.18
CA VAL B 927 3.43 -7.49 0.57
C VAL B 927 3.87 -6.12 1.02
N MET B 928 2.89 -5.27 1.35
CA MET B 928 3.16 -3.89 1.73
C MET B 928 3.44 -3.78 3.22
N GLU B 929 3.97 -2.62 3.61
CA GLU B 929 4.45 -2.36 4.95
C GLU B 929 4.40 -0.85 5.20
N LYS B 930 3.92 -0.46 6.38
CA LYS B 930 3.81 0.92 6.81
C LYS B 930 3.49 0.87 8.30
N CYS B 931 3.66 2.00 9.01
CA CYS B 931 3.59 1.85 10.45
C CYS B 931 2.14 1.95 10.87
N THR B 932 1.75 1.03 11.73
CA THR B 932 0.39 0.66 12.00
C THR B 932 -0.16 1.38 13.22
N TYR B 933 0.41 2.53 13.57
CA TYR B 933 0.34 3.13 14.91
C TYR B 933 0.74 2.14 16.00
N CYS B 934 1.64 1.24 15.63
CA CYS B 934 2.30 0.25 16.49
C CYS B 934 1.25 -0.62 17.18
N VAL B 935 0.44 -1.25 16.32
CA VAL B 935 -0.90 -1.73 16.69
C VAL B 935 -0.87 -2.98 17.56
N GLN B 936 0.28 -3.63 17.66
CA GLN B 936 0.43 -4.69 18.66
C GLN B 936 0.24 -4.13 20.07
N ARG B 937 0.75 -2.92 20.31
CA ARG B 937 0.58 -2.28 21.60
C ARG B 937 -0.84 -1.77 21.79
N ILE B 938 -1.47 -1.25 20.73
CA ILE B 938 -2.86 -0.83 20.80
C ILE B 938 -3.79 -2.01 21.07
N SER B 939 -3.57 -3.12 20.36
CA SER B 939 -4.37 -4.32 20.54
C SER B 939 -4.16 -4.93 21.91
N GLY B 940 -2.93 -4.96 22.40
CA GLY B 940 -2.68 -5.48 23.73
C GLY B 940 -3.29 -4.63 24.83
N ALA B 941 -3.19 -3.30 24.71
CA ALA B 941 -3.83 -2.44 25.69
C ALA B 941 -5.34 -2.48 25.59
N ARG B 942 -5.87 -2.71 24.39
CA ARG B 942 -7.31 -2.87 24.21
C ARG B 942 -7.81 -4.13 24.90
N ILE B 943 -7.11 -5.24 24.69
CA ILE B 943 -7.48 -6.50 25.32
C ILE B 943 -7.31 -6.42 26.84
N ALA B 944 -6.29 -5.68 27.30
CA ALA B 944 -6.09 -5.48 28.73
C ALA B 944 -7.21 -4.66 29.34
N ALA B 945 -7.61 -3.57 28.68
CA ALA B 945 -8.70 -2.73 29.15
C ALA B 945 -10.02 -3.50 29.19
N LYS B 946 -10.29 -4.31 28.16
CA LYS B 946 -11.55 -5.05 28.10
C LYS B 946 -11.58 -6.18 29.10
N ARG B 947 -10.44 -6.86 29.31
CA ARG B 947 -10.36 -7.90 30.31
C ARG B 947 -10.51 -7.33 31.72
N ALA B 948 -9.87 -6.20 32.00
CA ALA B 948 -10.01 -5.60 33.32
C ALA B 948 -11.38 -4.95 33.52
N ALA B 949 -12.05 -4.57 32.43
CA ALA B 949 -13.40 -4.04 32.55
C ALA B 949 -14.40 -5.16 32.80
N VAL B 950 -14.26 -6.30 32.15
CA VAL B 950 -15.16 -7.42 32.39
C VAL B 950 -14.82 -8.12 33.69
N GLN B 951 -13.59 -7.98 34.20
CA GLN B 951 -13.26 -8.55 35.50
C GLN B 951 -13.91 -7.76 36.61
N ALA B 952 -13.95 -6.42 36.48
CA ALA B 952 -14.71 -5.61 37.42
C ALA B 952 -16.21 -5.69 37.14
N GLY B 953 -16.59 -5.81 35.87
CA GLY B 953 -17.98 -5.86 35.49
C GLY B 953 -18.57 -4.54 35.05
N GLN B 954 -17.76 -3.55 34.69
CA GLN B 954 -18.24 -2.21 34.40
C GLN B 954 -18.97 -2.12 33.06
N SER B 955 -18.66 -3.02 32.12
CA SER B 955 -19.13 -3.01 30.73
C SER B 955 -18.82 -1.71 30.02
N SER B 956 -17.65 -1.11 30.28
CA SER B 956 -17.31 0.20 29.73
C SER B 956 -16.15 0.15 28.75
N TYR B 957 -15.07 -0.49 29.15
CA TYR B 957 -13.85 -0.50 28.34
C TYR B 957 -13.30 0.90 28.18
N VAL B 958 -12.78 1.46 29.26
CA VAL B 958 -12.09 2.74 29.21
C VAL B 958 -10.60 2.46 29.23
N ILE B 959 -9.88 3.01 28.26
CA ILE B 959 -8.45 2.78 28.09
C ILE B 959 -7.70 4.04 28.49
N SER B 960 -6.63 3.86 29.26
CA SER B 960 -5.87 4.97 29.82
C SER B 960 -5.10 5.73 28.74
N ASP B 961 -4.74 6.96 29.06
CA ASP B 961 -3.97 7.78 28.12
C ASP B 961 -2.53 7.28 28.02
N GLY B 962 -1.94 6.88 29.13
CA GLY B 962 -0.62 6.29 29.14
C GLY B 962 -0.60 4.81 28.90
N ALA B 963 -1.74 4.21 28.53
CA ALA B 963 -1.81 2.76 28.33
C ALA B 963 -1.03 2.34 27.09
N ILE B 964 -1.06 3.15 26.04
CA ILE B 964 -0.36 2.84 24.80
C ILE B 964 0.73 3.88 24.60
N GLN B 965 1.97 3.42 24.65
CA GLN B 965 3.13 4.19 24.25
C GLN B 965 3.76 3.44 23.10
N THR B 966 3.69 4.00 21.88
CA THR B 966 4.31 3.36 20.75
C THR B 966 5.83 3.40 20.90
N ALA B 967 6.51 2.51 20.18
CA ALA B 967 7.95 2.29 20.39
C ALA B 967 8.78 3.49 19.97
N CYS B 968 8.44 4.08 18.83
CA CYS B 968 9.05 5.32 18.37
C CYS B 968 8.54 6.55 19.12
N GLU B 969 7.56 6.37 20.01
CA GLU B 969 7.30 7.39 21.02
C GLU B 969 8.05 7.11 22.30
N GLN B 970 8.10 5.84 22.70
CA GLN B 970 8.75 5.45 23.93
C GLN B 970 10.26 5.64 23.87
N ALA B 971 10.84 5.72 22.68
CA ALA B 971 12.28 5.87 22.57
C ALA B 971 12.73 7.24 22.09
N CYS B 972 11.84 8.19 21.84
CA CYS B 972 12.32 9.52 21.50
C CYS B 972 12.82 10.25 22.73
N PRO B 973 14.10 10.63 22.77
CA PRO B 973 14.66 11.26 23.97
C PRO B 973 14.13 12.64 24.24
N THR B 974 13.74 13.37 23.19
CA THR B 974 13.21 14.71 23.32
C THR B 974 11.71 14.74 23.55
N GLY B 975 11.02 13.62 23.36
CA GLY B 975 9.58 13.57 23.58
C GLY B 975 8.76 14.29 22.53
N ALA B 976 9.29 14.44 21.31
CA ALA B 976 8.57 15.14 20.26
C ALA B 976 7.36 14.34 19.79
N ILE B 977 7.49 13.03 19.67
CA ILE B 977 6.39 12.18 19.27
C ILE B 977 5.48 11.95 20.47
N VAL B 978 4.21 12.30 20.33
CA VAL B 978 3.19 12.15 21.37
C VAL B 978 2.02 11.41 20.76
N PHE B 979 1.59 10.33 21.42
CA PHE B 979 0.55 9.45 20.90
C PHE B 979 -0.53 9.24 21.95
N GLY B 980 -1.77 9.12 21.49
CA GLY B 980 -2.86 8.74 22.39
C GLY B 980 -4.20 8.88 21.69
N ASP B 981 -5.25 8.89 22.51
CA ASP B 981 -6.61 9.11 22.04
C ASP B 981 -6.85 10.60 21.82
N ILE B 982 -7.52 10.95 20.72
CA ILE B 982 -7.75 12.36 20.42
C ILE B 982 -9.18 12.79 20.69
N ASN B 983 -10.14 11.87 20.73
CA ASN B 983 -11.51 12.23 21.07
C ASN B 983 -11.61 12.63 22.52
N ASP B 984 -10.86 11.97 23.40
CA ASP B 984 -10.80 12.33 24.80
C ASP B 984 -9.95 13.59 24.94
N SER B 985 -10.56 14.67 25.43
CA SER B 985 -9.86 15.96 25.52
C SER B 985 -8.81 16.00 26.62
N ASN B 986 -8.87 15.07 27.57
CA ASN B 986 -7.91 15.05 28.67
C ASN B 986 -6.55 14.54 28.26
N SER B 987 -6.44 13.87 27.13
CA SER B 987 -5.20 13.25 26.70
C SER B 987 -4.18 14.29 26.24
N ARG B 988 -2.90 13.92 26.31
CA ARG B 988 -1.83 14.83 25.92
C ARG B 988 -1.87 15.14 24.42
N VAL B 989 -2.19 14.14 23.60
CA VAL B 989 -2.17 14.34 22.16
C VAL B 989 -3.34 15.22 21.71
N ALA B 990 -4.48 15.18 22.40
CA ALA B 990 -5.60 16.04 22.02
C ALA B 990 -5.39 17.46 22.49
N LYS B 991 -4.72 17.64 23.63
CA LYS B 991 -4.32 18.97 24.05
C LYS B 991 -3.24 19.54 23.13
N TRP B 992 -2.39 18.68 22.58
CA TRP B 992 -1.38 19.14 21.63
C TRP B 992 -2.01 19.51 20.29
N LYS B 993 -3.03 18.76 19.87
CA LYS B 993 -3.70 19.03 18.60
C LYS B 993 -4.66 20.21 18.67
N ALA B 994 -5.03 20.66 19.87
CA ALA B 994 -5.82 21.86 20.01
C ALA B 994 -4.99 23.13 19.90
N GLU B 995 -3.66 23.01 19.87
CA GLU B 995 -2.79 24.16 19.73
C GLU B 995 -2.92 24.77 18.34
N GLY B 996 -2.69 26.08 18.27
CA GLY B 996 -2.88 26.80 17.02
C GLY B 996 -1.84 26.52 15.95
N HIS B 997 -0.65 26.09 16.34
CA HIS B 997 0.39 25.77 15.38
C HIS B 997 0.40 24.29 15.02
N ASN B 998 -0.62 23.54 15.44
CA ASN B 998 -0.81 22.20 14.92
C ASN B 998 -1.25 22.27 13.47
N TYR B 999 -0.64 21.44 12.63
CA TYR B 999 -1.02 21.39 11.23
C TYR B 999 -0.81 19.98 10.70
N GLY B 1000 -1.65 19.61 9.74
CA GLY B 1000 -1.50 18.34 9.05
C GLY B 1000 -0.72 18.53 7.77
N LEU B 1001 0.06 17.51 7.41
CA LEU B 1001 0.88 17.57 6.22
C LEU B 1001 0.01 17.41 4.98
N LEU B 1002 0.20 18.31 4.01
CA LEU B 1002 -0.52 18.34 2.73
C LEU B 1002 -2.04 18.38 2.94
N GLY B 1003 -2.49 19.51 3.48
CA GLY B 1003 -3.90 19.67 3.78
C GLY B 1003 -4.79 19.73 2.56
N PHE B 1004 -4.25 20.13 1.41
CA PHE B 1004 -5.05 20.30 0.20
C PHE B 1004 -5.55 18.96 -0.34
N LEU B 1005 -4.85 17.86 -0.08
CA LEU B 1005 -5.38 16.53 -0.39
C LEU B 1005 -6.24 16.25 0.83
N ASN B 1006 -7.51 16.00 0.69
CA ASN B 1006 -8.44 15.88 1.82
C ASN B 1006 -8.29 14.51 2.49
N THR B 1007 -7.13 14.31 3.13
CA THR B 1007 -6.83 13.05 3.79
C THR B 1007 -7.24 13.05 5.25
N VAL B 1008 -7.25 14.23 5.87
CA VAL B 1008 -7.48 14.45 7.31
C VAL B 1008 -6.53 13.56 8.11
N PRO B 1009 -5.25 13.90 8.20
CA PRO B 1009 -4.29 13.07 8.92
C PRO B 1009 -4.59 12.98 10.40
N ARG B 1010 -4.29 11.81 10.98
CA ARG B 1010 -4.30 11.65 12.41
C ARG B 1010 -2.93 11.91 13.04
N THR B 1011 -1.87 11.69 12.28
CA THR B 1011 -0.55 12.19 12.66
C THR B 1011 -0.44 13.62 12.17
N THR B 1012 -0.42 14.56 13.10
CA THR B 1012 -0.25 15.97 12.77
C THR B 1012 1.07 16.46 13.34
N TYR B 1013 1.45 17.65 12.91
CA TYR B 1013 2.73 18.24 13.26
C TYR B 1013 2.49 19.57 13.96
N LEU B 1014 3.31 19.86 14.96
CA LEU B 1014 3.41 21.22 15.49
C LEU B 1014 4.49 21.94 14.72
N ALA B 1015 4.19 23.13 14.24
CA ALA B 1015 5.15 23.90 13.47
C ALA B 1015 6.31 24.34 14.34
N ARG B 1016 7.50 24.30 13.77
CA ARG B 1016 8.71 24.65 14.52
C ARG B 1016 8.70 26.14 14.80
N VAL B 1017 8.48 26.48 16.06
CA VAL B 1017 8.48 27.87 16.50
C VAL B 1017 9.89 28.17 17.00
N ARG B 1018 10.62 29.04 16.31
CA ARG B 1018 11.96 29.38 16.73
C ARG B 1018 11.96 30.54 17.73
N ASN B 1019 13.02 30.61 18.54
CA ASN B 1019 13.35 31.79 19.34
C ASN B 1019 14.71 32.34 18.95
N PRO B 1020 14.78 33.10 17.87
CA PRO B 1020 16.02 33.79 17.55
C PRO B 1020 16.14 35.08 18.35
N SER B 1021 17.28 35.74 18.18
CA SER B 1021 17.64 36.91 18.96
C SER B 1021 17.46 38.17 18.13
N GLU B 1022 17.61 39.31 18.79
CA GLU B 1022 17.45 40.61 18.16
C GLU B 1022 18.67 41.03 17.36
N GLU B 1023 19.76 40.28 17.42
CA GLU B 1023 21.03 40.74 16.86
C GLU B 1023 21.39 40.05 15.55
N LEU B 1024 20.85 38.87 15.29
CA LEU B 1024 21.18 38.11 14.09
C LEU B 1024 20.03 38.00 13.10
N GLU B 1025 18.80 38.30 13.50
CA GLU B 1025 17.68 38.30 12.56
C GLU B 1025 17.02 39.66 12.44
N LYS B 1026 16.69 40.31 13.56
CA LYS B 1026 16.07 41.63 13.53
C LYS B 1026 17.09 42.73 13.24
N GLU C 16 -10.08 6.10 -54.27
CA GLU C 16 -10.20 5.04 -55.25
C GLU C 16 -11.28 4.05 -54.83
N ALA C 17 -11.02 2.77 -55.07
CA ALA C 17 -11.93 1.69 -54.72
C ALA C 17 -11.31 0.84 -53.62
N TYR C 18 -12.14 0.41 -52.66
CA TYR C 18 -11.64 -0.42 -51.58
C TYR C 18 -11.36 -1.85 -52.02
N LEU C 19 -11.87 -2.27 -53.17
CA LEU C 19 -11.61 -3.60 -53.69
C LEU C 19 -11.23 -3.46 -55.16
N LEU C 20 -10.15 -4.14 -55.55
CA LEU C 20 -9.73 -4.09 -56.94
C LEU C 20 -10.55 -5.05 -57.79
N PRO C 21 -10.78 -4.74 -59.08
CA PRO C 21 -11.60 -5.62 -59.91
C PRO C 21 -10.91 -6.91 -60.33
N GLY C 22 -11.57 -7.68 -61.19
CA GLY C 22 -11.07 -8.98 -61.59
C GLY C 22 -11.26 -10.07 -60.58
N GLU C 23 -12.22 -9.92 -59.66
CA GLU C 23 -12.37 -10.83 -58.53
C GLU C 23 -13.78 -11.41 -58.51
N THR C 24 -13.87 -12.74 -58.37
CA THR C 24 -15.12 -13.45 -58.22
C THR C 24 -15.12 -14.19 -56.88
N TYR C 25 -16.28 -14.75 -56.52
CA TYR C 25 -16.42 -15.46 -55.25
C TYR C 25 -15.51 -16.69 -55.19
N THR C 26 -15.33 -17.35 -56.33
CA THR C 26 -14.33 -18.40 -56.44
C THR C 26 -12.93 -17.86 -56.21
N SER C 27 -12.65 -16.65 -56.70
CA SER C 27 -11.31 -16.07 -56.54
C SER C 27 -11.05 -15.62 -55.10
N ILE C 28 -12.07 -15.06 -54.43
CA ILE C 28 -11.95 -14.74 -53.00
C ILE C 28 -11.68 -16.00 -52.19
N SER C 29 -12.49 -17.04 -52.41
CA SER C 29 -12.32 -18.26 -51.61
C SER C 29 -11.00 -18.96 -51.94
N ALA C 30 -10.54 -18.87 -53.18
CA ALA C 30 -9.27 -19.48 -53.56
C ALA C 30 -8.09 -18.73 -52.97
N LYS C 31 -8.10 -17.39 -53.04
CA LYS C 31 -6.93 -16.63 -52.60
C LYS C 31 -6.85 -16.58 -51.08
N ILE C 32 -7.97 -16.34 -50.41
CA ILE C 32 -7.90 -16.26 -48.96
C ILE C 32 -7.89 -17.65 -48.34
N GLY C 33 -8.65 -18.61 -48.88
CA GLY C 33 -8.77 -19.90 -48.24
C GLY C 33 -7.55 -20.78 -48.34
N ASP C 34 -6.70 -20.56 -49.33
CA ASP C 34 -5.56 -21.44 -49.55
C ASP C 34 -4.30 -20.97 -48.85
N VAL C 35 -4.34 -19.89 -48.09
CA VAL C 35 -3.23 -19.53 -47.20
C VAL C 35 -3.32 -20.37 -45.92
N PRO C 36 -4.49 -20.62 -45.32
CA PRO C 36 -4.63 -21.83 -44.49
C PRO C 36 -4.83 -23.05 -45.39
N LEU C 37 -4.94 -24.20 -44.75
CA LEU C 37 -5.14 -25.55 -45.35
C LEU C 37 -4.08 -25.90 -46.41
N THR C 38 -2.94 -25.23 -46.39
CA THR C 38 -1.76 -25.68 -47.09
C THR C 38 -1.21 -26.89 -46.34
N PRO C 39 -0.55 -27.81 -47.03
CA PRO C 39 0.18 -28.88 -46.34
C PRO C 39 1.23 -28.31 -45.38
N PRO C 40 1.32 -28.86 -44.16
CA PRO C 40 2.23 -28.29 -43.15
C PRO C 40 3.71 -28.43 -43.50
N LEU C 41 4.06 -29.36 -44.37
CA LEU C 41 5.42 -29.48 -44.84
C LEU C 41 5.69 -28.64 -46.09
N LYS C 42 4.65 -28.06 -46.67
CA LYS C 42 4.75 -27.15 -47.81
C LYS C 42 4.66 -25.70 -47.37
N THR C 43 4.80 -25.45 -46.08
CA THR C 43 4.66 -24.14 -45.46
C THR C 43 5.85 -23.26 -45.86
N PRO C 44 5.61 -22.00 -46.26
CA PRO C 44 6.70 -21.14 -46.76
C PRO C 44 7.79 -20.86 -45.73
N LYS C 45 9.02 -20.70 -46.24
CA LYS C 45 10.19 -20.57 -45.38
C LYS C 45 10.29 -19.21 -44.72
N GLY C 46 9.67 -18.17 -45.29
CA GLY C 46 9.61 -16.89 -44.59
C GLY C 46 8.77 -16.98 -43.33
N TRP C 47 7.67 -17.74 -43.39
CA TRP C 47 6.90 -18.06 -42.20
C TRP C 47 7.73 -18.85 -41.20
N LEU C 48 8.55 -19.78 -41.69
CA LEU C 48 9.43 -20.58 -40.82
C LEU C 48 10.41 -19.69 -40.08
N ALA C 49 11.03 -18.73 -40.78
CA ALA C 49 12.00 -17.84 -40.15
C ALA C 49 11.32 -16.93 -39.12
N GLY C 50 10.16 -16.37 -39.46
CA GLY C 50 9.45 -15.52 -38.52
C GLY C 50 8.97 -16.25 -37.29
N PHE C 51 8.48 -17.48 -37.47
CA PHE C 51 8.05 -18.28 -36.33
C PHE C 51 9.22 -18.76 -35.50
N SER C 52 10.38 -18.99 -36.11
CA SER C 52 11.57 -19.34 -35.33
C SER C 52 12.03 -18.17 -34.47
N VAL C 53 11.99 -16.95 -35.02
CA VAL C 53 12.32 -15.75 -34.25
C VAL C 53 11.33 -15.56 -33.10
N ALA C 54 10.03 -15.75 -33.38
CA ALA C 54 8.99 -15.63 -32.36
C ALA C 54 9.13 -16.70 -31.28
N PHE C 55 9.54 -17.91 -31.65
CA PHE C 55 9.77 -18.98 -30.69
C PHE C 55 10.95 -18.66 -29.78
N PHE C 56 12.02 -18.09 -30.36
CA PHE C 56 13.17 -17.67 -29.57
C PHE C 56 12.77 -16.58 -28.56
N MET C 57 12.00 -15.60 -29.01
CA MET C 57 11.60 -14.53 -28.09
C MET C 57 10.56 -15.00 -27.07
N LEU C 58 9.77 -16.03 -27.40
CA LEU C 58 8.89 -16.62 -26.40
C LEU C 58 9.68 -17.40 -25.35
N MET C 59 10.81 -17.98 -25.73
CA MET C 59 11.68 -18.55 -24.70
C MET C 59 12.33 -17.48 -23.84
N ILE C 60 12.63 -16.32 -24.42
CA ILE C 60 13.06 -15.17 -23.59
C ILE C 60 11.95 -14.76 -22.62
N PHE C 61 10.69 -14.82 -23.07
CA PHE C 61 9.55 -14.60 -22.19
C PHE C 61 9.52 -15.58 -21.04
N PHE C 62 9.72 -16.86 -21.34
CA PHE C 62 9.61 -17.89 -20.33
C PHE C 62 10.73 -17.78 -19.30
N VAL C 63 11.93 -17.42 -19.76
CA VAL C 63 13.05 -17.17 -18.83
C VAL C 63 12.78 -15.96 -17.95
N SER C 64 12.24 -14.88 -18.53
CA SER C 64 11.97 -13.67 -17.75
C SER C 64 10.86 -13.90 -16.73
N VAL C 65 9.81 -14.64 -17.12
CA VAL C 65 8.73 -14.97 -16.20
C VAL C 65 9.21 -15.93 -15.12
N THR C 66 10.12 -16.84 -15.45
CA THR C 66 10.67 -17.75 -14.45
C THR C 66 11.47 -17.00 -13.40
N TRP C 67 12.35 -16.09 -13.82
CA TRP C 67 13.08 -15.31 -12.85
C TRP C 67 12.21 -14.27 -12.15
N LEU C 68 11.09 -13.88 -12.76
CA LEU C 68 10.13 -13.05 -12.05
C LEU C 68 9.44 -13.83 -10.95
N PHE C 69 9.09 -15.08 -11.21
CA PHE C 69 8.38 -15.88 -10.22
C PHE C 69 9.29 -16.31 -9.07
N ILE C 70 10.54 -16.67 -9.38
CA ILE C 70 11.43 -17.20 -8.36
C ILE C 70 11.95 -16.09 -7.46
N ARG C 71 12.58 -15.08 -8.05
CA ARG C 71 13.19 -14.02 -7.25
C ARG C 71 12.17 -13.01 -6.75
N GLY C 72 11.16 -12.69 -7.54
CA GLY C 72 10.16 -11.71 -7.18
C GLY C 72 10.15 -10.54 -8.15
N VAL C 73 9.25 -9.59 -7.86
CA VAL C 73 9.12 -8.40 -8.70
C VAL C 73 10.22 -7.39 -8.48
N GLY C 74 11.12 -7.63 -7.53
CA GLY C 74 12.23 -6.74 -7.29
C GLY C 74 13.37 -6.85 -8.26
N ILE C 75 13.30 -7.80 -9.21
CA ILE C 75 14.27 -7.80 -10.30
C ILE C 75 14.00 -6.67 -11.27
N TRP C 76 12.77 -6.14 -11.28
CA TRP C 76 12.47 -4.95 -12.05
C TRP C 76 13.06 -3.73 -11.36
N GLY C 77 13.10 -2.62 -12.09
CA GLY C 77 13.70 -1.42 -11.55
C GLY C 77 12.82 -0.59 -10.67
N ILE C 78 11.68 -1.12 -10.23
CA ILE C 78 10.76 -0.38 -9.39
C ILE C 78 11.38 -0.15 -8.02
N ASN C 79 11.05 0.99 -7.43
CA ASN C 79 11.55 1.38 -6.12
C ASN C 79 10.36 1.86 -5.32
N ILE C 80 10.58 2.59 -4.24
CA ILE C 80 9.41 2.93 -3.44
C ILE C 80 8.59 4.10 -3.98
N PRO C 81 9.15 5.21 -4.63
CA PRO C 81 8.21 6.15 -5.25
C PRO C 81 7.52 5.55 -6.47
N VAL C 82 8.29 4.93 -7.37
CA VAL C 82 7.72 4.41 -8.60
C VAL C 82 7.32 2.99 -8.23
N GLY C 83 6.05 2.82 -7.84
CA GLY C 83 5.56 1.47 -7.62
C GLY C 83 5.14 0.78 -8.89
N TRP C 84 4.83 1.57 -9.91
CA TRP C 84 4.43 1.12 -11.23
C TRP C 84 5.50 1.60 -12.20
N GLY C 85 6.41 0.72 -12.55
CA GLY C 85 7.45 1.08 -13.49
C GLY C 85 7.08 0.64 -14.88
N MET C 86 8.01 -0.05 -15.53
CA MET C 86 7.85 -0.42 -16.93
C MET C 86 6.79 -1.48 -17.16
N ASP C 87 6.44 -2.25 -16.12
CA ASP C 87 5.44 -3.30 -16.22
C ASP C 87 4.06 -2.73 -16.54
N ILE C 88 3.65 -1.70 -15.80
CA ILE C 88 2.35 -1.07 -16.03
C ILE C 88 2.36 -0.29 -17.34
N ILE C 89 3.52 0.24 -17.73
CA ILE C 89 3.65 0.92 -19.03
C ILE C 89 3.40 -0.05 -20.18
N ASN C 90 4.01 -1.24 -20.10
CA ASN C 90 3.78 -2.24 -21.13
C ASN C 90 2.37 -2.78 -21.06
N PHE C 91 1.77 -2.83 -19.87
CA PHE C 91 0.38 -3.23 -19.75
C PHE C 91 -0.53 -2.26 -20.48
N VAL C 92 -0.35 -0.95 -20.26
CA VAL C 92 -1.22 0.03 -20.91
C VAL C 92 -0.98 0.06 -22.42
N TRP C 93 0.28 -0.10 -22.84
CA TRP C 93 0.61 -0.17 -24.27
C TRP C 93 -0.01 -1.40 -24.94
N TRP C 94 0.12 -2.57 -24.31
CA TRP C 94 -0.39 -3.81 -24.89
C TRP C 94 -1.91 -3.85 -24.86
N ILE C 95 -2.54 -3.32 -23.81
CA ILE C 95 -4.00 -3.30 -23.82
C ILE C 95 -4.49 -2.26 -24.81
N GLY C 96 -3.76 -1.13 -24.95
CA GLY C 96 -4.19 -0.06 -25.83
C GLY C 96 -4.03 -0.37 -27.30
N ILE C 97 -3.16 -1.32 -27.62
CA ILE C 97 -3.06 -1.80 -29.00
C ILE C 97 -4.39 -2.43 -29.48
N GLY C 98 -5.15 -3.03 -28.56
CA GLY C 98 -6.40 -3.70 -28.93
C GLY C 98 -7.56 -2.77 -29.33
N HIS C 99 -7.48 -1.47 -29.03
CA HIS C 99 -8.60 -0.57 -29.30
C HIS C 99 -8.85 -0.42 -30.79
N ALA C 100 -7.80 -0.24 -31.59
CA ALA C 100 -8.00 -0.04 -33.01
C ALA C 100 -8.42 -1.32 -33.70
N GLY C 101 -7.94 -2.46 -33.19
CA GLY C 101 -8.43 -3.74 -33.68
C GLY C 101 -9.91 -3.93 -33.43
N THR C 102 -10.37 -3.59 -32.21
CA THR C 102 -11.81 -3.58 -31.96
C THR C 102 -12.53 -2.47 -32.70
N LEU C 103 -11.81 -1.40 -33.09
CA LEU C 103 -12.43 -0.36 -33.87
C LEU C 103 -12.83 -0.87 -35.25
N ILE C 104 -11.88 -1.52 -35.93
CA ILE C 104 -12.19 -2.22 -37.19
C ILE C 104 -13.19 -3.34 -36.98
N SER C 105 -13.15 -4.01 -35.82
CA SER C 105 -14.04 -5.13 -35.55
C SER C 105 -15.49 -4.69 -35.38
N ALA C 106 -15.73 -3.66 -34.58
CA ALA C 106 -17.06 -3.31 -34.12
C ALA C 106 -17.52 -1.93 -34.55
N ILE C 107 -16.66 -0.91 -34.42
CA ILE C 107 -17.11 0.45 -34.65
C ILE C 107 -17.35 0.69 -36.13
N LEU C 108 -16.47 0.18 -36.98
CA LEU C 108 -16.69 0.28 -38.42
C LEU C 108 -17.85 -0.59 -38.88
N LEU C 109 -18.13 -1.68 -38.17
CA LEU C 109 -19.33 -2.45 -38.44
C LEU C 109 -20.57 -1.63 -38.12
N LEU C 110 -20.49 -0.80 -37.08
CA LEU C 110 -21.63 0.03 -36.73
C LEU C 110 -21.81 1.19 -37.71
N LEU C 111 -20.71 1.83 -38.08
CA LEU C 111 -20.72 3.00 -38.97
C LEU C 111 -20.84 2.68 -40.45
N ASN C 112 -20.97 1.42 -40.82
CA ASN C 112 -21.19 0.98 -42.21
C ASN C 112 -19.99 1.36 -43.09
N GLN C 113 -18.80 1.13 -42.56
CA GLN C 113 -17.57 1.49 -43.25
C GLN C 113 -17.10 0.34 -44.12
N GLY C 114 -16.80 0.65 -45.38
CA GLY C 114 -16.45 -0.35 -46.37
C GLY C 114 -15.02 -0.82 -46.35
N TRP C 115 -14.16 -0.23 -45.55
CA TRP C 115 -12.78 -0.66 -45.49
C TRP C 115 -12.52 -1.72 -44.43
N ARG C 116 -13.49 -2.00 -43.56
CA ARG C 116 -13.28 -2.99 -42.52
C ARG C 116 -13.36 -4.43 -43.02
N ASN C 117 -13.79 -4.64 -44.27
CA ASN C 117 -14.19 -5.96 -44.71
C ASN C 117 -13.00 -6.89 -44.91
N SER C 118 -11.83 -6.33 -45.19
CA SER C 118 -10.62 -7.14 -45.33
C SER C 118 -9.74 -7.12 -44.11
N ILE C 119 -10.00 -6.22 -43.15
CA ILE C 119 -9.11 -6.01 -42.02
C ILE C 119 -9.60 -6.69 -40.75
N ASN C 120 -10.92 -6.83 -40.58
CA ASN C 120 -11.52 -7.13 -39.28
C ASN C 120 -11.09 -8.47 -38.71
N ARG C 121 -10.71 -9.42 -39.57
CA ARG C 121 -10.16 -10.68 -39.08
C ARG C 121 -8.80 -10.47 -38.44
N PHE C 122 -7.89 -9.79 -39.15
CA PHE C 122 -6.58 -9.46 -38.62
C PHE C 122 -6.68 -8.55 -37.42
N ALA C 123 -7.62 -7.61 -37.44
CA ALA C 123 -7.83 -6.68 -36.34
C ALA C 123 -8.31 -7.38 -35.09
N GLU C 124 -9.33 -8.25 -35.22
CA GLU C 124 -9.81 -9.05 -34.10
C GLU C 124 -8.72 -9.97 -33.56
N ALA C 125 -7.92 -10.56 -34.47
CA ALA C 125 -6.87 -11.49 -34.07
C ALA C 125 -5.79 -10.77 -33.26
N MET C 126 -5.31 -9.63 -33.74
CA MET C 126 -4.30 -8.94 -32.95
C MET C 126 -4.88 -8.29 -31.70
N THR C 127 -6.20 -8.03 -31.67
CA THR C 127 -6.83 -7.58 -30.43
C THR C 127 -6.78 -8.68 -29.38
N LEU C 128 -7.09 -9.92 -29.79
CA LEU C 128 -7.02 -11.05 -28.89
C LEU C 128 -5.59 -11.32 -28.44
N PHE C 129 -4.63 -11.17 -29.35
CA PHE C 129 -3.25 -11.48 -28.98
C PHE C 129 -2.63 -10.37 -28.13
N ALA C 130 -2.98 -9.10 -28.40
CA ALA C 130 -2.58 -8.02 -27.52
C ALA C 130 -3.29 -8.11 -26.17
N VAL C 131 -4.48 -8.69 -26.14
CA VAL C 131 -5.16 -8.93 -24.86
C VAL C 131 -4.46 -10.02 -24.08
N ALA C 132 -4.04 -11.09 -24.76
CA ALA C 132 -3.27 -12.13 -24.08
C ALA C 132 -1.91 -11.63 -23.63
N CYS C 133 -1.32 -10.68 -24.35
CA CYS C 133 -0.05 -10.11 -23.93
C CYS C 133 -0.23 -9.12 -22.78
N ALA C 134 -1.30 -8.33 -22.82
CA ALA C 134 -1.57 -7.37 -21.77
C ALA C 134 -1.98 -8.06 -20.48
N GLY C 135 -2.93 -8.99 -20.56
CA GLY C 135 -3.58 -9.59 -19.41
C GLY C 135 -2.66 -10.41 -18.52
N LEU C 136 -1.48 -10.79 -19.01
CA LEU C 136 -0.49 -11.39 -18.13
C LEU C 136 0.09 -10.35 -17.16
N TYR C 137 0.22 -9.10 -17.60
CA TYR C 137 0.83 -8.06 -16.76
C TYR C 137 0.10 -7.74 -15.44
N PRO C 138 -1.24 -7.70 -15.34
CA PRO C 138 -1.83 -7.60 -14.00
C PRO C 138 -1.53 -8.78 -13.11
N ILE C 139 -1.44 -9.99 -13.67
CA ILE C 139 -0.96 -11.11 -12.88
C ILE C 139 0.53 -10.97 -12.58
N LEU C 140 1.32 -10.60 -13.59
CA LEU C 140 2.77 -10.65 -13.43
C LEU C 140 3.32 -9.56 -12.51
N HIS C 141 2.66 -8.42 -12.41
CA HIS C 141 3.20 -7.29 -11.64
C HIS C 141 2.90 -7.39 -10.15
N LEU C 142 2.28 -8.47 -9.69
CA LEU C 142 1.86 -8.57 -8.31
C LEU C 142 3.02 -8.85 -7.37
N GLY C 143 3.78 -9.90 -7.63
CA GLY C 143 4.76 -10.34 -6.66
C GLY C 143 4.22 -11.31 -5.64
N ARG C 144 2.90 -11.41 -5.53
CA ARG C 144 2.21 -12.63 -5.11
C ARG C 144 1.20 -12.98 -6.19
N PRO C 145 1.65 -13.43 -7.37
CA PRO C 145 0.72 -13.60 -8.49
C PRO C 145 -0.21 -14.79 -8.38
N TRP C 146 0.06 -15.74 -7.48
CA TRP C 146 -0.82 -16.88 -7.34
C TRP C 146 -2.14 -16.52 -6.67
N LEU C 147 -2.22 -15.35 -6.03
CA LEU C 147 -3.44 -14.85 -5.43
C LEU C 147 -4.14 -13.83 -6.32
N PHE C 148 -3.99 -13.94 -7.64
CA PHE C 148 -4.69 -13.04 -8.56
C PHE C 148 -6.21 -13.21 -8.49
N TYR C 149 -6.68 -14.40 -8.13
CA TYR C 149 -8.11 -14.67 -8.03
C TYR C 149 -8.77 -13.95 -6.86
N TRP C 150 -7.98 -13.41 -5.92
CA TRP C 150 -8.52 -12.60 -4.84
C TRP C 150 -9.12 -11.29 -5.35
N LEU C 151 -8.64 -10.79 -6.49
CA LEU C 151 -9.27 -9.62 -7.11
C LEU C 151 -10.59 -9.98 -7.77
N ILE C 152 -10.84 -11.26 -8.02
CA ILE C 152 -12.08 -11.75 -8.59
C ILE C 152 -13.03 -12.05 -7.44
N PRO C 153 -14.31 -11.65 -7.50
CA PRO C 153 -15.25 -12.05 -6.45
C PRO C 153 -15.59 -13.52 -6.54
N TYR C 154 -15.00 -14.31 -5.66
CA TYR C 154 -15.18 -15.74 -5.65
C TYR C 154 -15.64 -16.17 -4.26
N PRO C 155 -16.42 -17.24 -4.16
CA PRO C 155 -16.83 -17.71 -2.83
C PRO C 155 -15.66 -18.35 -2.09
N ASN C 156 -15.39 -17.85 -0.89
CA ASN C 156 -14.31 -18.34 -0.06
C ASN C 156 -14.83 -18.64 1.33
N THR C 157 -14.00 -19.32 2.13
CA THR C 157 -14.30 -19.53 3.53
C THR C 157 -14.03 -18.28 4.36
N HIS C 158 -13.28 -17.32 3.81
CA HIS C 158 -12.99 -16.09 4.54
C HIS C 158 -14.20 -15.17 4.60
N GLY C 159 -15.02 -15.16 3.58
CA GLY C 159 -16.08 -14.18 3.51
C GLY C 159 -15.64 -12.80 3.08
N MET C 160 -14.45 -12.67 2.51
CA MET C 160 -14.06 -11.37 2.01
C MET C 160 -14.42 -11.18 0.55
N TRP C 161 -14.23 -9.96 0.09
CA TRP C 161 -14.67 -9.47 -1.20
C TRP C 161 -13.56 -8.61 -1.78
N PRO C 162 -13.53 -8.44 -3.09
CA PRO C 162 -12.73 -7.35 -3.66
C PRO C 162 -13.33 -6.01 -3.27
N GLN C 163 -12.52 -4.94 -3.25
CA GLN C 163 -12.99 -3.61 -2.78
C GLN C 163 -13.97 -3.00 -3.73
N PHE C 164 -13.86 -3.26 -5.00
CA PHE C 164 -14.82 -2.86 -6.03
C PHE C 164 -14.95 -1.37 -6.26
N ARG C 165 -14.24 -0.54 -5.50
CA ARG C 165 -14.12 0.88 -5.78
C ARG C 165 -12.72 1.23 -6.23
N SER C 166 -11.78 0.31 -6.07
CA SER C 166 -10.49 0.42 -6.70
C SER C 166 -10.62 0.30 -8.21
N ALA C 167 -9.70 0.94 -8.91
CA ALA C 167 -9.70 0.84 -10.35
C ALA C 167 -8.99 -0.40 -10.87
N LEU C 168 -8.20 -1.08 -10.04
CA LEU C 168 -7.73 -2.41 -10.43
C LEU C 168 -8.82 -3.45 -10.24
N ALA C 169 -9.70 -3.24 -9.28
CA ALA C 169 -10.90 -4.03 -9.17
C ALA C 169 -11.82 -3.81 -10.38
N TRP C 170 -11.81 -2.60 -10.95
CA TRP C 170 -12.54 -2.44 -12.20
C TRP C 170 -11.77 -3.06 -13.35
N ASP C 171 -10.43 -3.02 -13.27
CA ASP C 171 -9.56 -3.56 -14.31
C ASP C 171 -9.80 -5.05 -14.50
N VAL C 172 -10.00 -5.79 -13.42
CA VAL C 172 -10.12 -7.25 -13.52
C VAL C 172 -11.39 -7.63 -14.29
N PHE C 173 -12.52 -7.02 -13.92
CA PHE C 173 -13.77 -7.19 -14.67
C PHE C 173 -13.61 -6.68 -16.09
N ALA C 174 -12.86 -5.59 -16.26
CA ALA C 174 -12.75 -4.92 -17.54
C ALA C 174 -11.98 -5.75 -18.54
N ILE C 175 -10.79 -6.22 -18.16
CA ILE C 175 -9.99 -7.07 -19.05
C ILE C 175 -10.65 -8.42 -19.26
N SER C 176 -11.31 -8.99 -18.23
CA SER C 176 -11.96 -10.28 -18.42
C SER C 176 -13.15 -10.19 -19.38
N THR C 177 -14.00 -9.17 -19.21
CA THR C 177 -15.11 -8.95 -20.12
C THR C 177 -14.63 -8.60 -21.52
N TYR C 178 -13.60 -7.75 -21.63
CA TYR C 178 -13.05 -7.38 -22.92
C TYR C 178 -12.44 -8.59 -23.65
N ALA C 179 -11.69 -9.41 -22.93
CA ALA C 179 -11.11 -10.63 -23.48
C ALA C 179 -12.19 -11.58 -23.96
N THR C 180 -13.24 -11.75 -23.15
CA THR C 180 -14.29 -12.70 -23.51
C THR C 180 -15.13 -12.20 -24.68
N VAL C 181 -15.44 -10.90 -24.72
CA VAL C 181 -16.24 -10.36 -25.82
C VAL C 181 -15.44 -10.36 -27.12
N SER C 182 -14.14 -10.02 -27.06
CA SER C 182 -13.33 -10.06 -28.28
C SER C 182 -13.11 -11.49 -28.76
N LEU C 183 -13.02 -12.45 -27.83
CA LEU C 183 -13.00 -13.86 -28.21
C LEU C 183 -14.32 -14.29 -28.85
N VAL C 184 -15.45 -13.84 -28.28
CA VAL C 184 -16.77 -14.16 -28.82
C VAL C 184 -16.95 -13.57 -30.22
N PHE C 185 -16.53 -12.32 -30.41
CA PHE C 185 -16.61 -11.68 -31.72
C PHE C 185 -15.74 -12.38 -32.74
N TRP C 186 -14.54 -12.82 -32.32
CA TRP C 186 -13.69 -13.62 -33.18
C TRP C 186 -14.33 -14.95 -33.57
N LEU C 187 -14.98 -15.62 -32.61
CA LEU C 187 -15.56 -16.92 -32.92
C LEU C 187 -16.77 -16.83 -33.83
N VAL C 188 -17.68 -15.88 -33.57
CA VAL C 188 -18.79 -15.70 -34.51
C VAL C 188 -18.32 -15.15 -35.85
N GLY C 189 -17.28 -14.30 -35.85
CA GLY C 189 -16.70 -13.86 -37.12
C GLY C 189 -15.97 -14.95 -37.88
N LEU C 190 -15.60 -16.03 -37.19
CA LEU C 190 -14.83 -17.11 -37.75
C LEU C 190 -15.67 -18.31 -38.15
N ILE C 191 -16.91 -18.41 -37.65
CA ILE C 191 -17.74 -19.61 -37.91
C ILE C 191 -18.03 -19.85 -39.39
N PRO C 192 -18.43 -18.85 -40.21
CA PRO C 192 -18.62 -19.17 -41.63
C PRO C 192 -17.32 -19.34 -42.41
N ASP C 193 -16.23 -18.70 -42.01
CA ASP C 193 -14.96 -19.01 -42.65
C ASP C 193 -14.46 -20.38 -42.26
N PHE C 194 -14.78 -20.83 -41.05
CA PHE C 194 -14.65 -22.24 -40.70
C PHE C 194 -15.49 -23.13 -41.61
N ALA C 195 -16.69 -22.65 -41.98
CA ALA C 195 -17.55 -23.44 -42.86
C ALA C 195 -16.97 -23.56 -44.27
N THR C 196 -16.28 -22.52 -44.75
CA THR C 196 -15.60 -22.65 -46.03
C THR C 196 -14.37 -23.54 -45.94
N LEU C 197 -13.56 -23.35 -44.89
CA LEU C 197 -12.32 -24.11 -44.76
C LEU C 197 -12.58 -25.59 -44.49
N ARG C 198 -13.73 -25.91 -43.89
CA ARG C 198 -14.13 -27.30 -43.78
C ARG C 198 -14.47 -27.88 -45.14
N ASP C 199 -15.04 -27.05 -46.01
CA ASP C 199 -15.54 -27.50 -47.30
C ASP C 199 -14.44 -27.63 -48.36
N ARG C 200 -13.21 -27.21 -48.06
CA ARG C 200 -12.12 -27.28 -49.03
C ARG C 200 -10.87 -27.98 -48.50
N ALA C 201 -10.96 -28.67 -47.36
CA ALA C 201 -9.76 -29.04 -46.62
C ALA C 201 -8.96 -30.17 -47.28
N LYS C 202 -9.65 -31.09 -47.98
CA LYS C 202 -9.10 -32.19 -48.78
C LYS C 202 -8.37 -33.27 -47.98
N ASN C 203 -8.21 -33.08 -46.67
CA ASN C 203 -7.77 -34.13 -45.77
C ASN C 203 -8.97 -34.46 -44.90
N ILE C 204 -9.18 -35.75 -44.65
CA ILE C 204 -10.45 -36.16 -44.06
C ILE C 204 -10.54 -35.73 -42.59
N TRP C 205 -9.44 -35.87 -41.83
CA TRP C 205 -9.48 -35.52 -40.40
C TRP C 205 -9.56 -34.02 -40.18
N VAL C 206 -9.03 -33.23 -41.11
CA VAL C 206 -9.06 -31.78 -40.96
C VAL C 206 -10.47 -31.24 -41.24
N LYS C 207 -11.26 -31.99 -42.01
CA LYS C 207 -12.64 -31.59 -42.28
C LYS C 207 -13.52 -31.69 -41.04
N ARG C 208 -13.28 -32.69 -40.18
CA ARG C 208 -13.99 -32.71 -38.90
C ARG C 208 -13.51 -31.59 -37.99
N LEU C 209 -12.21 -31.29 -38.00
CA LEU C 209 -11.64 -30.29 -37.12
C LEU C 209 -12.19 -28.89 -37.43
N TYR C 210 -12.24 -28.53 -38.71
CA TYR C 210 -12.91 -27.29 -39.08
C TYR C 210 -14.43 -27.46 -39.07
N GLY C 211 -14.91 -28.70 -39.05
CA GLY C 211 -16.34 -28.93 -38.99
C GLY C 211 -16.95 -28.59 -37.64
N ILE C 212 -16.39 -29.12 -36.56
CA ILE C 212 -16.86 -28.77 -35.22
C ILE C 212 -16.49 -27.34 -34.86
N ALA C 213 -15.47 -26.78 -35.51
CA ALA C 213 -15.20 -25.36 -35.41
C ALA C 213 -16.32 -24.55 -36.05
N ALA C 214 -16.81 -24.98 -37.22
CA ALA C 214 -17.91 -24.31 -37.88
C ALA C 214 -19.25 -24.64 -37.25
N LEU C 215 -19.30 -25.73 -36.47
CA LEU C 215 -20.52 -26.34 -35.92
C LEU C 215 -21.49 -26.77 -37.02
N GLY C 216 -20.99 -26.98 -38.23
CA GLY C 216 -21.86 -27.22 -39.37
C GLY C 216 -22.72 -26.00 -39.63
N TRP C 217 -22.06 -24.92 -40.09
CA TRP C 217 -22.67 -23.59 -40.05
C TRP C 217 -23.88 -23.48 -40.98
N ARG C 218 -23.80 -24.09 -42.17
CA ARG C 218 -24.91 -24.20 -43.11
C ARG C 218 -25.42 -22.81 -43.51
N GLY C 219 -24.58 -22.15 -44.31
CA GLY C 219 -24.79 -20.77 -44.72
C GLY C 219 -26.12 -20.53 -45.41
N SER C 220 -27.03 -19.86 -44.73
CA SER C 220 -28.43 -19.86 -45.12
C SER C 220 -29.14 -18.63 -44.61
N ALA C 221 -30.19 -18.24 -45.32
CA ALA C 221 -31.18 -17.34 -44.75
C ALA C 221 -31.88 -18.02 -43.58
N ARG C 222 -32.33 -17.21 -42.61
CA ARG C 222 -32.81 -17.54 -41.26
C ARG C 222 -31.66 -17.98 -40.35
N HIS C 223 -30.47 -18.14 -40.91
CA HIS C 223 -29.21 -18.24 -40.20
C HIS C 223 -28.33 -17.02 -40.42
N TRP C 224 -28.32 -16.51 -41.66
CA TRP C 224 -27.62 -15.26 -41.94
C TRP C 224 -28.35 -14.07 -41.35
N HIS C 225 -29.68 -14.14 -41.20
CA HIS C 225 -30.42 -13.05 -40.57
C HIS C 225 -29.97 -12.87 -39.13
N ARG C 226 -29.92 -13.97 -38.39
CA ARG C 226 -29.40 -13.95 -37.04
C ARG C 226 -27.90 -13.68 -37.02
N TYR C 227 -27.19 -14.01 -38.10
CA TYR C 227 -25.77 -13.67 -38.18
C TYR C 227 -25.55 -12.17 -38.21
N GLU C 228 -26.12 -11.48 -39.22
CA GLU C 228 -25.95 -10.02 -39.29
C GLU C 228 -26.54 -9.34 -38.09
N MET C 229 -27.60 -9.93 -37.54
CA MET C 229 -28.36 -9.29 -36.50
C MET C 229 -27.52 -9.32 -35.21
N ALA C 230 -26.97 -10.50 -34.89
CA ALA C 230 -26.12 -10.68 -33.73
C ALA C 230 -24.76 -10.01 -33.90
N SER C 231 -24.23 -9.95 -35.13
CA SER C 231 -22.93 -9.31 -35.32
C SER C 231 -23.03 -7.79 -35.22
N ILE C 232 -24.10 -7.21 -35.79
CA ILE C 232 -24.35 -5.77 -35.66
C ILE C 232 -24.61 -5.43 -34.19
N LEU C 233 -25.38 -6.26 -33.54
CA LEU C 233 -25.72 -6.04 -32.13
C LEU C 233 -24.56 -6.25 -31.18
N LEU C 234 -23.65 -7.13 -31.54
CA LEU C 234 -22.47 -7.38 -30.69
C LEU C 234 -21.51 -6.28 -30.96
N ALA C 235 -21.45 -5.80 -32.19
CA ALA C 235 -20.67 -4.59 -32.43
C ALA C 235 -21.22 -3.43 -31.61
N GLY C 236 -22.54 -3.36 -31.49
CA GLY C 236 -23.17 -2.39 -30.62
C GLY C 236 -22.92 -2.61 -29.15
N LEU C 237 -22.61 -3.84 -28.75
CA LEU C 237 -22.17 -4.08 -27.37
C LEU C 237 -20.69 -3.77 -27.15
N SER C 238 -19.83 -4.15 -28.10
CA SER C 238 -18.39 -4.00 -27.95
C SER C 238 -17.90 -2.59 -28.25
N THR C 239 -18.67 -1.81 -29.01
CA THR C 239 -18.29 -0.43 -29.30
C THR C 239 -18.23 0.47 -28.05
N PRO C 240 -19.24 0.56 -27.17
CA PRO C 240 -19.01 1.31 -25.92
C PRO C 240 -18.03 0.61 -24.99
N LEU C 241 -17.88 -0.71 -25.14
CA LEU C 241 -17.15 -1.54 -24.21
C LEU C 241 -15.65 -1.29 -24.28
N VAL C 242 -15.09 -1.21 -25.50
CA VAL C 242 -13.65 -1.00 -25.59
C VAL C 242 -13.28 0.42 -25.19
N VAL C 243 -14.19 1.37 -25.43
CA VAL C 243 -14.02 2.74 -24.94
C VAL C 243 -13.98 2.75 -23.43
N SER C 244 -14.87 1.99 -22.78
CA SER C 244 -14.91 1.97 -21.33
C SER C 244 -13.73 1.21 -20.75
N VAL C 245 -13.33 0.11 -21.38
CA VAL C 245 -12.22 -0.70 -20.87
C VAL C 245 -10.90 0.06 -20.98
N HIS C 246 -10.73 0.90 -21.99
CA HIS C 246 -9.55 1.75 -22.03
C HIS C 246 -9.73 3.04 -21.24
N SER C 247 -10.97 3.43 -20.97
CA SER C 247 -11.23 4.47 -19.98
C SER C 247 -10.86 3.99 -18.59
N ILE C 248 -11.05 2.70 -18.32
CA ILE C 248 -10.77 2.16 -17.00
C ILE C 248 -9.27 1.92 -16.82
N ILE C 249 -8.60 1.54 -17.93
CA ILE C 249 -7.14 1.55 -17.96
C ILE C 249 -6.60 2.97 -17.74
N SER C 250 -7.31 3.99 -18.25
CA SER C 250 -6.98 5.37 -17.85
C SER C 250 -7.27 5.61 -16.38
N LEU C 251 -8.40 5.08 -15.89
CA LEU C 251 -8.92 5.42 -14.57
C LEU C 251 -8.08 4.83 -13.46
N ASP C 252 -7.22 3.85 -13.76
CA ASP C 252 -6.28 3.46 -12.71
C ASP C 252 -5.15 4.46 -12.50
N PHE C 253 -5.05 5.50 -13.32
CA PHE C 253 -4.31 6.69 -12.96
C PHE C 253 -5.23 7.85 -12.63
N ALA C 254 -6.36 7.92 -13.32
CA ALA C 254 -7.22 9.09 -13.26
C ALA C 254 -7.98 9.21 -11.95
N ILE C 255 -8.16 8.14 -11.19
CA ILE C 255 -8.73 8.26 -9.85
C ILE C 255 -7.65 8.49 -8.81
N SER C 256 -6.38 8.31 -9.16
CA SER C 256 -5.31 8.47 -8.20
C SER C 256 -4.99 9.94 -7.98
N GLN C 257 -4.44 10.26 -6.81
CA GLN C 257 -4.23 11.63 -6.39
C GLN C 257 -2.85 12.18 -6.78
N VAL C 258 -2.10 11.46 -7.60
CA VAL C 258 -0.82 11.97 -8.15
C VAL C 258 -1.12 13.14 -9.08
N PRO C 259 -0.30 14.21 -9.09
CA PRO C 259 -0.61 15.39 -9.93
C PRO C 259 -0.68 15.12 -11.42
N GLY C 260 0.19 14.26 -11.96
CA GLY C 260 0.13 13.97 -13.37
C GLY C 260 -0.87 12.90 -13.74
N TRP C 261 -1.50 12.31 -12.75
CA TRP C 261 -2.43 11.22 -12.98
C TRP C 261 -3.88 11.65 -12.81
N GLN C 262 -4.16 12.50 -11.83
CA GLN C 262 -5.49 13.09 -11.69
C GLN C 262 -5.61 14.17 -12.76
N VAL C 263 -5.99 13.75 -13.95
CA VAL C 263 -6.32 14.64 -15.05
C VAL C 263 -7.67 14.21 -15.60
N THR C 264 -8.60 15.15 -15.72
CA THR C 264 -9.96 14.81 -16.14
C THR C 264 -10.03 14.41 -17.61
N VAL C 265 -9.07 14.82 -18.43
CA VAL C 265 -9.09 14.47 -19.86
C VAL C 265 -8.69 13.03 -20.12
N PHE C 266 -8.21 12.33 -19.10
CA PHE C 266 -7.55 11.04 -19.29
C PHE C 266 -8.37 9.92 -19.96
N PRO C 267 -9.66 9.71 -19.70
CA PRO C 267 -10.34 8.58 -20.38
C PRO C 267 -10.51 8.79 -21.89
N PRO C 268 -10.99 9.95 -22.41
CA PRO C 268 -10.96 10.09 -23.87
C PRO C 268 -9.56 10.22 -24.44
N TYR C 269 -8.62 10.75 -23.67
CA TYR C 269 -7.26 10.88 -24.17
C TYR C 269 -6.54 9.53 -24.22
N PHE C 270 -6.78 8.66 -23.23
CA PHE C 270 -6.25 7.30 -23.31
C PHE C 270 -6.96 6.48 -24.36
N VAL C 271 -8.26 6.73 -24.59
CA VAL C 271 -8.97 6.06 -25.67
C VAL C 271 -8.37 6.44 -27.02
N ALA C 272 -8.10 7.73 -27.22
CA ALA C 272 -7.49 8.18 -28.47
C ALA C 272 -6.06 7.67 -28.63
N GLY C 273 -5.27 7.66 -27.55
CA GLY C 273 -3.93 7.11 -27.61
C GLY C 273 -3.91 5.63 -27.91
N ALA C 274 -4.93 4.93 -27.42
CA ALA C 274 -5.05 3.51 -27.71
C ALA C 274 -5.38 3.26 -29.17
N VAL C 275 -6.35 4.00 -29.73
CA VAL C 275 -6.66 3.85 -31.16
C VAL C 275 -5.46 4.25 -32.01
N PHE C 276 -4.71 5.26 -31.56
CA PHE C 276 -3.55 5.75 -32.29
C PHE C 276 -2.43 4.72 -32.34
N ALA C 277 -2.06 4.15 -31.19
CA ALA C 277 -1.03 3.12 -31.13
C ALA C 277 -1.48 1.83 -31.81
N GLY C 278 -2.75 1.47 -31.67
CA GLY C 278 -3.25 0.28 -32.33
C GLY C 278 -3.29 0.40 -33.83
N PHE C 279 -3.60 1.59 -34.36
CA PHE C 279 -3.56 1.79 -35.79
C PHE C 279 -2.13 1.78 -36.31
N ALA C 280 -1.19 2.27 -35.51
CA ALA C 280 0.23 2.08 -35.82
C ALA C 280 0.60 0.61 -35.91
N MET C 281 0.13 -0.20 -34.96
CA MET C 281 0.47 -1.62 -34.97
C MET C 281 -0.21 -2.34 -36.13
N VAL C 282 -1.46 -1.97 -36.46
CA VAL C 282 -2.14 -2.62 -37.57
C VAL C 282 -1.44 -2.26 -38.88
N LEU C 283 -0.94 -1.02 -38.98
CA LEU C 283 -0.06 -0.66 -40.10
C LEU C 283 1.18 -1.53 -40.17
N LEU C 284 1.94 -1.57 -39.07
CA LEU C 284 3.22 -2.27 -39.02
C LEU C 284 3.07 -3.77 -39.25
N LEU C 285 1.89 -4.34 -38.97
CA LEU C 285 1.69 -5.77 -39.17
C LEU C 285 0.78 -6.12 -40.33
N MET C 286 0.24 -5.14 -41.06
CA MET C 286 -0.52 -5.46 -42.27
C MET C 286 0.13 -5.00 -43.56
N ILE C 287 1.10 -4.07 -43.54
CA ILE C 287 1.92 -3.84 -44.73
C ILE C 287 2.70 -5.09 -45.13
N PRO C 288 3.33 -5.87 -44.22
CA PRO C 288 3.85 -7.17 -44.66
C PRO C 288 2.78 -8.18 -45.04
N VAL C 289 1.60 -8.16 -44.42
CA VAL C 289 0.57 -9.13 -44.81
C VAL C 289 0.00 -8.78 -46.19
N ARG C 290 -0.07 -7.49 -46.51
CA ARG C 290 -0.45 -7.08 -47.85
C ARG C 290 0.61 -7.43 -48.89
N THR C 291 1.90 -7.25 -48.54
CA THR C 291 2.92 -7.45 -49.56
C THR C 291 3.28 -8.92 -49.74
N PHE C 292 3.66 -9.60 -48.64
CA PHE C 292 4.23 -10.95 -48.74
C PHE C 292 3.18 -11.98 -49.15
N TYR C 293 2.02 -11.96 -48.50
CA TYR C 293 0.86 -12.72 -48.96
C TYR C 293 0.11 -11.86 -49.96
N GLY C 294 -0.15 -12.42 -51.14
CA GLY C 294 -0.63 -11.63 -52.25
C GLY C 294 -2.07 -11.17 -52.15
N PHE C 295 -2.35 -10.27 -51.20
CA PHE C 295 -3.69 -9.76 -50.96
C PHE C 295 -3.79 -8.28 -51.32
N GLU C 296 -3.16 -7.90 -52.44
CA GLU C 296 -3.17 -6.50 -52.87
C GLU C 296 -4.55 -6.07 -53.34
N ASN C 297 -5.32 -6.96 -53.96
CA ASN C 297 -6.66 -6.60 -54.40
C ASN C 297 -7.61 -6.45 -53.22
N TYR C 298 -7.45 -7.27 -52.19
CA TYR C 298 -8.33 -7.21 -51.03
C TYR C 298 -8.02 -6.03 -50.14
N ILE C 299 -6.75 -5.74 -49.91
CA ILE C 299 -6.32 -4.58 -49.15
C ILE C 299 -5.67 -3.62 -50.14
N THR C 300 -6.43 -2.65 -50.62
CA THR C 300 -5.95 -1.74 -51.64
C THR C 300 -5.08 -0.65 -51.03
N LEU C 301 -4.66 0.31 -51.86
CA LEU C 301 -3.93 1.46 -51.34
C LEU C 301 -4.86 2.45 -50.67
N HIS C 302 -6.13 2.49 -51.10
CA HIS C 302 -7.12 3.35 -50.45
C HIS C 302 -7.42 2.88 -49.03
N HIS C 303 -7.26 1.58 -48.79
CA HIS C 303 -7.34 1.02 -47.44
C HIS C 303 -6.32 1.67 -46.52
N LEU C 304 -5.06 1.71 -46.96
CA LEU C 304 -3.99 2.29 -46.16
C LEU C 304 -4.11 3.81 -46.08
N ASP C 305 -4.69 4.43 -47.11
CA ASP C 305 -4.97 5.87 -47.08
C ASP C 305 -5.98 6.19 -45.97
N VAL C 306 -7.10 5.49 -45.95
CA VAL C 306 -8.13 5.77 -44.95
C VAL C 306 -7.67 5.37 -43.54
N MET C 307 -6.80 4.37 -43.43
CA MET C 307 -6.29 4.00 -42.11
C MET C 307 -5.29 5.02 -41.58
N ALA C 308 -4.47 5.59 -42.46
CA ALA C 308 -3.63 6.72 -42.08
C ALA C 308 -4.47 7.92 -41.69
N LYS C 309 -5.60 8.14 -42.35
CA LYS C 309 -6.50 9.25 -42.00
C LYS C 309 -7.08 9.07 -40.59
N VAL C 310 -7.49 7.85 -40.24
CA VAL C 310 -8.07 7.64 -38.91
C VAL C 310 -6.98 7.74 -37.83
N MET C 311 -5.78 7.23 -38.14
CA MET C 311 -4.63 7.43 -37.24
C MET C 311 -4.30 8.91 -37.09
N LEU C 312 -4.46 9.70 -38.15
CA LEU C 312 -4.23 11.14 -38.08
C LEU C 312 -5.24 11.83 -37.18
N THR C 313 -6.50 11.40 -37.25
CA THR C 313 -7.55 11.90 -36.35
C THR C 313 -7.20 11.64 -34.90
N THR C 314 -6.84 10.40 -34.58
CA THR C 314 -6.54 10.08 -33.19
C THR C 314 -5.23 10.72 -32.74
N GLY C 315 -4.28 10.93 -33.65
CA GLY C 315 -3.07 11.64 -33.31
C GLY C 315 -3.30 13.10 -32.97
N MET C 316 -4.18 13.76 -33.72
CA MET C 316 -4.60 15.12 -33.33
C MET C 316 -5.32 15.16 -31.99
N ILE C 317 -6.16 14.16 -31.70
CA ILE C 317 -6.82 14.19 -30.39
C ILE C 317 -5.80 13.94 -29.27
N VAL C 318 -4.76 13.15 -29.55
CA VAL C 318 -3.70 12.92 -28.55
C VAL C 318 -2.84 14.16 -28.36
N VAL C 319 -2.52 14.87 -29.45
CA VAL C 319 -1.78 16.12 -29.33
C VAL C 319 -2.61 17.18 -28.61
N TYR C 320 -3.92 17.16 -28.82
CA TYR C 320 -4.84 18.00 -28.05
C TYR C 320 -4.80 17.63 -26.57
N GLY C 321 -4.67 16.33 -26.27
CA GLY C 321 -4.54 15.91 -24.88
C GLY C 321 -3.25 16.40 -24.22
N TYR C 322 -2.15 16.40 -24.99
CA TYR C 322 -0.90 16.99 -24.50
C TYR C 322 -1.07 18.49 -24.25
N PHE C 323 -1.77 19.18 -25.14
CA PHE C 323 -2.06 20.58 -24.93
C PHE C 323 -2.89 20.77 -23.70
N MET C 324 -3.87 19.91 -23.46
CA MET C 324 -4.68 19.99 -22.25
C MET C 324 -3.84 19.81 -21.00
N GLU C 325 -2.84 18.92 -21.05
CA GLU C 325 -1.93 18.77 -19.92
C GLU C 325 -1.10 20.03 -19.70
N VAL C 326 -0.60 20.63 -20.79
CA VAL C 326 0.18 21.86 -20.69
C VAL C 326 -0.69 23.00 -20.17
N PHE C 327 -1.95 23.07 -20.62
CA PHE C 327 -2.88 24.07 -20.12
C PHE C 327 -3.25 23.85 -18.67
N ALA C 328 -3.40 22.59 -18.25
CA ALA C 328 -3.68 22.30 -16.83
C ALA C 328 -2.50 22.70 -15.95
N SER C 329 -1.28 22.51 -16.44
CA SER C 329 -0.13 22.84 -15.63
C SER C 329 0.15 24.34 -15.61
N LEU C 330 -0.15 25.05 -16.70
CA LEU C 330 0.12 26.48 -16.74
C LEU C 330 -1.01 27.29 -16.12
N TYR C 331 -2.25 26.92 -16.41
CA TYR C 331 -3.42 27.65 -15.92
C TYR C 331 -3.57 27.55 -14.41
N SER C 332 -3.23 26.40 -13.84
CA SER C 332 -3.38 26.20 -12.40
C SER C 332 -2.35 27.01 -11.62
N GLY C 333 -2.78 27.53 -10.48
CA GLY C 333 -1.88 28.19 -9.56
C GLY C 333 -1.20 27.26 -8.59
N ASN C 334 -1.45 25.96 -8.69
CA ASN C 334 -0.83 25.00 -7.80
C ASN C 334 0.65 24.83 -8.15
N GLU C 335 1.47 24.63 -7.11
CA GLU C 335 2.88 24.40 -7.33
C GLU C 335 3.13 23.04 -7.98
N PHE C 336 2.27 22.07 -7.71
CA PHE C 336 2.57 20.67 -8.04
C PHE C 336 2.37 20.41 -9.53
N GLU C 337 1.35 21.00 -10.14
CA GLU C 337 1.16 20.89 -11.58
C GLU C 337 2.25 21.65 -12.35
N GLU C 338 2.69 22.79 -11.82
CA GLU C 338 3.77 23.54 -12.44
C GLU C 338 5.09 22.77 -12.37
N TYR C 339 5.37 22.15 -11.23
CA TYR C 339 6.60 21.38 -11.14
C TYR C 339 6.51 20.09 -11.93
N LEU C 340 5.30 19.56 -12.12
CA LEU C 340 5.08 18.51 -13.10
C LEU C 340 5.53 18.93 -14.49
N LEU C 341 5.08 20.11 -14.94
CA LEU C 341 5.46 20.56 -16.28
C LEU C 341 6.95 20.88 -16.37
N TYR C 342 7.55 21.39 -15.29
CA TYR C 342 8.98 21.65 -15.29
C TYR C 342 9.77 20.35 -15.36
N ASN C 343 9.44 19.38 -14.51
CA ASN C 343 10.17 18.11 -14.44
C ASN C 343 9.92 17.25 -15.67
N ARG C 344 8.78 17.43 -16.35
CA ARG C 344 8.62 16.82 -17.67
C ARG C 344 9.45 17.55 -18.70
N LEU C 345 9.57 18.87 -18.59
CA LEU C 345 10.28 19.63 -19.61
C LEU C 345 11.79 19.64 -19.35
N PHE C 346 12.22 19.85 -18.10
CA PHE C 346 13.64 20.06 -17.83
C PHE C 346 14.16 19.15 -16.72
N GLY C 347 13.45 18.08 -16.39
CA GLY C 347 13.85 17.21 -15.32
C GLY C 347 14.87 16.17 -15.73
N PRO C 348 15.15 15.22 -14.84
CA PRO C 348 16.10 14.15 -15.20
C PRO C 348 15.53 13.15 -16.18
N SER C 349 14.22 12.91 -16.17
CA SER C 349 13.57 12.02 -17.12
C SER C 349 12.88 12.78 -18.24
N SER C 350 13.32 14.01 -18.51
CA SER C 350 12.70 14.88 -19.49
C SER C 350 12.96 14.46 -20.93
N TRP C 351 13.92 13.55 -21.14
CA TRP C 351 14.23 13.01 -22.46
C TRP C 351 13.03 12.34 -23.09
N ALA C 352 12.22 11.64 -22.27
CA ALA C 352 11.06 10.95 -22.78
C ALA C 352 9.97 11.92 -23.23
N TYR C 353 9.85 13.06 -22.54
CA TYR C 353 8.86 14.05 -22.95
C TYR C 353 9.29 14.79 -24.22
N TRP C 354 10.59 15.09 -24.35
CA TRP C 354 11.06 15.67 -25.61
C TRP C 354 10.91 14.68 -26.77
N GLY C 355 11.22 13.40 -26.55
CA GLY C 355 10.99 12.40 -27.58
C GLY C 355 9.52 12.16 -27.84
N LEU C 356 8.66 12.47 -26.87
CA LEU C 356 7.23 12.37 -27.07
C LEU C 356 6.72 13.47 -28.00
N LEU C 357 7.12 14.72 -27.77
CA LEU C 357 6.72 15.77 -28.70
C LEU C 357 7.44 15.68 -30.04
N PHE C 358 8.59 15.02 -30.12
CA PHE C 358 9.16 14.76 -31.45
C PHE C 358 8.37 13.66 -32.14
N CYS C 359 8.02 12.60 -31.41
CA CYS C 359 7.45 11.41 -32.01
C CYS C 359 5.96 11.58 -32.30
N ASN C 360 5.16 11.76 -31.26
CA ASN C 360 3.72 11.70 -31.38
C ASN C 360 3.09 12.99 -31.86
N ALA C 361 3.87 14.05 -32.03
CA ALA C 361 3.33 15.34 -32.44
C ALA C 361 3.94 15.87 -33.73
N VAL C 362 5.26 15.91 -33.84
CA VAL C 362 5.91 16.44 -35.03
C VAL C 362 5.75 15.48 -36.21
N ALA C 363 5.93 14.17 -35.96
CA ALA C 363 5.90 13.18 -37.03
C ALA C 363 4.50 12.81 -37.50
N ILE C 364 3.45 13.47 -37.01
CA ILE C 364 2.11 13.06 -37.39
C ILE C 364 1.56 14.03 -38.43
N GLN C 365 1.99 15.28 -38.37
CA GLN C 365 1.78 16.31 -39.39
C GLN C 365 2.22 15.92 -40.81
N PRO C 366 3.18 15.01 -41.04
CA PRO C 366 3.29 14.43 -42.39
C PRO C 366 2.05 13.75 -42.91
N LEU C 367 1.25 13.12 -42.05
CA LEU C 367 0.11 12.33 -42.51
C LEU C 367 -1.05 13.17 -43.04
N TRP C 368 -0.98 14.51 -42.96
CA TRP C 368 -2.01 15.34 -43.55
C TRP C 368 -2.00 15.29 -45.08
N PHE C 369 -0.84 15.00 -45.67
CA PHE C 369 -0.69 15.05 -47.11
C PHE C 369 -0.87 13.67 -47.71
N LYS C 370 -1.55 13.62 -48.86
CA LYS C 370 -1.99 12.36 -49.45
C LYS C 370 -0.79 11.54 -49.95
N LYS C 371 0.21 12.21 -50.55
CA LYS C 371 1.37 11.50 -51.07
C LYS C 371 2.20 10.88 -49.95
N VAL C 372 2.22 11.50 -48.78
CA VAL C 372 2.86 10.90 -47.62
C VAL C 372 2.08 9.67 -47.15
N ARG C 373 0.74 9.75 -47.24
CA ARG C 373 -0.09 8.61 -46.85
C ARG C 373 0.04 7.46 -47.83
N GLN C 374 0.13 7.77 -49.14
CA GLN C 374 0.21 6.73 -50.14
C GLN C 374 1.61 6.13 -50.27
N ASN C 375 2.64 6.81 -49.78
CA ASN C 375 4.01 6.27 -49.80
C ASN C 375 4.15 5.20 -48.73
N ILE C 376 4.34 3.96 -49.15
CA ILE C 376 4.40 2.80 -48.26
C ILE C 376 5.62 2.80 -47.31
N PRO C 377 6.88 3.04 -47.74
CA PRO C 377 7.96 3.09 -46.73
C PRO C 377 7.82 4.22 -45.72
N ALA C 378 7.38 5.39 -46.16
CA ALA C 378 7.13 6.50 -45.24
C ALA C 378 6.02 6.17 -44.26
N LEU C 379 4.97 5.52 -44.75
CA LEU C 379 3.84 5.17 -43.89
C LEU C 379 4.25 4.14 -42.84
N LEU C 380 5.06 3.15 -43.24
CA LEU C 380 5.58 2.16 -42.29
C LEU C 380 6.47 2.77 -41.23
N ILE C 381 7.41 3.64 -41.65
CA ILE C 381 8.33 4.20 -40.67
C ILE C 381 7.62 5.17 -39.75
N ILE C 382 6.67 5.97 -40.26
CA ILE C 382 5.92 6.88 -39.41
C ILE C 382 5.05 6.12 -38.42
N SER C 383 4.48 4.99 -38.84
CA SER C 383 3.76 4.12 -37.89
C SER C 383 4.68 3.55 -36.80
N LEU C 384 5.94 3.24 -37.17
CA LEU C 384 6.90 2.76 -36.17
C LEU C 384 7.24 3.85 -35.15
N ILE C 385 7.44 5.09 -35.60
CA ILE C 385 7.58 6.21 -34.68
C ILE C 385 6.32 6.43 -33.83
N VAL C 386 5.12 6.19 -34.38
CA VAL C 386 3.89 6.30 -33.60
C VAL C 386 3.89 5.31 -32.44
N SER C 387 4.27 4.06 -32.71
CA SER C 387 4.28 3.05 -31.66
C SER C 387 5.32 3.36 -30.58
N VAL C 388 6.52 3.78 -30.99
CA VAL C 388 7.58 4.08 -30.03
C VAL C 388 7.22 5.30 -29.18
N GLY C 389 6.72 6.37 -29.82
CA GLY C 389 6.31 7.55 -29.09
C GLY C 389 5.07 7.36 -28.27
N MET C 390 4.25 6.37 -28.62
CA MET C 390 3.09 6.06 -27.82
C MET C 390 3.57 5.42 -26.55
N TRP C 391 4.47 4.49 -26.65
CA TRP C 391 5.13 3.94 -25.46
C TRP C 391 5.77 5.03 -24.62
N LEU C 392 6.39 6.01 -25.27
CA LEU C 392 6.97 7.14 -24.54
C LEU C 392 5.90 7.97 -23.84
N GLU C 393 4.70 8.08 -24.42
CA GLU C 393 3.60 8.78 -23.77
C GLU C 393 3.17 8.07 -22.50
N ARG C 394 3.05 6.74 -22.55
CA ARG C 394 2.78 5.98 -21.32
C ARG C 394 3.89 6.14 -20.28
N TYR C 395 5.15 6.20 -20.73
CA TYR C 395 6.27 6.45 -19.81
C TYR C 395 6.13 7.82 -19.13
N VAL C 396 5.81 8.84 -19.91
CA VAL C 396 5.69 10.21 -19.40
C VAL C 396 4.52 10.31 -18.42
N ILE C 397 3.41 9.63 -18.72
CA ILE C 397 2.25 9.65 -17.84
C ILE C 397 2.56 8.95 -16.53
N ILE C 398 3.12 7.75 -16.58
CA ILE C 398 3.24 6.94 -15.38
C ILE C 398 4.51 7.26 -14.60
N VAL C 399 5.66 7.01 -15.22
CA VAL C 399 6.91 6.96 -14.46
C VAL C 399 7.31 8.36 -13.99
N ILE C 400 7.23 9.35 -14.89
CA ILE C 400 7.69 10.70 -14.58
C ILE C 400 6.83 11.33 -13.48
N SER C 401 5.52 11.08 -13.51
CA SER C 401 4.68 11.58 -12.44
C SER C 401 4.90 10.83 -11.13
N LEU C 402 5.31 9.57 -11.19
CA LEU C 402 5.65 8.90 -9.94
C LEU C 402 7.05 9.23 -9.43
N GLU C 403 7.93 9.79 -10.28
CA GLU C 403 9.27 10.15 -9.84
C GLU C 403 9.24 11.26 -8.81
N ARG C 404 8.55 12.36 -9.13
CA ARG C 404 8.55 13.53 -8.28
C ARG C 404 7.12 13.80 -7.82
N ASP C 405 6.94 13.77 -6.51
CA ASP C 405 5.64 13.80 -5.84
C ASP C 405 5.61 14.96 -4.88
N PHE C 406 4.64 14.93 -3.96
CA PHE C 406 4.38 16.05 -3.06
C PHE C 406 5.55 16.30 -2.12
N LEU C 407 6.11 15.26 -1.54
CA LEU C 407 7.22 15.48 -0.62
C LEU C 407 8.54 15.28 -1.34
N PRO C 408 9.44 16.26 -1.33
CA PRO C 408 10.71 16.11 -2.05
C PRO C 408 11.65 15.07 -1.47
N SER C 409 11.44 14.65 -0.22
CA SER C 409 12.19 13.51 0.28
C SER C 409 11.78 12.23 -0.44
N SER C 410 10.53 12.15 -0.87
CA SER C 410 10.05 11.02 -1.66
C SER C 410 10.18 11.28 -3.15
N TRP C 411 11.37 11.70 -3.56
CA TRP C 411 11.71 11.89 -4.97
C TRP C 411 12.84 10.93 -5.29
N ASP C 412 12.67 10.12 -6.33
CA ASP C 412 13.74 9.24 -6.75
C ASP C 412 13.60 8.94 -8.23
N ILE C 413 14.72 8.66 -8.86
CA ILE C 413 14.77 8.36 -10.28
C ILE C 413 14.33 6.91 -10.50
N TYR C 414 13.73 6.64 -11.65
CA TYR C 414 13.39 5.29 -12.05
C TYR C 414 14.30 4.87 -13.20
N ILE C 415 15.02 3.78 -13.00
CA ILE C 415 15.86 3.18 -14.03
C ILE C 415 15.39 1.75 -14.23
N PRO C 416 14.99 1.34 -15.43
CA PRO C 416 14.61 -0.05 -15.65
C PRO C 416 15.83 -0.95 -15.64
N THR C 417 15.61 -2.22 -15.33
CA THR C 417 16.68 -3.20 -15.33
C THR C 417 16.70 -3.92 -16.68
N ILE C 418 17.48 -5.00 -16.77
CA ILE C 418 17.45 -5.80 -17.98
C ILE C 418 16.20 -6.65 -18.03
N TRP C 419 15.52 -6.84 -16.91
CA TRP C 419 14.40 -7.76 -16.83
C TRP C 419 13.10 -7.13 -17.32
N ASP C 420 12.98 -5.81 -17.22
CA ASP C 420 11.84 -5.11 -17.80
C ASP C 420 11.85 -5.24 -19.32
N TRP C 421 13.00 -4.93 -19.92
CA TRP C 421 13.19 -5.07 -21.36
C TRP C 421 13.12 -6.53 -21.80
N SER C 422 13.59 -7.45 -20.95
CA SER C 422 13.46 -8.87 -21.23
C SER C 422 12.00 -9.30 -21.30
N LEU C 423 11.19 -8.85 -20.35
CA LEU C 423 9.77 -9.18 -20.36
C LEU C 423 9.05 -8.51 -21.53
N TYR C 424 9.49 -7.31 -21.91
CA TYR C 424 8.86 -6.60 -23.03
C TYR C 424 9.11 -7.35 -24.34
N ILE C 425 10.37 -7.72 -24.58
CA ILE C 425 10.74 -8.49 -25.77
C ILE C 425 10.08 -9.85 -25.76
N GLY C 426 9.93 -10.45 -24.57
CA GLY C 426 9.26 -11.72 -24.48
C GLY C 426 7.77 -11.64 -24.78
N THR C 427 7.12 -10.55 -24.37
CA THR C 427 5.73 -10.37 -24.73
C THR C 427 5.56 -10.09 -26.23
N PHE C 428 6.55 -9.43 -26.85
CA PHE C 428 6.59 -9.37 -28.30
C PHE C 428 6.66 -10.76 -28.92
N GLY C 429 7.42 -11.66 -28.29
CA GLY C 429 7.51 -13.02 -28.77
C GLY C 429 6.20 -13.78 -28.64
N LEU C 430 5.50 -13.61 -27.51
CA LEU C 430 4.20 -14.25 -27.34
C LEU C 430 3.18 -13.73 -28.35
N PHE C 431 3.20 -12.41 -28.60
CA PHE C 431 2.35 -11.79 -29.61
C PHE C 431 2.63 -12.34 -31.01
N PHE C 432 3.90 -12.34 -31.41
CA PHE C 432 4.25 -12.76 -32.76
C PHE C 432 4.07 -14.26 -32.96
N THR C 433 4.29 -15.05 -31.91
CA THR C 433 4.06 -16.49 -31.99
C THR C 433 2.57 -16.78 -32.21
N LEU C 434 1.70 -16.17 -31.40
CA LEU C 434 0.26 -16.38 -31.56
C LEU C 434 -0.23 -15.85 -32.91
N LEU C 435 0.35 -14.75 -33.38
CA LEU C 435 0.03 -14.22 -34.71
C LEU C 435 0.45 -15.19 -35.81
N PHE C 436 1.59 -15.87 -35.65
CA PHE C 436 2.04 -16.78 -36.70
C PHE C 436 1.24 -18.07 -36.73
N LEU C 437 0.85 -18.59 -35.56
CA LEU C 437 -0.12 -19.70 -35.61
C LEU C 437 -1.45 -19.27 -36.20
N PHE C 438 -1.90 -18.04 -35.91
CA PHE C 438 -3.13 -17.54 -36.51
C PHE C 438 -3.04 -17.48 -38.03
N ILE C 439 -1.96 -16.92 -38.57
CA ILE C 439 -1.85 -16.83 -40.02
C ILE C 439 -1.48 -18.16 -40.64
N ARG C 440 -1.15 -19.18 -39.85
CA ARG C 440 -1.00 -20.52 -40.40
C ARG C 440 -2.32 -21.28 -40.48
N VAL C 441 -2.98 -21.54 -39.35
CA VAL C 441 -4.10 -22.49 -39.38
C VAL C 441 -5.40 -21.80 -39.86
N LEU C 442 -5.55 -20.52 -39.61
CA LEU C 442 -6.79 -19.80 -39.89
C LEU C 442 -6.57 -18.73 -40.95
N PRO C 443 -7.60 -18.33 -41.70
CA PRO C 443 -7.41 -17.27 -42.70
C PRO C 443 -7.39 -15.90 -42.05
N MET C 444 -6.63 -15.00 -42.66
CA MET C 444 -6.38 -13.68 -42.08
C MET C 444 -7.28 -12.59 -42.65
N ILE C 445 -8.06 -12.89 -43.67
CA ILE C 445 -9.05 -11.99 -44.22
C ILE C 445 -10.39 -12.72 -44.15
N ASN C 446 -11.42 -12.01 -43.72
CA ASN C 446 -12.78 -12.53 -43.74
C ASN C 446 -13.19 -12.94 -45.15
N ILE C 447 -13.38 -14.24 -45.37
CA ILE C 447 -13.73 -14.73 -46.70
C ILE C 447 -15.17 -14.34 -47.05
N PHE C 448 -16.01 -14.52 -46.06
CA PHE C 448 -17.33 -14.02 -46.22
C PHE C 448 -17.12 -12.56 -45.86
N GLU C 449 -18.07 -11.71 -46.04
CA GLU C 449 -17.99 -10.25 -45.86
C GLU C 449 -16.93 -9.60 -46.75
N MET C 450 -16.15 -10.39 -47.47
CA MET C 450 -15.46 -9.94 -48.68
C MET C 450 -16.20 -10.37 -49.92
N ARG C 451 -16.77 -11.57 -49.90
CA ARG C 451 -17.74 -11.97 -50.90
C ARG C 451 -18.98 -11.10 -50.82
N LEU C 452 -19.42 -10.77 -49.60
CA LEU C 452 -20.49 -9.80 -49.45
C LEU C 452 -20.03 -8.42 -49.89
N PHE C 453 -18.77 -8.06 -49.62
CA PHE C 453 -18.26 -6.80 -50.12
C PHE C 453 -18.11 -6.80 -51.63
N LEU C 454 -17.78 -7.96 -52.22
CA LEU C 454 -17.77 -8.08 -53.68
C LEU C 454 -19.16 -7.91 -54.25
N TYR C 455 -20.17 -8.50 -53.59
CA TYR C 455 -21.56 -8.33 -53.97
C TYR C 455 -21.98 -6.87 -53.87
N GLN C 456 -21.61 -6.19 -52.79
CA GLN C 456 -21.99 -4.80 -52.60
C GLN C 456 -21.29 -3.89 -53.60
N GLU C 457 -20.04 -4.22 -53.94
CA GLU C 457 -19.32 -3.45 -54.94
C GLU C 457 -19.91 -3.63 -56.33
N THR C 458 -20.26 -4.86 -56.72
CA THR C 458 -20.86 -5.03 -58.04
C THR C 458 -22.31 -4.53 -58.07
N GLU C 459 -22.96 -4.44 -56.90
CA GLU C 459 -24.31 -3.89 -56.85
C GLU C 459 -24.27 -2.37 -56.96
N LYS C 460 -23.28 -1.74 -56.34
CA LYS C 460 -23.04 -0.31 -56.57
C LYS C 460 -22.67 -0.07 -58.03
N ALA C 461 -21.87 -0.97 -58.63
CA ALA C 461 -21.59 -0.88 -60.05
C ALA C 461 -22.82 -1.15 -60.91
N LYS C 462 -23.85 -1.80 -60.37
CA LYS C 462 -25.09 -1.98 -61.12
C LYS C 462 -25.99 -0.75 -61.03
N GLN C 463 -26.36 -0.33 -59.81
CA GLN C 463 -27.26 0.81 -59.66
C GLN C 463 -26.60 2.16 -59.92
N ARG C 464 -25.27 2.20 -60.01
CA ARG C 464 -24.48 3.41 -60.23
C ARG C 464 -24.75 4.49 -59.18
N VAL D 5 -36.22 -36.95 -49.24
CA VAL D 5 -37.39 -36.99 -48.38
C VAL D 5 -37.37 -35.75 -47.49
N TYR D 6 -36.18 -35.18 -47.30
CA TYR D 6 -36.08 -33.93 -46.55
C TYR D 6 -36.58 -32.75 -47.36
N GLY D 7 -36.22 -32.68 -48.64
CA GLY D 7 -36.60 -31.57 -49.47
C GLY D 7 -35.95 -31.69 -50.84
N VAL D 8 -36.04 -30.62 -51.62
CA VAL D 8 -35.41 -30.53 -52.94
C VAL D 8 -34.67 -29.21 -53.04
N MET D 9 -33.41 -29.27 -53.45
CA MET D 9 -32.55 -28.10 -53.65
C MET D 9 -32.51 -27.76 -55.14
N ALA D 10 -31.89 -26.62 -55.49
CA ALA D 10 -32.03 -26.07 -56.83
C ALA D 10 -30.74 -25.67 -57.54
N GLU D 11 -29.69 -25.22 -56.82
CA GLU D 11 -28.38 -24.89 -57.40
C GLU D 11 -28.43 -23.77 -58.45
N PHE D 12 -28.60 -22.49 -57.99
CA PHE D 12 -28.56 -21.37 -58.93
C PHE D 12 -27.17 -20.76 -59.03
N PRO D 13 -26.76 -20.29 -60.23
CA PRO D 13 -25.38 -19.80 -60.42
C PRO D 13 -24.99 -18.52 -59.71
N THR D 14 -25.74 -17.45 -59.94
CA THR D 14 -25.39 -16.11 -59.50
C THR D 14 -26.29 -15.69 -58.34
N PRO D 15 -25.86 -14.77 -57.47
CA PRO D 15 -26.78 -14.29 -56.41
C PRO D 15 -28.00 -13.58 -56.94
N GLU D 16 -27.88 -12.87 -58.07
CA GLU D 16 -29.05 -12.22 -58.68
C GLU D 16 -30.01 -13.24 -59.26
N ALA D 17 -29.48 -14.34 -59.81
CA ALA D 17 -30.34 -15.43 -60.26
C ALA D 17 -31.07 -16.07 -59.09
N LEU D 18 -30.38 -16.23 -57.96
CA LEU D 18 -31.02 -16.75 -56.75
C LEU D 18 -32.09 -15.79 -56.24
N ILE D 19 -31.87 -14.48 -56.39
CA ILE D 19 -32.83 -13.50 -55.90
C ILE D 19 -34.09 -13.49 -56.78
N GLU D 20 -33.91 -13.45 -58.10
CA GLU D 20 -35.05 -13.52 -59.00
C GLU D 20 -35.76 -14.87 -58.90
N ALA D 21 -35.01 -15.91 -58.56
CA ALA D 21 -35.60 -17.23 -58.36
C ALA D 21 -36.44 -17.29 -57.10
N THR D 22 -35.92 -16.76 -55.99
CA THR D 22 -36.65 -16.78 -54.73
C THR D 22 -37.80 -15.81 -54.75
N ARG D 23 -37.76 -14.80 -55.61
CA ARG D 23 -38.93 -13.98 -55.86
C ARG D 23 -39.96 -14.74 -56.71
N LYS D 24 -39.49 -15.54 -57.67
CA LYS D 24 -40.40 -16.41 -58.40
C LYS D 24 -40.92 -17.53 -57.52
N ALA D 25 -40.08 -18.08 -56.66
CA ALA D 25 -40.55 -19.06 -55.68
C ALA D 25 -41.41 -18.39 -54.64
N LYS D 26 -42.41 -19.14 -54.14
CA LYS D 26 -43.33 -18.84 -53.03
C LYS D 26 -44.35 -17.76 -53.43
N ALA D 27 -44.14 -17.09 -54.57
CA ALA D 27 -45.23 -16.43 -55.26
C ALA D 27 -46.16 -17.44 -55.90
N ALA D 28 -45.68 -18.66 -56.13
CA ALA D 28 -46.53 -19.80 -56.45
C ALA D 28 -47.19 -20.38 -55.21
N GLY D 29 -46.83 -19.92 -54.03
CA GLY D 29 -47.41 -20.40 -52.80
C GLY D 29 -46.62 -21.46 -52.08
N TYR D 30 -45.32 -21.55 -52.32
CA TYR D 30 -44.50 -22.59 -51.70
C TYR D 30 -43.73 -21.97 -50.53
N THR D 31 -44.42 -21.83 -49.40
CA THR D 31 -43.80 -21.25 -48.22
C THR D 31 -42.92 -22.28 -47.52
N LYS D 32 -42.25 -21.84 -46.44
CA LYS D 32 -41.35 -22.64 -45.60
C LYS D 32 -40.20 -23.25 -46.43
N MET D 33 -39.33 -22.36 -46.91
CA MET D 33 -38.12 -22.80 -47.58
C MET D 33 -36.91 -22.11 -46.95
N ASP D 34 -35.73 -22.46 -47.47
CA ASP D 34 -34.47 -22.05 -46.85
C ASP D 34 -33.42 -21.97 -47.95
N ALA D 35 -33.06 -20.75 -48.33
CA ALA D 35 -32.07 -20.53 -49.39
C ALA D 35 -30.67 -20.50 -48.80
N PHE D 36 -29.72 -21.11 -49.50
CA PHE D 36 -28.35 -21.23 -49.05
C PHE D 36 -27.43 -20.36 -49.89
N SER D 37 -26.35 -19.88 -49.27
CA SER D 37 -25.52 -18.84 -49.85
C SER D 37 -24.18 -18.82 -49.13
N PRO D 38 -23.10 -18.42 -49.81
CA PRO D 38 -21.83 -18.23 -49.09
C PRO D 38 -21.79 -16.97 -48.24
N PHE D 39 -22.62 -16.00 -48.54
CA PHE D 39 -22.63 -14.70 -47.89
C PHE D 39 -24.07 -14.25 -47.78
N PRO D 40 -24.41 -13.36 -46.82
CA PRO D 40 -25.80 -12.90 -46.71
C PRO D 40 -26.21 -12.01 -47.86
N ILE D 41 -27.12 -12.49 -48.70
CA ILE D 41 -27.53 -11.72 -49.87
C ILE D 41 -28.33 -10.49 -49.47
N GLU D 42 -29.01 -10.56 -48.31
CA GLU D 42 -29.93 -9.55 -47.79
C GLU D 42 -31.08 -9.26 -48.74
N GLU D 43 -31.44 -10.25 -49.57
CA GLU D 43 -32.64 -10.14 -50.38
C GLU D 43 -33.43 -11.45 -50.34
N VAL D 44 -32.76 -12.60 -50.19
CA VAL D 44 -33.46 -13.77 -49.67
C VAL D 44 -33.77 -13.57 -48.19
N ILE D 45 -32.83 -13.00 -47.44
CA ILE D 45 -33.05 -12.66 -46.04
C ILE D 45 -34.09 -11.56 -45.91
N GLU D 46 -34.14 -10.62 -46.85
CA GLU D 46 -35.22 -9.63 -46.85
C GLU D 46 -36.56 -10.28 -47.14
N GLU D 47 -36.59 -11.27 -48.03
CA GLU D 47 -37.86 -11.81 -48.49
C GLU D 47 -38.32 -13.02 -47.68
N ILE D 48 -37.51 -14.09 -47.64
CA ILE D 48 -37.96 -15.35 -47.08
C ILE D 48 -37.35 -15.64 -45.72
N ALA D 49 -36.54 -14.72 -45.19
CA ALA D 49 -36.22 -14.70 -43.77
C ALA D 49 -36.77 -13.42 -43.15
N HIS D 50 -37.92 -12.98 -43.66
CA HIS D 50 -38.58 -11.78 -43.17
C HIS D 50 -39.11 -12.00 -41.76
N GLY D 51 -38.97 -10.99 -40.92
CA GLY D 51 -39.51 -11.06 -39.57
C GLY D 51 -38.56 -10.58 -38.50
N ASP D 52 -38.72 -11.11 -37.29
CA ASP D 52 -37.91 -10.73 -36.14
C ASP D 52 -37.05 -11.91 -35.73
N THR D 53 -35.77 -11.65 -35.50
CA THR D 53 -34.78 -12.71 -35.35
C THR D 53 -34.92 -13.45 -34.03
N GLY D 54 -34.93 -12.73 -32.91
CA GLY D 54 -35.11 -13.32 -31.60
C GLY D 54 -33.96 -13.10 -30.63
N VAL D 55 -32.73 -12.92 -31.11
CA VAL D 55 -31.63 -12.56 -30.22
C VAL D 55 -31.68 -11.16 -29.58
N PRO D 56 -32.34 -10.10 -30.13
CA PRO D 56 -32.25 -8.83 -29.41
C PRO D 56 -33.01 -8.79 -28.09
N ARG D 57 -34.11 -9.53 -27.98
CA ARG D 57 -34.79 -9.59 -26.70
C ARG D 57 -33.96 -10.38 -25.68
N LEU D 58 -33.19 -11.36 -26.16
CA LEU D 58 -32.26 -12.08 -25.29
C LEU D 58 -31.15 -11.18 -24.77
N VAL D 59 -30.55 -10.36 -25.64
CA VAL D 59 -29.45 -9.52 -25.18
C VAL D 59 -29.98 -8.41 -24.28
N LEU D 60 -31.18 -7.89 -24.57
CA LEU D 60 -31.80 -6.87 -23.72
C LEU D 60 -32.09 -7.41 -22.32
N LEU D 61 -32.68 -8.61 -22.24
CA LEU D 61 -32.98 -9.23 -20.96
C LEU D 61 -31.71 -9.54 -20.19
N PHE D 62 -30.75 -10.22 -20.83
CA PHE D 62 -29.59 -10.68 -20.08
C PHE D 62 -28.64 -9.55 -19.74
N GLY D 63 -28.56 -8.51 -20.58
CA GLY D 63 -27.79 -7.33 -20.23
C GLY D 63 -28.41 -6.54 -19.10
N LEU D 64 -29.75 -6.44 -19.08
CA LEU D 64 -30.43 -5.76 -17.99
C LEU D 64 -30.22 -6.49 -16.67
N ILE D 65 -30.39 -7.82 -16.68
CA ILE D 65 -30.17 -8.58 -15.45
C ILE D 65 -28.69 -8.68 -15.11
N GLY D 66 -27.79 -8.55 -16.08
CA GLY D 66 -26.37 -8.55 -15.77
C GLY D 66 -25.92 -7.26 -15.12
N ALA D 67 -26.41 -6.12 -15.61
CA ALA D 67 -26.14 -4.85 -14.94
C ALA D 67 -26.77 -4.80 -13.56
N ALA D 68 -27.99 -5.35 -13.43
CA ALA D 68 -28.64 -5.45 -12.14
C ALA D 68 -27.86 -6.35 -11.19
N SER D 69 -27.35 -7.48 -11.68
CA SER D 69 -26.59 -8.40 -10.87
C SER D 69 -25.25 -7.81 -10.47
N GLY D 70 -24.60 -7.06 -11.36
CA GLY D 70 -23.34 -6.43 -11.02
C GLY D 70 -23.50 -5.33 -9.98
N PHE D 71 -24.56 -4.52 -10.10
CA PHE D 71 -24.88 -3.53 -9.10
C PHE D 71 -25.20 -4.16 -7.75
N ILE D 72 -26.04 -5.21 -7.75
CA ILE D 72 -26.42 -5.87 -6.52
C ILE D 72 -25.22 -6.59 -5.90
N LEU D 73 -24.32 -7.12 -6.74
CA LEU D 73 -23.13 -7.80 -6.26
C LEU D 73 -22.18 -6.83 -5.57
N GLN D 74 -21.95 -5.66 -6.17
CA GLN D 74 -21.12 -4.65 -5.53
C GLN D 74 -21.75 -4.15 -4.23
N TYR D 75 -23.07 -3.93 -4.24
CA TYR D 75 -23.76 -3.44 -3.05
C TYR D 75 -23.70 -4.45 -1.90
N ILE D 76 -24.04 -5.71 -2.20
CA ILE D 76 -24.07 -6.77 -1.21
C ILE D 76 -22.66 -7.06 -0.70
N GLY D 77 -21.67 -7.02 -1.57
CA GLY D 77 -20.31 -7.28 -1.17
C GLY D 77 -19.69 -6.20 -0.30
N ASN D 78 -19.63 -4.98 -0.78
CA ASN D 78 -18.87 -3.96 -0.06
C ASN D 78 -19.70 -3.11 0.88
N LEU D 79 -21.04 -3.16 0.84
CA LEU D 79 -21.81 -2.31 1.71
C LEU D 79 -22.73 -3.05 2.66
N VAL D 80 -22.97 -4.35 2.47
CA VAL D 80 -23.90 -5.07 3.31
C VAL D 80 -23.22 -6.20 4.07
N ASP D 81 -22.62 -7.14 3.34
CA ASP D 81 -22.11 -8.37 3.97
C ASP D 81 -20.87 -8.09 4.81
N TYR D 82 -19.91 -7.36 4.25
CA TYR D 82 -18.71 -6.93 4.97
C TYR D 82 -18.58 -5.43 4.78
N PRO D 83 -19.25 -4.63 5.61
CA PRO D 83 -19.11 -3.19 5.49
C PRO D 83 -17.75 -2.73 5.99
N LEU D 84 -16.87 -2.37 5.05
CA LEU D 84 -15.52 -1.96 5.37
C LEU D 84 -15.37 -0.48 5.08
N ASN D 85 -14.59 0.20 5.91
CA ASN D 85 -14.28 1.61 5.71
C ASN D 85 -13.02 1.69 4.88
N VAL D 86 -13.16 2.09 3.62
CA VAL D 86 -12.03 2.38 2.75
C VAL D 86 -12.10 3.84 2.36
N GLY D 87 -10.98 4.54 2.46
CA GLY D 87 -10.81 5.87 1.92
C GLY D 87 -11.70 6.99 2.42
N GLY D 88 -12.51 6.72 3.44
CA GLY D 88 -13.59 7.62 3.74
C GLY D 88 -14.74 7.59 2.75
N ARG D 89 -14.77 6.59 1.87
CA ARG D 89 -15.86 6.46 0.91
C ARG D 89 -17.13 6.06 1.63
N PRO D 90 -18.30 6.47 1.13
CA PRO D 90 -19.54 6.19 1.85
C PRO D 90 -19.93 4.72 1.76
N LEU D 91 -20.73 4.30 2.74
CA LEU D 91 -21.22 2.93 2.81
C LEU D 91 -22.71 2.83 2.51
N ASP D 92 -23.24 3.78 1.73
CA ASP D 92 -24.63 3.79 1.32
C ASP D 92 -24.73 3.98 -0.19
N ILE D 93 -25.92 4.31 -0.69
CA ILE D 93 -26.13 4.51 -2.12
C ILE D 93 -25.41 5.73 -2.68
N THR D 94 -24.88 6.61 -1.83
CA THR D 94 -24.09 7.75 -2.28
C THR D 94 -22.72 7.32 -2.79
N ASN D 95 -22.35 6.05 -2.61
CA ASN D 95 -21.18 5.42 -3.20
C ASN D 95 -21.52 4.90 -4.62
N TRP D 96 -22.57 5.45 -5.25
CA TRP D 96 -22.91 5.13 -6.63
C TRP D 96 -21.77 5.41 -7.63
N PRO D 97 -20.96 6.48 -7.57
CA PRO D 97 -19.75 6.45 -8.40
C PRO D 97 -18.77 5.47 -7.75
N ALA D 98 -17.92 4.87 -8.59
CA ALA D 98 -17.12 3.68 -8.29
C ALA D 98 -18.01 2.47 -8.02
N MET D 99 -19.18 2.46 -8.63
CA MET D 99 -19.99 1.25 -8.76
C MET D 99 -20.57 1.07 -10.14
N ILE D 100 -20.58 2.12 -10.96
CA ILE D 100 -20.99 2.10 -12.37
C ILE D 100 -20.14 1.22 -13.28
N PRO D 101 -18.79 1.20 -13.24
CA PRO D 101 -18.06 0.43 -14.27
C PRO D 101 -18.23 -1.07 -14.18
N ILE D 102 -18.27 -1.63 -12.97
CA ILE D 102 -18.49 -3.08 -12.83
C ILE D 102 -19.92 -3.44 -13.24
N THR D 103 -20.87 -2.54 -12.97
CA THR D 103 -22.23 -2.69 -13.47
C THR D 103 -22.25 -2.76 -14.99
N PHE D 104 -21.50 -1.87 -15.63
CA PHE D 104 -21.50 -1.80 -17.09
C PHE D 104 -20.82 -3.03 -17.68
N GLU D 105 -19.66 -3.42 -17.12
CA GLU D 105 -18.91 -4.56 -17.63
C GLU D 105 -19.67 -5.86 -17.44
N SER D 106 -20.37 -6.03 -16.31
CA SER D 106 -21.20 -7.21 -16.11
C SER D 106 -22.38 -7.21 -17.07
N GLY D 107 -22.98 -6.05 -17.33
CA GLY D 107 -24.06 -5.98 -18.30
C GLY D 107 -23.61 -6.34 -19.71
N ILE D 108 -22.44 -5.85 -20.12
CA ILE D 108 -21.91 -6.16 -21.45
C ILE D 108 -21.48 -7.61 -21.54
N LEU D 109 -20.92 -8.17 -20.46
CA LEU D 109 -20.53 -9.58 -20.43
C LEU D 109 -21.74 -10.50 -20.59
N LEU D 110 -22.77 -10.29 -19.78
CA LEU D 110 -23.97 -11.12 -19.86
C LEU D 110 -24.71 -10.89 -21.18
N ALA D 111 -24.66 -9.66 -21.69
CA ALA D 111 -25.28 -9.32 -22.95
C ALA D 111 -24.60 -9.99 -24.13
N SER D 112 -23.27 -10.07 -24.11
CA SER D 112 -22.54 -10.68 -25.23
C SER D 112 -22.62 -12.20 -25.17
N PHE D 113 -22.63 -12.78 -23.95
CA PHE D 113 -22.97 -14.19 -23.82
C PHE D 113 -24.35 -14.49 -24.39
N ALA D 114 -25.31 -13.59 -24.11
CA ALA D 114 -26.66 -13.75 -24.66
C ALA D 114 -26.66 -13.69 -26.17
N ALA D 115 -25.93 -12.75 -26.75
CA ALA D 115 -25.90 -12.60 -28.21
C ALA D 115 -25.27 -13.82 -28.88
N ALA D 116 -24.10 -14.25 -28.38
CA ALA D 116 -23.41 -15.42 -28.93
C ALA D 116 -24.23 -16.69 -28.77
N ILE D 117 -24.55 -17.05 -27.53
CA ILE D 117 -25.22 -18.31 -27.26
C ILE D 117 -26.65 -18.30 -27.78
N GLY D 118 -27.31 -17.13 -27.80
CA GLY D 118 -28.66 -17.07 -28.34
C GLY D 118 -28.71 -17.18 -29.84
N MET D 119 -27.74 -16.59 -30.55
CA MET D 119 -27.67 -16.81 -31.99
C MET D 119 -27.32 -18.25 -32.33
N ILE D 120 -26.35 -18.83 -31.61
CA ILE D 120 -25.95 -20.21 -31.84
C ILE D 120 -27.07 -21.19 -31.46
N VAL D 121 -27.91 -20.83 -30.50
CA VAL D 121 -28.97 -21.74 -30.08
C VAL D 121 -30.22 -21.56 -30.94
N LEU D 122 -30.58 -20.32 -31.27
CA LEU D 122 -31.79 -20.07 -32.05
C LEU D 122 -31.65 -20.52 -33.50
N ASN D 123 -30.42 -20.54 -34.02
CA ASN D 123 -30.21 -21.13 -35.34
C ASN D 123 -30.11 -22.65 -35.28
N GLY D 124 -30.15 -23.24 -34.08
CA GLY D 124 -29.81 -24.64 -33.93
C GLY D 124 -28.38 -24.94 -34.34
N LEU D 125 -27.52 -23.96 -34.16
CA LEU D 125 -26.20 -24.10 -34.70
C LEU D 125 -25.30 -25.22 -34.35
N PRO D 126 -25.13 -25.56 -33.04
CA PRO D 126 -24.16 -26.68 -32.87
C PRO D 126 -24.73 -28.01 -33.37
N SER D 127 -24.77 -28.14 -34.69
CA SER D 127 -25.33 -29.32 -35.35
C SER D 127 -24.39 -29.70 -36.46
N PRO D 128 -23.41 -30.58 -36.20
CA PRO D 128 -22.47 -30.99 -37.25
C PRO D 128 -23.11 -31.80 -38.36
N TYR D 129 -24.20 -32.51 -38.07
CA TYR D 129 -24.92 -33.28 -39.07
C TYR D 129 -26.25 -32.60 -39.39
N HIS D 130 -26.47 -32.32 -40.67
CA HIS D 130 -27.74 -31.84 -41.18
C HIS D 130 -28.02 -32.59 -42.46
N PRO D 131 -29.29 -32.82 -42.80
CA PRO D 131 -29.62 -33.52 -44.04
C PRO D 131 -29.09 -32.86 -45.30
N VAL D 132 -29.03 -31.53 -45.36
CA VAL D 132 -28.76 -30.84 -46.61
C VAL D 132 -27.30 -30.92 -47.05
N PHE D 133 -26.42 -31.55 -46.26
CA PHE D 133 -25.08 -31.91 -46.72
C PHE D 133 -25.07 -33.18 -47.58
N ASN D 134 -26.22 -33.86 -47.73
CA ASN D 134 -26.29 -35.08 -48.53
C ASN D 134 -26.16 -34.84 -50.02
N VAL D 135 -26.43 -33.61 -50.48
CA VAL D 135 -26.43 -33.26 -51.89
C VAL D 135 -25.01 -33.31 -52.42
N PRO D 136 -24.78 -33.85 -53.63
CA PRO D 136 -23.42 -33.92 -54.19
C PRO D 136 -22.73 -32.59 -54.45
N ARG D 137 -23.41 -31.44 -54.30
CA ARG D 137 -22.76 -30.15 -54.57
C ARG D 137 -22.87 -29.18 -53.41
N PHE D 138 -23.33 -29.60 -52.22
CA PHE D 138 -23.45 -28.67 -51.10
C PHE D 138 -22.11 -28.22 -50.53
N GLN D 139 -21.01 -28.88 -50.86
CA GLN D 139 -19.71 -28.41 -50.40
C GLN D 139 -19.31 -27.09 -51.07
N TYR D 140 -19.98 -26.72 -52.14
CA TYR D 140 -19.79 -25.42 -52.78
C TYR D 140 -20.76 -24.36 -52.27
N ALA D 141 -21.53 -24.65 -51.23
CA ALA D 141 -22.43 -23.63 -50.68
C ALA D 141 -21.65 -22.52 -50.02
N SER D 142 -20.70 -22.87 -49.17
CA SER D 142 -19.84 -21.87 -48.55
C SER D 142 -18.77 -21.37 -49.50
N GLN D 143 -18.69 -21.98 -50.67
CA GLN D 143 -17.66 -21.61 -51.59
C GLN D 143 -18.26 -21.43 -52.96
N ASP D 144 -18.87 -20.29 -53.23
CA ASP D 144 -19.41 -19.96 -54.58
C ASP D 144 -20.72 -20.54 -55.10
N ALA D 145 -21.62 -21.01 -54.28
CA ALA D 145 -22.87 -21.49 -54.86
C ALA D 145 -24.07 -20.97 -54.17
N PHE D 146 -25.17 -20.93 -54.88
CA PHE D 146 -26.35 -20.36 -54.33
C PHE D 146 -27.45 -21.35 -54.47
N PHE D 147 -27.86 -21.88 -53.34
CA PHE D 147 -28.88 -22.92 -53.31
C PHE D 147 -30.18 -22.35 -52.77
N LEU D 148 -31.29 -22.85 -53.30
CA LEU D 148 -32.61 -22.59 -52.76
C LEU D 148 -33.28 -23.96 -52.55
N CYS D 149 -33.26 -24.44 -51.32
CA CYS D 149 -33.86 -25.72 -50.98
C CYS D 149 -35.16 -25.47 -50.24
N ILE D 150 -36.22 -26.09 -50.71
CA ILE D 150 -37.49 -26.02 -50.03
C ILE D 150 -37.71 -27.35 -49.32
N GLU D 151 -38.56 -27.34 -48.31
CA GLU D 151 -38.55 -28.38 -47.30
C GLU D 151 -39.88 -29.13 -47.25
N ALA D 152 -39.83 -30.33 -46.66
CA ALA D 152 -41.01 -31.19 -46.56
C ALA D 152 -42.03 -30.69 -45.56
N THR D 153 -41.63 -29.82 -44.64
CA THR D 153 -42.51 -29.23 -43.63
C THR D 153 -43.57 -28.32 -44.25
N ASP D 154 -43.33 -27.84 -45.48
CA ASP D 154 -44.26 -26.99 -46.21
C ASP D 154 -45.58 -27.74 -46.49
N PRO D 155 -46.73 -27.07 -46.35
CA PRO D 155 -48.02 -27.74 -46.61
C PRO D 155 -48.26 -28.16 -48.05
N LEU D 156 -47.70 -27.46 -49.04
CA LEU D 156 -47.97 -27.75 -50.44
C LEU D 156 -46.90 -28.63 -51.08
N PHE D 157 -46.23 -29.47 -50.29
CA PHE D 157 -45.04 -30.18 -50.73
C PHE D 157 -45.39 -31.56 -51.24
N ASP D 158 -44.83 -31.92 -52.39
CA ASP D 158 -44.80 -33.28 -52.90
C ASP D 158 -43.64 -33.36 -53.89
N ARG D 159 -42.93 -34.50 -53.87
CA ARG D 159 -41.60 -34.58 -54.46
C ARG D 159 -41.63 -34.37 -55.98
N SER D 160 -42.62 -34.95 -56.66
CA SER D 160 -42.70 -34.78 -58.11
C SER D 160 -43.14 -33.37 -58.49
N ARG D 161 -44.05 -32.78 -57.72
CA ARG D 161 -44.52 -31.43 -58.02
C ARG D 161 -43.51 -30.36 -57.63
N THR D 162 -42.76 -30.59 -56.55
CA THR D 162 -41.75 -29.63 -56.12
C THR D 162 -40.59 -29.56 -57.11
N SER D 163 -40.08 -30.72 -57.52
CA SER D 163 -38.88 -30.71 -58.35
C SER D 163 -39.19 -30.29 -59.79
N GLN D 164 -40.44 -30.43 -60.23
CA GLN D 164 -40.84 -29.85 -61.50
C GLN D 164 -41.11 -28.36 -61.38
N PHE D 165 -41.40 -27.86 -60.18
CA PHE D 165 -41.48 -26.42 -59.99
C PHE D 165 -40.10 -25.80 -59.94
N LEU D 166 -39.16 -26.46 -59.26
CA LEU D 166 -37.78 -25.98 -59.18
C LEU D 166 -37.05 -26.12 -60.50
N ARG D 167 -37.51 -26.97 -61.42
CA ARG D 167 -36.95 -27.05 -62.75
C ARG D 167 -37.51 -26.01 -63.71
N SER D 168 -38.70 -25.47 -63.42
CA SER D 168 -39.37 -24.55 -64.35
C SER D 168 -38.57 -23.27 -64.53
N LEU D 169 -38.16 -22.67 -63.44
CA LEU D 169 -37.16 -21.62 -63.44
C LEU D 169 -35.77 -22.25 -63.56
N ASN D 170 -34.96 -21.72 -64.47
CA ASN D 170 -33.85 -22.48 -65.04
C ASN D 170 -32.71 -22.67 -64.05
N PRO D 171 -32.41 -23.90 -63.63
CA PRO D 171 -31.29 -24.16 -62.72
C PRO D 171 -30.03 -24.63 -63.44
N MET D 172 -28.96 -24.93 -62.70
CA MET D 172 -28.04 -25.93 -63.21
C MET D 172 -28.57 -27.33 -62.94
N GLN D 173 -28.90 -27.62 -61.69
CA GLN D 173 -29.32 -28.96 -61.30
C GLN D 173 -30.17 -28.90 -60.04
N VAL D 174 -31.44 -29.26 -60.14
CA VAL D 174 -32.26 -29.53 -58.97
C VAL D 174 -32.13 -31.01 -58.63
N SER D 175 -32.30 -31.32 -57.35
CA SER D 175 -32.15 -32.67 -56.83
C SER D 175 -32.79 -32.73 -55.46
N GLU D 176 -33.41 -33.87 -55.16
CA GLU D 176 -33.93 -34.10 -53.83
C GLU D 176 -32.78 -34.31 -52.85
N VAL D 177 -33.03 -34.01 -51.59
CA VAL D 177 -32.07 -34.26 -50.53
C VAL D 177 -32.69 -35.25 -49.54
N ALA D 178 -31.94 -36.30 -49.21
CA ALA D 178 -32.38 -37.28 -48.24
C ALA D 178 -32.38 -36.68 -46.83
N TYR D 179 -32.89 -37.46 -45.88
CA TYR D 179 -32.97 -36.99 -44.50
C TYR D 179 -31.64 -37.05 -43.77
N CYS E 26 -3.32 -23.16 0.55
CA CYS E 26 -2.30 -23.96 -0.12
C CYS E 26 -0.96 -23.25 -0.27
N HIS E 27 -0.99 -21.92 -0.37
CA HIS E 27 0.22 -21.20 -0.74
C HIS E 27 1.21 -21.08 0.40
N GLN E 28 0.72 -21.00 1.65
CA GLN E 28 1.51 -21.10 2.88
C GLN E 28 2.60 -20.03 2.96
N ASP E 29 2.20 -18.76 2.92
CA ASP E 29 3.19 -17.70 2.84
C ASP E 29 3.76 -17.35 4.20
N MET E 30 2.95 -16.81 5.09
CA MET E 30 3.38 -16.54 6.45
C MET E 30 2.66 -17.45 7.43
N TYR E 31 2.27 -18.64 6.97
CA TYR E 31 1.47 -19.56 7.78
C TYR E 31 2.24 -20.08 8.97
N ASP E 32 3.51 -20.40 8.77
CA ASP E 32 4.44 -20.78 9.82
C ASP E 32 5.59 -19.81 9.69
N GLN E 33 5.54 -18.72 10.46
CA GLN E 33 6.47 -17.64 10.26
C GLN E 33 7.86 -17.99 10.77
N GLN E 34 8.83 -17.17 10.38
CA GLN E 34 10.21 -17.33 10.79
C GLN E 34 10.39 -17.07 12.27
N LYS E 35 9.57 -16.22 12.87
CA LYS E 35 9.71 -15.85 14.27
C LYS E 35 9.37 -17.03 15.18
N TYR E 36 9.80 -16.91 16.43
CA TYR E 36 9.51 -17.94 17.42
C TYR E 36 8.31 -17.52 18.25
N THR E 37 7.34 -18.42 18.34
CA THR E 37 6.10 -18.19 19.07
C THR E 37 6.35 -18.57 20.53
N THR E 38 5.29 -18.74 21.33
CA THR E 38 5.46 -18.97 22.76
C THR E 38 6.18 -20.29 23.04
N TYR E 39 5.68 -21.39 22.49
CA TYR E 39 6.32 -22.70 22.67
C TYR E 39 6.72 -23.29 21.33
N GLU E 40 7.14 -22.45 20.39
CA GLU E 40 7.72 -22.94 19.15
C GLU E 40 9.03 -23.65 19.44
N PRO E 41 9.28 -24.81 18.84
CA PRO E 41 10.55 -25.50 19.08
C PRO E 41 11.70 -24.82 18.37
N SER E 42 12.88 -24.87 19.00
CA SER E 42 14.06 -24.23 18.48
C SER E 42 15.19 -25.24 18.35
N SER E 43 15.84 -25.27 17.19
CA SER E 43 17.04 -26.07 17.01
C SER E 43 18.29 -25.38 17.53
N PHE E 44 18.23 -24.07 17.78
CA PHE E 44 19.41 -23.35 18.27
C PHE E 44 19.67 -23.67 19.73
N PHE E 45 18.65 -23.63 20.57
CA PHE E 45 18.82 -23.93 21.98
C PHE E 45 18.99 -25.42 22.19
N ALA E 46 19.69 -25.77 23.27
CA ALA E 46 20.21 -27.13 23.43
C ALA E 46 19.10 -28.14 23.72
N ASP E 47 18.20 -27.79 24.64
CA ASP E 47 17.14 -28.72 25.03
C ASP E 47 16.07 -28.90 23.97
N GLY E 48 15.89 -27.93 23.09
CA GLY E 48 14.81 -27.95 22.13
C GLY E 48 13.65 -27.07 22.49
N ARG E 49 13.88 -25.97 23.20
CA ARG E 49 12.85 -25.05 23.63
C ARG E 49 13.28 -23.65 23.28
N SER E 50 12.43 -22.90 22.58
CA SER E 50 12.73 -21.49 22.34
C SER E 50 12.52 -20.68 23.61
N SER E 51 11.51 -21.05 24.40
CA SER E 51 11.21 -20.34 25.63
C SER E 51 12.24 -20.68 26.68
N ARG E 52 12.93 -19.73 27.13
CA ARG E 52 14.07 -20.03 27.97
C ARG E 52 13.69 -20.01 29.44
N PRO E 53 14.37 -20.79 30.28
CA PRO E 53 14.07 -20.76 31.71
C PRO E 53 14.50 -19.45 32.35
N ASN E 54 13.98 -19.22 33.54
CA ASN E 54 14.28 -17.99 34.27
C ASN E 54 15.75 -17.96 34.67
N VAL E 55 16.39 -16.83 34.43
CA VAL E 55 17.77 -16.62 34.87
C VAL E 55 17.77 -16.50 36.39
N PRO E 56 18.66 -17.19 37.10
CA PRO E 56 18.65 -17.12 38.56
C PRO E 56 19.04 -15.74 39.08
N GLY E 57 18.30 -15.28 40.09
CA GLY E 57 18.57 -14.01 40.73
C GLY E 57 18.02 -12.80 40.03
N THR E 58 17.11 -12.98 39.07
CA THR E 58 16.58 -11.88 38.26
C THR E 58 15.12 -11.64 38.60
N THR E 59 14.75 -10.37 38.68
CA THR E 59 13.36 -10.00 38.93
C THR E 59 12.92 -8.98 37.89
N PRO E 60 11.65 -9.00 37.51
CA PRO E 60 11.16 -8.01 36.53
C PRO E 60 11.09 -6.59 37.07
N PHE E 61 10.63 -5.66 36.23
CA PHE E 61 10.52 -4.28 36.65
C PHE E 61 9.36 -4.13 37.64
N GLU E 62 9.62 -3.41 38.73
CA GLU E 62 8.65 -3.06 39.77
C GLU E 62 8.07 -4.30 40.46
N VAL E 63 8.86 -5.36 40.55
CA VAL E 63 8.52 -6.56 41.32
C VAL E 63 9.71 -6.89 42.19
N VAL E 64 9.50 -6.94 43.50
CA VAL E 64 10.59 -7.01 44.45
C VAL E 64 10.35 -8.14 45.43
N LYS E 65 11.44 -8.71 45.95
CA LYS E 65 11.39 -9.68 47.04
C LYS E 65 11.89 -9.07 48.34
N THR E 66 11.58 -7.79 48.58
CA THR E 66 12.11 -7.07 49.74
C THR E 66 11.41 -7.43 51.04
N ASP E 67 10.28 -8.14 50.99
CA ASP E 67 9.58 -8.60 52.17
C ASP E 67 9.56 -10.12 52.11
N GLU E 68 10.26 -10.77 53.04
CA GLU E 68 10.44 -12.20 53.00
C GLU E 68 9.18 -12.98 53.33
N PHE E 69 8.26 -12.38 54.10
CA PHE E 69 7.06 -13.12 54.49
C PHE E 69 6.07 -13.27 53.34
N LEU E 70 6.09 -12.36 52.36
CA LEU E 70 5.18 -12.46 51.24
C LEU E 70 5.58 -13.59 50.29
N TYR E 71 6.88 -13.85 50.13
CA TYR E 71 7.35 -14.80 49.14
C TYR E 71 7.98 -16.06 49.72
N THR E 72 8.16 -16.13 51.03
CA THR E 72 8.45 -17.40 51.69
C THR E 72 7.70 -17.39 53.01
N GLY E 73 7.49 -18.57 53.58
CA GLY E 73 6.72 -18.66 54.80
C GLY E 73 7.48 -18.34 56.07
N LEU E 74 8.77 -18.04 55.97
CA LEU E 74 9.66 -17.96 57.12
C LEU E 74 10.17 -16.53 57.27
N ILE E 75 9.94 -15.93 58.41
CA ILE E 75 10.55 -14.64 58.76
C ILE E 75 11.80 -14.83 59.62
N ASP E 76 11.65 -15.45 60.78
CA ASP E 76 12.78 -15.80 61.63
C ASP E 76 13.31 -17.19 61.34
N GLY E 77 12.74 -17.88 60.35
CA GLY E 77 13.10 -19.24 60.04
C GLY E 77 12.12 -20.30 60.50
N GLN E 78 11.11 -19.93 61.28
CA GLN E 78 10.09 -20.86 61.75
C GLN E 78 8.74 -20.50 61.15
N GLU E 79 7.71 -21.18 61.67
CA GLU E 79 6.34 -20.96 61.27
C GLU E 79 5.75 -19.76 62.01
N VAL E 80 4.81 -19.07 61.37
CA VAL E 80 4.43 -17.72 61.78
C VAL E 80 2.99 -17.63 62.30
N ASP E 81 2.02 -18.33 61.67
CA ASP E 81 0.59 -18.25 61.98
C ASP E 81 0.05 -16.84 61.81
N ALA E 82 0.37 -16.24 60.67
CA ALA E 82 -0.07 -14.90 60.31
C ALA E 82 -0.01 -14.76 58.78
N MET E 83 -0.36 -13.59 58.30
CA MET E 83 -0.41 -13.29 56.88
C MET E 83 0.24 -11.94 56.58
N PRO E 84 0.70 -11.72 55.34
CA PRO E 84 1.16 -10.37 55.00
C PRO E 84 0.02 -9.38 54.81
N PHE E 85 -1.05 -9.76 54.11
CA PHE E 85 -2.19 -8.88 53.87
C PHE E 85 -3.41 -9.35 54.66
N PRO E 86 -4.31 -8.44 55.03
CA PRO E 86 -5.52 -8.87 55.73
C PRO E 86 -6.53 -9.50 54.77
N VAL E 87 -7.36 -10.36 55.35
CA VAL E 87 -8.27 -11.19 54.56
C VAL E 87 -9.49 -10.38 54.17
N THR E 88 -9.82 -10.40 52.90
CA THR E 88 -11.07 -9.87 52.39
C THR E 88 -11.86 -10.99 51.75
N LYS E 89 -13.16 -10.74 51.55
CA LYS E 89 -14.02 -11.77 50.98
C LYS E 89 -13.65 -12.06 49.52
N ASP E 90 -13.19 -11.06 48.78
CA ASP E 90 -12.76 -11.30 47.41
C ASP E 90 -11.44 -12.07 47.38
N LEU E 91 -10.52 -11.78 48.31
CA LEU E 91 -9.32 -12.59 48.46
C LEU E 91 -9.66 -14.02 48.87
N LEU E 92 -10.65 -14.16 49.75
CA LEU E 92 -11.12 -15.48 50.18
C LEU E 92 -11.73 -16.26 49.02
N LEU E 93 -12.49 -15.60 48.16
CA LEU E 93 -13.07 -16.27 47.00
C LEU E 93 -12.03 -16.58 45.94
N ARG E 94 -11.00 -15.73 45.82
CA ARG E 94 -9.86 -16.04 44.97
C ARG E 94 -9.12 -17.28 45.47
N GLY E 95 -8.97 -17.39 46.79
CA GLY E 95 -8.42 -18.60 47.38
C GLY E 95 -9.30 -19.81 47.17
N GLN E 96 -10.62 -19.62 47.18
CA GLN E 96 -11.55 -20.71 46.89
C GLN E 96 -11.38 -21.22 45.48
N LEU E 97 -11.33 -20.30 44.50
CA LEU E 97 -11.17 -20.69 43.11
C LEU E 97 -9.82 -21.35 42.87
N LYS E 98 -8.76 -20.80 43.48
CA LYS E 98 -7.43 -21.37 43.29
C LYS E 98 -7.29 -22.70 44.01
N TYR E 99 -8.06 -22.92 45.09
CA TYR E 99 -8.13 -24.23 45.72
C TYR E 99 -8.83 -25.22 44.82
N ASN E 100 -9.98 -24.81 44.25
CA ASN E 100 -10.81 -25.75 43.50
C ASN E 100 -10.17 -26.11 42.16
N ILE E 101 -9.27 -25.28 41.66
CA ILE E 101 -8.49 -25.69 40.49
C ILE E 101 -7.41 -26.68 40.89
N TYR E 102 -6.46 -26.23 41.71
CA TYR E 102 -5.25 -27.01 41.92
C TYR E 102 -5.43 -28.01 43.05
N CYS E 103 -5.85 -27.51 44.20
CA CYS E 103 -5.70 -28.22 45.44
C CYS E 103 -6.75 -29.29 45.65
N ALA E 104 -7.97 -29.06 45.15
CA ALA E 104 -9.10 -29.93 45.48
C ALA E 104 -9.04 -31.25 44.75
N VAL E 105 -8.30 -31.34 43.66
CA VAL E 105 -7.99 -32.64 43.10
C VAL E 105 -6.96 -33.27 44.02
N CYS E 106 -7.18 -34.55 44.32
CA CYS E 106 -6.50 -35.32 45.40
C CYS E 106 -6.45 -34.60 46.75
N HIS E 107 -7.44 -33.76 47.05
CA HIS E 107 -7.75 -33.40 48.44
C HIS E 107 -9.25 -33.28 48.71
N GLY E 108 -10.10 -33.22 47.71
CA GLY E 108 -11.53 -33.09 47.91
C GLY E 108 -11.95 -31.64 48.07
N GLU E 109 -13.17 -31.35 47.59
CA GLU E 109 -13.73 -30.01 47.78
C GLU E 109 -14.01 -29.72 49.25
N ALA E 110 -14.39 -30.76 50.00
CA ALA E 110 -14.55 -30.58 51.45
C ALA E 110 -13.20 -30.47 52.14
N GLY E 111 -12.14 -30.99 51.53
CA GLY E 111 -10.82 -30.98 52.11
C GLY E 111 -10.44 -32.24 52.85
N TYR E 112 -11.24 -33.30 52.74
CA TYR E 112 -11.03 -34.52 53.51
C TYR E 112 -10.06 -35.49 52.86
N GLY E 113 -9.43 -35.11 51.74
CA GLY E 113 -8.48 -35.99 51.10
C GLY E 113 -9.10 -36.98 50.14
N ALA E 114 -10.28 -37.50 50.50
CA ALA E 114 -10.95 -38.55 49.74
C ALA E 114 -11.53 -37.96 48.45
N SER E 115 -10.75 -38.04 47.38
CA SER E 115 -11.18 -37.62 46.07
C SER E 115 -10.98 -38.81 45.14
N MET E 116 -11.08 -38.60 43.85
CA MET E 116 -11.01 -39.75 42.97
C MET E 116 -9.59 -40.03 42.47
N VAL E 117 -8.70 -39.02 42.46
CA VAL E 117 -7.28 -39.26 42.24
C VAL E 117 -6.71 -40.11 43.36
N ALA E 118 -7.26 -39.97 44.57
CA ALA E 118 -6.87 -40.77 45.71
C ALA E 118 -7.41 -42.19 45.66
N GLU E 119 -8.28 -42.51 44.71
CA GLU E 119 -8.82 -43.87 44.63
C GLU E 119 -8.05 -44.73 43.63
N ARG E 120 -7.70 -44.18 42.47
CA ARG E 120 -6.89 -44.88 41.47
C ARG E 120 -5.44 -44.45 41.65
N GLY E 121 -4.61 -45.36 42.17
CA GLY E 121 -3.20 -45.08 42.31
C GLY E 121 -2.67 -45.19 43.73
N GLY E 122 -3.47 -44.75 44.70
CA GLY E 122 -3.07 -44.87 46.09
C GLY E 122 -2.02 -43.86 46.52
N ILE E 123 -2.31 -42.57 46.30
CA ILE E 123 -1.42 -41.52 46.78
C ILE E 123 -1.49 -41.42 48.29
N VAL E 124 -2.66 -41.68 48.86
CA VAL E 124 -3.04 -41.41 50.25
C VAL E 124 -2.72 -39.97 50.63
N PRO E 125 -3.48 -38.98 50.18
CA PRO E 125 -3.28 -37.62 50.65
C PRO E 125 -3.87 -37.45 52.05
N ALA E 126 -3.39 -36.42 52.73
CA ALA E 126 -3.80 -36.13 54.10
C ALA E 126 -5.02 -35.23 54.09
N ASN E 127 -5.99 -35.54 54.96
CA ASN E 127 -7.12 -34.65 55.13
C ASN E 127 -6.69 -33.37 55.83
N PHE E 128 -7.45 -32.31 55.62
CA PHE E 128 -7.08 -31.07 56.28
C PHE E 128 -7.48 -31.05 57.75
N HIS E 129 -8.65 -31.59 58.08
CA HIS E 129 -9.29 -31.35 59.36
C HIS E 129 -8.78 -32.26 60.48
N GLN E 130 -7.59 -32.83 60.33
CA GLN E 130 -6.95 -33.46 61.48
C GLN E 130 -6.42 -32.37 62.42
N GLN E 131 -6.17 -32.78 63.67
CA GLN E 131 -5.72 -31.83 64.68
C GLN E 131 -4.28 -31.37 64.43
N ARG E 132 -3.50 -32.18 63.71
CA ARG E 132 -2.12 -31.82 63.42
C ARG E 132 -2.04 -30.63 62.47
N LEU E 133 -3.00 -30.51 61.56
CA LEU E 133 -3.03 -29.37 60.66
C LEU E 133 -3.83 -28.20 61.22
N ARG E 134 -4.78 -28.46 62.12
CA ARG E 134 -5.51 -27.35 62.74
C ARG E 134 -4.63 -26.59 63.72
N GLU E 135 -3.74 -27.29 64.43
CA GLU E 135 -2.73 -26.63 65.25
C GLU E 135 -1.65 -25.97 64.41
N ALA E 136 -1.49 -26.42 63.17
CA ALA E 136 -0.40 -25.95 62.33
C ALA E 136 -0.66 -24.53 61.83
N PRO E 137 0.38 -23.72 61.66
CA PRO E 137 0.19 -22.32 61.25
C PRO E 137 -0.20 -22.19 59.78
N LEU E 138 -0.50 -20.95 59.39
CA LEU E 138 -0.79 -20.64 57.99
C LEU E 138 0.47 -20.61 57.13
N SER E 139 1.58 -20.14 57.71
CA SER E 139 2.84 -20.14 56.99
C SER E 139 3.36 -21.54 56.73
N HIS E 140 2.96 -22.49 57.58
CA HIS E 140 3.19 -23.91 57.29
C HIS E 140 2.50 -24.31 55.99
N PHE E 141 1.26 -23.85 55.81
CA PHE E 141 0.55 -24.12 54.56
C PHE E 141 1.28 -23.51 53.37
N PHE E 142 1.67 -22.23 53.47
CA PHE E 142 2.36 -21.56 52.35
C PHE E 142 3.65 -22.26 51.96
N VAL E 143 4.39 -22.76 52.95
CA VAL E 143 5.60 -23.53 52.66
C VAL E 143 5.23 -24.86 51.98
N VAL E 144 4.09 -25.44 52.34
CA VAL E 144 3.65 -26.68 51.67
C VAL E 144 3.24 -26.42 50.22
N ILE E 145 2.57 -25.28 49.94
CA ILE E 145 2.19 -25.01 48.54
C ILE E 145 3.46 -24.81 47.72
N THR E 146 4.44 -24.09 48.30
CA THR E 146 5.64 -23.74 47.55
C THR E 146 6.55 -24.95 47.29
N ASN E 147 6.80 -25.77 48.31
CA ASN E 147 7.91 -26.72 48.22
C ASN E 147 7.51 -28.19 48.33
N GLY E 148 6.21 -28.40 48.27
CA GLY E 148 5.70 -29.74 48.34
C GLY E 148 6.05 -30.20 49.70
N VAL E 149 6.14 -31.50 49.83
CA VAL E 149 6.55 -31.98 51.09
C VAL E 149 7.35 -33.25 50.98
N TYR E 150 8.38 -33.38 51.80
CA TYR E 150 9.23 -34.59 51.82
C TYR E 150 10.27 -34.58 50.77
N ARG E 151 11.26 -35.42 50.93
CA ARG E 151 12.31 -35.53 49.96
C ARG E 151 12.92 -36.87 50.29
N GLY E 152 13.59 -37.50 49.35
CA GLY E 152 14.29 -38.73 49.66
C GLY E 152 15.29 -38.55 50.80
N ASP E 153 15.12 -39.28 51.88
CA ASP E 153 16.00 -39.18 53.02
C ASP E 153 17.43 -39.56 52.61
N PRO E 154 18.45 -38.96 53.24
CA PRO E 154 19.84 -39.25 52.85
C PRO E 154 20.25 -40.70 53.06
N GLU E 155 19.69 -41.35 54.08
CA GLU E 155 19.83 -42.78 54.27
C GLU E 155 18.48 -43.44 54.07
N ASN E 156 18.53 -44.69 53.58
CA ASN E 156 17.41 -45.60 53.33
C ASN E 156 16.44 -45.14 52.25
N GLY E 157 16.73 -44.05 51.53
CA GLY E 157 15.87 -43.61 50.44
C GLY E 157 14.60 -42.92 50.90
N GLY E 158 13.78 -42.58 49.93
CA GLY E 158 12.50 -41.93 50.17
C GLY E 158 11.92 -41.43 48.86
N TYR E 159 10.79 -40.73 48.97
CA TYR E 159 10.13 -40.17 47.80
C TYR E 159 9.60 -38.77 48.13
N GLN E 160 9.14 -38.08 47.08
CA GLN E 160 8.44 -36.81 47.20
C GLN E 160 6.96 -37.02 46.90
N SER E 161 6.10 -36.25 47.58
CA SER E 161 4.67 -36.52 47.59
C SER E 161 3.82 -35.48 46.85
N MET E 162 3.97 -34.18 47.11
CA MET E 162 3.00 -33.26 46.48
C MET E 162 3.68 -32.30 45.50
N TYR E 163 5.02 -32.27 45.48
CA TYR E 163 5.86 -31.71 44.42
C TYR E 163 5.85 -30.20 44.30
N GLY E 164 4.98 -29.51 45.04
CA GLY E 164 5.05 -28.06 45.08
C GLY E 164 4.42 -27.36 43.90
N TYR E 165 3.75 -26.25 44.16
CA TYR E 165 2.95 -25.55 43.15
C TYR E 165 3.38 -24.08 43.10
N ALA E 166 4.69 -23.87 43.14
CA ALA E 166 5.25 -22.52 43.06
C ALA E 166 5.17 -21.94 41.65
N SER E 167 5.36 -22.78 40.63
CA SER E 167 5.35 -22.29 39.26
C SER E 167 3.94 -21.99 38.76
N ARG E 168 2.94 -22.65 39.31
CA ARG E 168 1.58 -22.50 38.82
C ARG E 168 0.78 -21.44 39.55
N ILE E 169 1.03 -21.25 40.85
CA ILE E 169 0.26 -20.31 41.67
C ILE E 169 1.18 -19.19 42.13
N THR E 170 0.75 -17.95 41.89
CA THR E 170 1.47 -16.79 42.40
C THR E 170 1.40 -16.77 43.92
N PRO E 171 2.45 -16.29 44.60
CA PRO E 171 2.51 -16.40 46.07
C PRO E 171 1.40 -15.70 46.83
N GLU E 172 0.87 -14.58 46.31
CA GLU E 172 -0.32 -13.98 46.88
C GLU E 172 -1.52 -14.91 46.78
N ASP E 173 -1.64 -15.61 45.65
CA ASP E 173 -2.70 -16.61 45.51
C ASP E 173 -2.43 -17.85 46.36
N ARG E 174 -1.16 -18.14 46.66
CA ARG E 174 -0.87 -19.23 47.58
C ARG E 174 -1.29 -18.87 49.00
N TRP E 175 -1.09 -17.62 49.40
CA TRP E 175 -1.61 -17.16 50.68
C TRP E 175 -3.13 -17.13 50.71
N ALA E 176 -3.76 -16.83 49.56
CA ALA E 176 -5.21 -16.91 49.47
C ALA E 176 -5.70 -18.35 49.61
N ILE E 177 -4.95 -19.31 49.04
CA ILE E 177 -5.24 -20.72 49.24
C ILE E 177 -5.11 -21.11 50.70
N ALA E 178 -4.11 -20.56 51.40
CA ALA E 178 -3.97 -20.81 52.84
C ALA E 178 -5.16 -20.24 53.62
N ALA E 179 -5.65 -19.07 53.21
CA ALA E 179 -6.82 -18.48 53.85
C ALA E 179 -8.06 -19.33 53.64
N TYR E 180 -8.26 -19.86 52.43
CA TYR E 180 -9.40 -20.76 52.25
C TYR E 180 -9.17 -22.13 52.87
N ILE E 181 -7.93 -22.55 53.10
CA ILE E 181 -7.69 -23.72 53.94
C ILE E 181 -8.24 -23.48 55.33
N ARG E 182 -7.95 -22.30 55.89
CA ARG E 182 -8.45 -21.97 57.22
C ARG E 182 -9.97 -21.86 57.23
N ALA E 183 -10.55 -21.33 56.15
CA ALA E 183 -12.00 -21.33 56.00
C ALA E 183 -12.57 -22.74 55.93
N LEU E 184 -11.82 -23.66 55.32
CA LEU E 184 -12.28 -25.04 55.20
C LEU E 184 -12.20 -25.78 56.53
N GLN E 185 -11.11 -25.57 57.27
CA GLN E 185 -10.97 -26.16 58.60
C GLN E 185 -12.01 -25.59 59.57
N LEU E 186 -12.25 -24.28 59.51
CA LEU E 186 -13.28 -23.67 60.33
C LEU E 186 -14.67 -24.09 59.87
N SER E 187 -14.84 -24.44 58.59
CA SER E 187 -16.14 -24.85 58.09
C SER E 187 -16.50 -26.26 58.58
N GLN E 188 -15.50 -27.09 58.84
CA GLN E 188 -15.72 -28.49 59.17
C GLN E 188 -15.47 -28.80 60.64
N ASN E 189 -15.08 -27.81 61.43
CA ASN E 189 -14.92 -28.01 62.87
C ASN E 189 -16.12 -27.52 63.68
N ILE F 11 -40.10 24.26 -47.26
CA ILE F 11 -40.25 25.70 -47.43
C ILE F 11 -41.33 26.34 -46.50
N PRO F 12 -42.64 25.88 -46.51
CA PRO F 12 -43.63 26.62 -45.69
C PRO F 12 -43.58 26.29 -44.20
N GLN F 13 -43.33 25.02 -43.86
CA GLN F 13 -43.12 24.63 -42.46
C GLN F 13 -41.87 25.29 -41.90
N LEU F 14 -40.87 25.55 -42.75
CA LEU F 14 -39.69 26.30 -42.37
C LEU F 14 -40.05 27.73 -41.98
N GLY F 15 -40.98 28.35 -42.72
CA GLY F 15 -41.48 29.66 -42.32
C GLY F 15 -42.26 29.61 -41.02
N GLN F 16 -43.00 28.52 -40.80
CA GLN F 16 -43.72 28.35 -39.53
C GLN F 16 -42.76 28.27 -38.34
N VAL F 17 -41.70 27.47 -38.47
CA VAL F 17 -40.76 27.35 -37.35
C VAL F 17 -39.91 28.61 -37.20
N GLN F 18 -39.68 29.36 -38.30
CA GLN F 18 -39.03 30.66 -38.18
C GLN F 18 -39.89 31.66 -37.42
N MET F 19 -41.20 31.67 -37.68
CA MET F 19 -42.11 32.56 -36.96
C MET F 19 -42.18 32.19 -35.48
N LEU F 20 -42.17 30.88 -35.17
CA LEU F 20 -42.17 30.44 -33.77
C LEU F 20 -40.88 30.85 -33.05
N GLY F 21 -39.74 30.74 -33.74
CA GLY F 21 -38.49 31.20 -33.16
C GLY F 21 -38.45 32.70 -32.97
N LEU F 22 -39.05 33.46 -33.88
CA LEU F 22 -39.10 34.92 -33.71
C LEU F 22 -39.97 35.31 -32.53
N ALA F 23 -41.10 34.61 -32.33
CA ALA F 23 -41.95 34.88 -31.18
C ALA F 23 -41.24 34.53 -29.87
N ALA F 24 -40.50 33.41 -29.86
CA ALA F 24 -39.71 33.04 -28.69
C ALA F 24 -38.63 34.07 -28.39
N ALA F 25 -37.99 34.61 -29.44
CA ALA F 25 -37.00 35.65 -29.25
C ALA F 25 -37.61 36.94 -28.72
N VAL F 26 -38.84 37.26 -29.14
CA VAL F 26 -39.51 38.46 -28.63
C VAL F 26 -39.85 38.31 -27.14
N ILE F 27 -40.36 37.13 -26.74
CA ILE F 27 -40.60 36.85 -25.33
C ILE F 27 -39.30 36.93 -24.53
N GLY F 28 -38.21 36.40 -25.10
CA GLY F 28 -36.93 36.44 -24.42
C GLY F 28 -36.37 37.84 -24.25
N ILE F 29 -36.47 38.68 -25.28
CA ILE F 29 -35.92 40.04 -25.17
C ILE F 29 -36.79 40.89 -24.24
N GLY F 30 -38.10 40.65 -24.21
CA GLY F 30 -38.96 41.38 -23.27
C GLY F 30 -38.64 41.05 -21.82
N VAL F 31 -38.55 39.75 -21.49
CA VAL F 31 -38.27 39.42 -20.10
C VAL F 31 -36.79 39.68 -19.76
N LEU F 32 -35.90 39.70 -20.75
CA LEU F 32 -34.50 39.99 -20.47
C LEU F 32 -34.30 41.49 -20.20
N ALA F 33 -35.04 42.34 -20.92
CA ALA F 33 -35.02 43.77 -20.62
C ALA F 33 -35.69 44.08 -19.29
N ALA F 34 -36.74 43.33 -18.94
CA ALA F 34 -37.31 43.46 -17.60
C ALA F 34 -36.31 43.05 -16.53
N GLY F 35 -35.53 42.00 -16.79
CA GLY F 35 -34.49 41.60 -15.85
C GLY F 35 -33.35 42.59 -15.73
N TYR F 36 -33.05 43.31 -16.81
CA TYR F 36 -32.16 44.46 -16.68
C TYR F 36 -32.81 45.56 -15.85
N PHE F 37 -34.14 45.73 -15.97
CA PHE F 37 -34.81 46.79 -15.22
C PHE F 37 -34.85 46.49 -13.73
N LEU F 38 -34.97 45.22 -13.35
CA LEU F 38 -34.94 44.87 -11.94
C LEU F 38 -33.52 44.89 -11.39
N SER F 39 -32.64 44.04 -11.93
CA SER F 39 -31.25 43.97 -11.47
C SER F 39 -30.34 43.52 -12.61
N PRO F 40 -29.52 44.43 -13.14
CA PRO F 40 -28.79 44.13 -14.40
C PRO F 40 -27.73 43.06 -14.27
N THR F 41 -27.21 42.80 -13.06
CA THR F 41 -26.27 41.69 -12.89
C THR F 41 -26.94 40.35 -13.16
N SER F 42 -28.20 40.18 -12.72
CA SER F 42 -28.94 38.96 -13.01
C SER F 42 -29.20 38.81 -14.50
N PHE F 43 -29.49 39.93 -15.18
CA PHE F 43 -29.59 39.95 -16.64
C PHE F 43 -28.31 39.48 -17.30
N PHE F 44 -27.16 39.95 -16.79
CA PHE F 44 -25.90 39.64 -17.45
C PHE F 44 -25.49 38.19 -17.21
N GLU F 45 -25.70 37.66 -16.00
CA GLU F 45 -25.36 36.25 -15.76
C GLU F 45 -26.32 35.31 -16.48
N SER F 46 -27.61 35.70 -16.55
CA SER F 46 -28.55 34.92 -17.35
C SER F 46 -28.20 34.99 -18.82
N TYR F 47 -27.67 36.12 -19.29
CA TYR F 47 -27.22 36.21 -20.67
C TYR F 47 -25.98 35.37 -20.92
N ILE F 48 -25.12 35.20 -19.91
CA ILE F 48 -24.01 34.25 -20.01
C ILE F 48 -24.53 32.84 -20.26
N TYR F 49 -25.50 32.43 -19.44
CA TYR F 49 -26.10 31.11 -19.60
C TYR F 49 -26.83 30.97 -20.93
N GLY F 50 -27.57 32.01 -21.32
CA GLY F 50 -28.32 31.96 -22.56
C GLY F 50 -27.43 31.94 -23.79
N TYR F 51 -26.30 32.64 -23.73
CA TYR F 51 -25.38 32.61 -24.86
C TYR F 51 -24.64 31.29 -24.95
N TYR F 52 -24.30 30.68 -23.81
CA TYR F 52 -23.66 29.36 -23.83
C TYR F 52 -24.58 28.30 -24.42
N VAL F 53 -25.82 28.25 -23.91
CA VAL F 53 -26.78 27.27 -24.43
C VAL F 53 -27.36 27.68 -25.77
N ALA F 54 -27.14 28.92 -26.22
CA ALA F 54 -27.46 29.28 -27.59
C ALA F 54 -26.34 28.92 -28.55
N MET F 55 -25.10 28.95 -28.05
CA MET F 55 -23.93 28.60 -28.84
C MET F 55 -23.77 27.09 -28.97
N THR F 56 -24.53 26.31 -28.21
CA THR F 56 -24.60 24.87 -28.47
C THR F 56 -25.11 24.53 -29.88
N ILE F 57 -25.97 25.35 -30.47
CA ILE F 57 -26.46 25.04 -31.81
C ILE F 57 -25.43 25.30 -32.91
N PRO F 58 -24.89 26.56 -33.14
CA PRO F 58 -24.17 26.78 -34.39
C PRO F 58 -22.78 26.17 -34.42
N LEU F 59 -22.15 26.01 -33.26
CA LEU F 59 -20.82 25.42 -33.22
C LEU F 59 -20.87 23.93 -33.43
N GLY F 60 -21.86 23.27 -32.84
CA GLY F 60 -22.09 21.87 -33.15
C GLY F 60 -22.52 21.66 -34.58
N CYS F 61 -23.29 22.60 -35.14
CA CYS F 61 -23.68 22.54 -36.54
C CYS F 61 -22.46 22.63 -37.46
N LEU F 62 -21.56 23.56 -37.14
CA LEU F 62 -20.34 23.71 -37.91
C LEU F 62 -19.48 22.45 -37.82
N GLY F 63 -19.25 21.96 -36.59
CA GLY F 63 -18.42 20.79 -36.40
C GLY F 63 -18.99 19.52 -37.01
N PHE F 64 -20.31 19.37 -36.98
CA PHE F 64 -20.92 18.19 -37.57
C PHE F 64 -20.92 18.25 -39.09
N LEU F 65 -21.03 19.46 -39.65
CA LEU F 65 -20.83 19.64 -41.08
C LEU F 65 -19.44 19.21 -41.51
N MET F 66 -18.43 19.60 -40.74
CA MET F 66 -17.08 19.21 -41.07
C MET F 66 -16.77 17.75 -40.79
N VAL F 67 -17.42 17.15 -39.79
CA VAL F 67 -17.28 15.72 -39.55
C VAL F 67 -17.89 14.92 -40.70
N GLN F 68 -19.07 15.32 -41.19
CA GLN F 68 -19.66 14.59 -42.31
C GLN F 68 -18.95 14.88 -43.63
N HIS F 69 -18.26 16.03 -43.75
CA HIS F 69 -17.43 16.22 -44.93
C HIS F 69 -16.17 15.36 -44.86
N LEU F 70 -15.65 15.13 -43.65
CA LEU F 70 -14.56 14.17 -43.50
C LEU F 70 -15.06 12.74 -43.69
N THR F 71 -16.20 12.41 -43.10
CA THR F 71 -16.78 11.06 -43.15
C THR F 71 -18.06 11.13 -43.97
N GLY F 72 -17.93 10.97 -45.29
CA GLY F 72 -19.08 11.12 -46.17
C GLY F 72 -20.12 10.03 -46.02
N GLY F 73 -21.26 10.38 -45.42
CA GLY F 73 -22.32 9.44 -45.16
C GLY F 73 -23.65 9.92 -45.72
N ALA F 74 -24.63 9.02 -45.74
CA ALA F 74 -25.96 9.36 -46.21
C ALA F 74 -26.66 10.32 -45.28
N TRP F 75 -26.42 10.17 -43.97
CA TRP F 75 -26.93 11.12 -42.99
C TRP F 75 -26.33 12.51 -43.22
N GLY F 76 -25.05 12.56 -43.61
CA GLY F 76 -24.39 13.84 -43.79
C GLY F 76 -24.90 14.59 -45.00
N VAL F 77 -25.15 13.88 -46.09
CA VAL F 77 -25.77 14.51 -47.26
C VAL F 77 -27.21 14.89 -46.95
N THR F 78 -27.88 14.10 -46.10
CA THR F 78 -29.25 14.38 -45.72
C THR F 78 -29.38 15.71 -44.96
N VAL F 79 -28.44 15.99 -44.06
CA VAL F 79 -28.54 17.23 -43.29
C VAL F 79 -27.38 18.18 -43.55
N ARG F 80 -26.73 18.09 -44.71
CA ARG F 80 -25.63 18.99 -45.03
C ARG F 80 -26.10 20.45 -45.10
N ARG F 81 -27.24 20.70 -45.73
CA ARG F 81 -27.68 22.08 -45.90
C ARG F 81 -28.17 22.69 -44.59
N MET F 82 -28.80 21.88 -43.72
CA MET F 82 -29.19 22.39 -42.42
C MET F 82 -27.99 22.63 -41.53
N LEU F 83 -26.97 21.77 -41.63
CA LEU F 83 -25.72 22.01 -40.92
C LEU F 83 -25.04 23.27 -41.43
N GLU F 84 -25.15 23.55 -42.74
CA GLU F 84 -24.53 24.74 -43.30
C GLU F 84 -25.28 26.00 -42.92
N ALA F 85 -26.59 25.92 -42.76
CA ALA F 85 -27.35 27.07 -42.26
C ALA F 85 -26.98 27.36 -40.80
N GLY F 86 -26.93 26.30 -39.98
CA GLY F 86 -26.52 26.48 -38.59
C GLY F 86 -25.11 27.00 -38.45
N ALA F 87 -24.21 26.58 -39.36
CA ALA F 87 -22.87 27.14 -39.39
C ALA F 87 -22.87 28.57 -39.91
N ALA F 88 -23.80 28.91 -40.80
CA ALA F 88 -23.88 30.27 -41.33
C ALA F 88 -24.31 31.28 -40.27
N THR F 89 -25.03 30.84 -39.24
CA THR F 89 -25.34 31.86 -38.21
C THR F 89 -24.09 32.36 -37.35
N LEU F 90 -22.82 31.94 -37.52
CA LEU F 90 -21.76 32.29 -36.56
C LEU F 90 -21.40 33.78 -36.42
N PRO F 91 -21.28 34.62 -37.47
CA PRO F 91 -20.99 36.04 -37.20
C PRO F 91 -22.10 36.76 -36.46
N ILE F 92 -23.36 36.33 -36.64
CA ILE F 92 -24.44 36.87 -35.83
C ILE F 92 -24.29 36.40 -34.39
N MET F 93 -23.65 35.25 -34.17
CA MET F 93 -23.32 34.85 -32.81
C MET F 93 -22.20 35.69 -32.23
N GLY F 94 -21.31 36.22 -33.07
CA GLY F 94 -20.37 37.22 -32.58
C GLY F 94 -21.06 38.52 -32.16
N LEU F 95 -22.00 38.98 -32.98
CA LEU F 95 -22.78 40.17 -32.65
C LEU F 95 -23.64 39.95 -31.41
N LEU F 96 -24.06 38.71 -31.16
CA LEU F 96 -24.76 38.43 -29.91
C LEU F 96 -23.81 38.19 -28.74
N PHE F 97 -22.53 37.90 -29.03
CA PHE F 97 -21.56 37.77 -27.96
C PHE F 97 -21.24 39.11 -27.33
N ILE F 98 -21.03 40.14 -28.16
CA ILE F 98 -20.46 41.41 -27.68
C ILE F 98 -21.16 42.14 -26.53
N PRO F 99 -22.45 41.90 -26.17
CA PRO F 99 -22.89 42.35 -24.83
C PRO F 99 -22.11 41.76 -23.66
N ILE F 100 -21.66 40.50 -23.77
CA ILE F 100 -20.79 39.93 -22.75
C ILE F 100 -19.47 40.68 -22.69
N ALA F 101 -18.91 41.00 -23.86
CA ALA F 101 -17.65 41.74 -23.95
C ALA F 101 -17.79 43.13 -23.37
N LEU F 102 -18.95 43.77 -23.53
CA LEU F 102 -19.22 44.97 -22.73
C LEU F 102 -19.34 44.64 -21.25
N GLY F 103 -19.83 43.44 -20.92
CA GLY F 103 -20.05 43.07 -19.54
C GLY F 103 -18.78 42.94 -18.71
N TYR F 104 -17.71 42.42 -19.29
CA TYR F 104 -16.49 42.22 -18.50
C TYR F 104 -15.40 43.26 -18.78
N PHE F 105 -15.66 44.26 -19.60
CA PHE F 105 -14.67 45.30 -19.91
C PHE F 105 -14.83 46.50 -18.98
N ASP F 106 -14.23 47.62 -19.37
CA ASP F 106 -14.33 48.92 -18.70
C ASP F 106 -15.74 49.51 -18.74
N THR F 107 -16.67 48.90 -19.46
CA THR F 107 -18.07 49.34 -19.45
C THR F 107 -18.76 48.99 -18.14
N TYR F 108 -17.97 48.35 -17.31
CA TYR F 108 -18.43 48.12 -16.00
C TYR F 108 -18.49 49.50 -15.32
N LYS F 109 -19.02 49.60 -14.12
CA LYS F 109 -19.35 50.80 -13.35
C LYS F 109 -20.37 51.65 -14.08
N ALA F 110 -20.66 51.36 -15.34
CA ALA F 110 -21.93 51.66 -15.99
C ALA F 110 -22.70 50.34 -16.06
N LEU F 111 -23.96 50.44 -16.51
CA LEU F 111 -24.91 49.32 -16.64
C LEU F 111 -25.17 48.60 -15.32
N GLY F 112 -24.95 49.26 -14.19
CA GLY F 112 -25.44 48.80 -12.90
C GLY F 112 -24.73 47.60 -12.29
N LEU F 113 -23.63 47.11 -12.87
CA LEU F 113 -22.97 45.93 -12.34
C LEU F 113 -22.20 46.27 -11.07
N GLU F 114 -22.37 45.44 -10.04
CA GLU F 114 -21.69 45.66 -8.77
C GLU F 114 -20.23 45.21 -8.85
N HIS F 115 -20.01 43.98 -9.28
CA HIS F 115 -18.71 43.45 -9.67
C HIS F 115 -18.78 43.13 -11.16
N PRO F 116 -17.64 43.04 -11.86
CA PRO F 116 -17.69 42.59 -13.25
C PRO F 116 -18.10 41.13 -13.34
N LEU F 117 -18.38 40.71 -14.57
CA LEU F 117 -19.01 39.41 -14.79
C LEU F 117 -18.07 38.24 -14.52
N TYR F 118 -16.76 38.49 -14.50
CA TYR F 118 -15.79 37.45 -14.20
C TYR F 118 -14.83 37.97 -13.14
N GLU F 119 -14.33 37.05 -12.33
CA GLU F 119 -13.43 37.43 -11.25
C GLU F 119 -12.05 37.85 -11.76
N TRP F 120 -11.68 37.46 -12.97
CA TRP F 120 -10.47 38.01 -13.56
C TRP F 120 -10.71 39.38 -14.17
N ALA F 121 -11.95 39.68 -14.56
CA ALA F 121 -12.29 41.01 -15.02
C ALA F 121 -12.40 42.00 -13.88
N ASN F 122 -12.33 41.45 -12.68
CA ASN F 122 -12.36 42.29 -11.51
C ASN F 122 -11.00 42.92 -11.37
N PRO F 123 -10.93 44.23 -11.02
CA PRO F 123 -9.60 44.78 -10.79
C PRO F 123 -8.94 44.19 -9.55
N GLU F 124 -9.66 44.23 -8.42
CA GLU F 124 -9.06 43.98 -7.10
C GLU F 124 -8.64 42.53 -6.92
N VAL F 125 -9.33 41.60 -7.59
CA VAL F 125 -8.98 40.19 -7.44
C VAL F 125 -7.72 39.83 -8.22
N VAL F 126 -7.28 40.66 -9.16
CA VAL F 126 -6.09 40.37 -9.93
C VAL F 126 -4.99 41.42 -9.78
N THR F 127 -5.26 42.60 -9.23
CA THR F 127 -4.22 43.63 -9.24
C THR F 127 -3.19 43.32 -8.15
N PRO F 128 -1.91 43.58 -8.39
CA PRO F 128 -0.90 43.36 -7.34
C PRO F 128 -0.96 44.45 -6.28
N GLY F 129 -0.91 44.02 -5.02
CA GLY F 129 -1.03 44.97 -3.93
C GLY F 129 -2.43 45.48 -3.68
N GLY F 130 -3.44 44.86 -4.28
CA GLY F 130 -4.80 45.30 -4.12
C GLY F 130 -5.42 44.84 -2.81
N ALA F 131 -6.72 45.13 -2.67
CA ALA F 131 -7.44 44.71 -1.48
C ALA F 131 -7.62 43.20 -1.43
N GLU F 132 -7.97 42.59 -2.55
CA GLU F 132 -8.19 41.14 -2.54
C GLU F 132 -6.90 40.36 -2.73
N PHE F 133 -6.27 40.52 -3.90
CA PHE F 133 -5.04 39.81 -4.31
C PHE F 133 -5.19 38.30 -4.14
N ASP F 134 -6.26 37.76 -4.70
CA ASP F 134 -6.45 36.31 -4.65
C ASP F 134 -5.44 35.67 -5.60
N PRO F 135 -4.47 34.90 -5.11
CA PRO F 135 -3.33 34.53 -5.95
C PRO F 135 -3.62 33.48 -6.99
N ILE F 136 -4.70 32.71 -6.87
CA ILE F 136 -5.05 31.77 -7.92
C ILE F 136 -5.54 32.50 -9.16
N ILE F 137 -6.39 33.51 -8.96
CA ILE F 137 -6.88 34.29 -10.09
C ILE F 137 -5.84 35.27 -10.56
N ALA F 138 -4.99 35.76 -9.67
CA ALA F 138 -3.92 36.67 -10.06
C ALA F 138 -2.75 35.97 -10.74
N HIS F 139 -2.66 34.64 -10.63
CA HIS F 139 -1.60 33.93 -11.33
C HIS F 139 -1.88 33.88 -12.82
N LYS F 140 -3.14 33.70 -13.20
CA LYS F 140 -3.56 33.54 -14.59
C LYS F 140 -3.95 34.86 -15.24
N VAL F 141 -3.43 35.98 -14.76
CA VAL F 141 -3.78 37.31 -15.28
C VAL F 141 -3.26 37.60 -16.70
N PRO F 142 -2.17 37.02 -17.24
CA PRO F 142 -1.98 37.23 -18.69
C PRO F 142 -3.00 36.49 -19.52
N TRP F 143 -3.37 35.26 -19.13
CA TRP F 143 -4.32 34.49 -19.92
C TRP F 143 -5.74 35.01 -19.75
N LEU F 144 -6.10 35.40 -18.53
CA LEU F 144 -7.45 35.84 -18.23
C LEU F 144 -7.39 37.32 -17.85
N SER F 145 -7.42 38.15 -18.88
CA SER F 145 -7.50 39.60 -18.82
C SER F 145 -8.49 39.99 -19.92
N PRO F 146 -9.18 41.13 -19.79
CA PRO F 146 -10.25 41.45 -20.76
C PRO F 146 -9.78 41.59 -22.20
N LEU F 147 -8.61 42.20 -22.43
CA LEU F 147 -8.08 42.32 -23.78
C LEU F 147 -7.71 40.95 -24.35
N TRP F 148 -7.07 40.10 -23.54
CA TRP F 148 -6.66 38.78 -24.00
C TRP F 148 -7.85 37.89 -24.31
N VAL F 149 -8.87 37.91 -23.46
CA VAL F 149 -10.04 37.06 -23.65
C VAL F 149 -10.86 37.53 -24.84
N THR F 150 -11.00 38.85 -25.00
CA THR F 150 -11.72 39.36 -26.18
C THR F 150 -10.96 39.08 -27.46
N ALA F 151 -9.62 39.22 -27.44
CA ALA F 151 -8.80 38.88 -28.61
C ALA F 151 -8.90 37.40 -28.97
N ARG F 152 -8.85 36.53 -27.96
CA ARG F 152 -9.00 35.10 -28.17
C ARG F 152 -10.37 34.73 -28.71
N ILE F 153 -11.44 35.30 -28.15
CA ILE F 153 -12.79 34.95 -28.59
C ILE F 153 -13.06 35.50 -29.99
N ALA F 154 -12.56 36.71 -30.28
CA ALA F 154 -12.71 37.28 -31.62
C ALA F 154 -11.90 36.50 -32.66
N ILE F 155 -10.73 36.00 -32.26
CA ILE F 155 -9.94 35.13 -33.15
C ILE F 155 -10.71 33.84 -33.44
N PHE F 156 -11.31 33.24 -32.42
CA PHE F 156 -12.06 32.01 -32.60
C PHE F 156 -13.29 32.25 -33.47
N PHE F 157 -13.88 33.43 -33.33
CA PHE F 157 -14.98 33.89 -34.18
C PHE F 157 -14.52 34.01 -35.63
N ILE F 158 -13.30 34.51 -35.84
CA ILE F 158 -12.76 34.68 -37.19
C ILE F 158 -12.55 33.33 -37.87
N ILE F 159 -11.92 32.38 -37.16
CA ILE F 159 -11.72 31.05 -37.72
C ILE F 159 -13.04 30.32 -37.94
N TRP F 160 -13.99 30.43 -37.01
CA TRP F 160 -15.26 29.74 -37.18
C TRP F 160 -16.08 30.33 -38.33
N SER F 161 -16.10 31.66 -38.45
CA SER F 161 -16.82 32.29 -39.55
C SER F 161 -16.16 32.01 -40.89
N ALA F 162 -14.82 31.99 -40.93
CA ALA F 162 -14.11 31.67 -42.18
C ALA F 162 -14.38 30.22 -42.60
N LEU F 163 -14.29 29.29 -41.64
CA LEU F 163 -14.57 27.87 -41.88
C LEU F 163 -16.00 27.68 -42.40
N ALA F 164 -16.97 28.26 -41.69
CA ALA F 164 -18.37 28.05 -42.00
C ALA F 164 -18.76 28.70 -43.32
N LEU F 165 -18.38 29.97 -43.52
CA LEU F 165 -18.76 30.68 -44.73
C LEU F 165 -18.03 30.14 -45.95
N THR F 166 -16.79 29.67 -45.79
CA THR F 166 -16.10 29.07 -46.92
C THR F 166 -16.71 27.74 -47.32
N LEU F 167 -17.06 26.89 -46.35
CA LEU F 167 -17.72 25.63 -46.68
C LEU F 167 -19.10 25.86 -47.29
N ARG F 168 -19.84 26.83 -46.76
CA ARG F 168 -21.18 27.13 -47.29
C ARG F 168 -21.09 27.69 -48.70
N ALA F 169 -20.12 28.58 -48.96
CA ALA F 169 -19.97 29.14 -50.29
C ALA F 169 -19.48 28.10 -51.29
N TRP F 170 -18.64 27.15 -50.85
CA TRP F 170 -18.19 26.11 -51.77
C TRP F 170 -19.32 25.14 -52.11
N SER F 171 -20.15 24.78 -51.13
CA SER F 171 -21.30 23.94 -51.45
C SER F 171 -22.37 24.70 -52.20
N ARG F 172 -22.40 26.04 -52.08
CA ARG F 172 -23.25 26.83 -52.95
C ARG F 172 -22.72 26.85 -54.36
N GLN F 173 -21.39 26.81 -54.53
CA GLN F 173 -20.80 26.65 -55.86
C GLN F 173 -20.97 25.23 -56.40
N GLN F 174 -21.22 24.26 -55.53
CA GLN F 174 -21.38 22.86 -55.93
C GLN F 174 -22.64 22.63 -56.79
N ASP F 175 -23.63 23.52 -56.72
CA ASP F 175 -24.86 23.34 -57.49
C ASP F 175 -24.68 23.53 -58.99
N ALA F 176 -23.56 24.12 -59.43
CA ALA F 176 -23.33 24.37 -60.85
C ALA F 176 -22.53 23.25 -61.51
N GLY F 177 -21.31 23.00 -61.03
CA GLY F 177 -20.47 22.01 -61.64
C GLY F 177 -19.09 22.00 -61.01
N GLY F 178 -18.21 21.16 -61.58
CA GLY F 178 -16.88 20.95 -61.04
C GLY F 178 -16.94 20.33 -59.67
N ASP F 179 -17.65 19.21 -59.56
CA ASP F 179 -18.15 18.76 -58.26
C ASP F 179 -17.93 17.28 -57.96
N ALA F 180 -17.88 16.39 -58.96
CA ALA F 180 -17.78 14.96 -58.67
C ALA F 180 -16.41 14.57 -58.13
N LYS F 181 -15.38 15.32 -58.50
CA LYS F 181 -14.09 15.19 -57.85
C LYS F 181 -13.56 16.51 -57.34
N LYS F 182 -13.76 17.60 -58.09
CA LYS F 182 -13.40 18.92 -57.59
C LYS F 182 -14.47 19.40 -56.62
N LEU F 183 -14.11 20.41 -55.83
CA LEU F 183 -14.91 21.12 -54.83
C LEU F 183 -15.28 20.26 -53.62
N ALA F 184 -15.33 18.93 -53.77
CA ALA F 184 -15.55 18.05 -52.63
C ALA F 184 -14.25 17.63 -52.01
N THR F 185 -13.19 17.49 -52.81
CA THR F 185 -11.86 17.35 -52.25
C THR F 185 -11.43 18.64 -51.56
N ARG F 186 -11.85 19.80 -52.09
CA ARG F 186 -11.55 21.07 -51.43
C ARG F 186 -12.28 21.20 -50.09
N MET F 187 -13.58 20.88 -50.08
CA MET F 187 -14.32 20.85 -48.81
C MET F 187 -13.81 19.77 -47.86
N ARG F 188 -13.28 18.67 -48.39
CA ARG F 188 -12.70 17.63 -47.55
C ARG F 188 -11.43 18.10 -46.87
N ARG F 189 -10.52 18.74 -47.62
CA ARG F 189 -9.29 19.27 -47.03
C ARG F 189 -9.58 20.38 -46.03
N LEU F 190 -10.52 21.26 -46.36
CA LEU F 190 -10.85 22.38 -45.47
C LEU F 190 -11.49 21.87 -44.19
N SER F 191 -12.39 20.88 -44.28
CA SER F 191 -12.98 20.30 -43.08
C SER F 191 -11.97 19.48 -42.30
N GLY F 192 -11.00 18.86 -42.99
CA GLY F 192 -10.00 18.08 -42.28
C GLY F 192 -9.09 18.91 -41.41
N ILE F 193 -8.59 20.05 -41.94
CA ILE F 193 -7.79 20.95 -41.10
C ILE F 193 -8.68 21.61 -40.05
N GLY F 194 -9.88 22.02 -40.45
CA GLY F 194 -10.73 22.71 -39.54
C GLY F 194 -11.30 21.89 -38.41
N VAL F 195 -11.35 20.57 -38.52
CA VAL F 195 -11.89 19.77 -37.41
C VAL F 195 -10.97 19.88 -36.20
N ALA F 196 -9.65 19.77 -36.42
CA ALA F 196 -8.69 20.00 -35.36
C ALA F 196 -8.74 21.46 -34.89
N LEU F 197 -8.86 22.40 -35.83
CA LEU F 197 -9.00 23.80 -35.46
C LEU F 197 -10.25 24.06 -34.62
N PHE F 198 -11.38 23.46 -35.02
CA PHE F 198 -12.64 23.64 -34.32
C PHE F 198 -12.60 23.01 -32.94
N VAL F 199 -11.95 21.83 -32.81
CA VAL F 199 -11.85 21.14 -31.53
C VAL F 199 -11.07 21.98 -30.53
N ILE F 200 -9.90 22.47 -30.94
CA ILE F 200 -9.07 23.23 -30.01
C ILE F 200 -9.71 24.59 -29.71
N THR F 201 -10.31 25.25 -30.72
CA THR F 201 -10.85 26.58 -30.50
C THR F 201 -12.15 26.55 -29.68
N VAL F 202 -12.97 25.51 -29.82
CA VAL F 202 -14.18 25.50 -29.03
C VAL F 202 -13.93 24.90 -27.65
N THR F 203 -12.87 24.10 -27.48
CA THR F 203 -12.43 23.77 -26.13
C THR F 203 -11.94 25.01 -25.39
N PHE F 204 -11.18 25.85 -26.08
CA PHE F 204 -10.71 27.08 -25.46
C PHE F 204 -11.84 28.07 -25.25
N PHE F 205 -12.82 28.09 -26.17
CA PHE F 205 -14.01 28.92 -26.00
C PHE F 205 -14.81 28.51 -24.79
N SER F 206 -15.01 27.21 -24.60
CA SER F 206 -15.71 26.71 -23.43
C SER F 206 -14.97 27.05 -22.16
N PHE F 207 -13.63 27.01 -22.21
CA PHE F 207 -12.80 27.48 -21.10
C PHE F 207 -13.09 28.94 -20.76
N ASP F 208 -12.86 29.85 -21.72
CA ASP F 208 -12.99 31.29 -21.48
C ASP F 208 -14.39 31.72 -21.10
N VAL F 209 -15.42 31.07 -21.62
CA VAL F 209 -16.78 31.49 -21.31
C VAL F 209 -17.29 30.86 -20.02
N ALA F 210 -17.19 29.53 -19.88
CA ALA F 210 -17.80 28.89 -18.74
C ALA F 210 -16.82 28.59 -17.61
N MET F 211 -15.65 28.02 -17.93
CA MET F 211 -14.80 27.51 -16.88
C MET F 211 -14.00 28.60 -16.19
N SER F 212 -13.92 29.78 -16.80
CA SER F 212 -13.29 30.94 -16.19
C SER F 212 -14.25 31.75 -15.34
N LEU F 213 -15.51 31.34 -15.26
CA LEU F 213 -16.45 32.01 -14.35
C LEU F 213 -16.06 31.78 -12.91
N ASP F 214 -15.67 30.55 -12.57
CA ASP F 214 -15.00 30.27 -11.32
C ASP F 214 -13.55 29.95 -11.65
N PRO F 215 -12.62 30.91 -11.51
CA PRO F 215 -11.22 30.65 -11.89
C PRO F 215 -10.47 29.78 -10.91
N HIS F 216 -11.05 29.45 -9.76
CA HIS F 216 -10.39 28.57 -8.81
C HIS F 216 -10.37 27.13 -9.29
N TRP F 217 -11.28 26.78 -10.19
CA TRP F 217 -11.46 25.42 -10.65
C TRP F 217 -11.08 25.30 -12.12
N PHE F 218 -10.61 24.12 -12.49
CA PHE F 218 -10.37 23.81 -13.91
C PHE F 218 -10.89 22.40 -14.17
N SER F 219 -11.08 22.11 -15.45
CA SER F 219 -11.20 20.74 -15.90
C SER F 219 -10.60 20.65 -17.30
N THR F 220 -9.87 19.58 -17.55
CA THR F 220 -9.35 19.36 -18.90
C THR F 220 -10.35 18.62 -19.78
N ILE F 221 -11.32 17.94 -19.19
CA ILE F 221 -12.42 17.37 -19.96
C ILE F 221 -13.52 18.37 -20.23
N TYR F 222 -13.40 19.57 -19.71
CA TYR F 222 -14.38 20.56 -20.03
C TYR F 222 -14.08 20.81 -21.49
N GLY F 223 -14.98 21.38 -22.23
CA GLY F 223 -14.78 21.59 -23.65
C GLY F 223 -15.11 20.35 -24.44
N ALA F 224 -14.48 19.21 -24.12
CA ALA F 224 -14.94 17.93 -24.64
C ALA F 224 -16.32 17.59 -24.09
N HIS F 225 -16.57 17.93 -22.83
CA HIS F 225 -17.92 17.90 -22.30
C HIS F 225 -18.82 18.85 -23.07
N TYR F 226 -18.32 20.05 -23.36
CA TYR F 226 -19.05 21.01 -24.18
C TYR F 226 -19.15 20.56 -25.62
N MET F 227 -18.15 19.81 -26.11
CA MET F 227 -18.22 19.18 -27.44
C MET F 227 -19.41 18.25 -27.53
N ALA F 228 -19.54 17.33 -26.57
CA ALA F 228 -20.63 16.36 -26.59
C ALA F 228 -21.97 17.05 -26.38
N ASN F 229 -22.02 18.07 -25.52
CA ASN F 229 -23.25 18.82 -25.31
C ASN F 229 -23.70 19.53 -26.58
N ALA F 230 -22.76 20.21 -27.25
CA ALA F 230 -23.08 20.91 -28.48
C ALA F 230 -23.49 19.95 -29.59
N GLY F 231 -22.79 18.82 -29.70
CA GLY F 231 -23.12 17.85 -30.73
C GLY F 231 -24.46 17.18 -30.51
N LEU F 232 -24.82 16.94 -29.24
CA LEU F 232 -26.07 16.24 -28.97
C LEU F 232 -27.27 17.17 -29.05
N MET F 233 -27.12 18.42 -28.56
CA MET F 233 -28.08 19.47 -28.87
C MET F 233 -28.26 19.66 -30.37
N THR F 234 -27.16 19.66 -31.13
CA THR F 234 -27.22 19.84 -32.57
C THR F 234 -27.93 18.68 -33.26
N LEU F 235 -27.63 17.45 -32.85
CA LEU F 235 -28.27 16.29 -33.46
C LEU F 235 -29.75 16.24 -33.16
N ALA F 236 -30.14 16.57 -31.93
CA ALA F 236 -31.56 16.61 -31.61
C ALA F 236 -32.29 17.76 -32.32
N PHE F 237 -31.62 18.91 -32.47
CA PHE F 237 -32.15 20.04 -33.21
C PHE F 237 -32.36 19.69 -34.68
N LEU F 238 -31.38 19.00 -35.26
CA LEU F 238 -31.45 18.54 -36.64
C LEU F 238 -32.55 17.52 -36.85
N ALA F 239 -32.73 16.60 -35.89
CA ALA F 239 -33.84 15.65 -36.00
C ALA F 239 -35.17 16.33 -35.76
N LEU F 240 -35.19 17.39 -34.94
CA LEU F 240 -36.43 18.09 -34.63
C LEU F 240 -36.96 18.84 -35.84
N MET F 241 -36.10 19.56 -36.54
CA MET F 241 -36.59 20.25 -37.73
C MET F 241 -36.46 19.44 -39.01
N MET F 242 -35.81 18.27 -38.97
CA MET F 242 -36.01 17.29 -40.04
C MET F 242 -37.45 16.79 -40.08
N SER F 243 -38.09 16.69 -38.92
CA SER F 243 -39.48 16.28 -38.86
C SER F 243 -40.43 17.31 -39.41
N ARG F 244 -40.08 18.60 -39.31
CA ARG F 244 -40.92 19.65 -39.85
C ARG F 244 -40.84 19.77 -41.36
N VAL F 245 -39.69 19.47 -41.97
CA VAL F 245 -39.51 19.68 -43.40
C VAL F 245 -39.61 18.35 -44.15
N ARG F 246 -40.36 17.40 -43.57
CA ARG F 246 -40.64 16.14 -44.22
C ARG F 246 -41.39 16.31 -45.55
N ASP F 247 -42.27 17.31 -45.64
CA ASP F 247 -43.09 17.53 -46.82
C ASP F 247 -42.50 18.61 -47.73
N ALA F 248 -41.17 18.68 -47.80
CA ALA F 248 -40.50 19.66 -48.63
C ALA F 248 -40.34 19.20 -50.08
N ALA F 249 -40.83 17.99 -50.39
CA ALA F 249 -40.91 17.29 -51.68
C ALA F 249 -39.55 16.79 -52.17
N LEU F 250 -38.47 17.31 -51.61
CA LEU F 250 -37.14 16.89 -51.99
C LEU F 250 -36.55 15.93 -50.97
N PHE F 251 -36.93 16.12 -49.70
CA PHE F 251 -36.77 15.05 -48.72
C PHE F 251 -37.62 13.84 -49.07
N ARG F 252 -38.80 14.04 -49.66
CA ARG F 252 -39.56 12.89 -50.11
C ARG F 252 -38.99 12.30 -51.40
N GLU F 253 -38.34 13.11 -52.24
CA GLU F 253 -37.76 12.50 -53.44
C GLU F 253 -36.48 11.72 -53.13
N TYR F 254 -35.56 12.24 -52.31
CA TYR F 254 -34.27 11.58 -52.13
C TYR F 254 -33.99 11.02 -50.75
N VAL F 255 -34.80 11.30 -49.73
CA VAL F 255 -34.52 10.81 -48.38
C VAL F 255 -35.56 9.78 -47.97
N SER F 256 -35.06 8.71 -47.36
CA SER F 256 -35.88 7.62 -46.84
C SER F 256 -35.67 7.57 -45.33
N VAL F 257 -36.16 6.52 -44.68
CA VAL F 257 -35.99 6.40 -43.23
C VAL F 257 -34.63 5.85 -42.81
N LYS F 258 -33.79 5.41 -43.76
CA LYS F 258 -32.44 5.00 -43.41
C LYS F 258 -31.55 6.15 -42.89
N PRO F 259 -31.51 7.34 -43.51
CA PRO F 259 -30.82 8.46 -42.82
C PRO F 259 -31.47 8.90 -41.53
N ILE F 260 -32.79 8.72 -41.39
CA ILE F 260 -33.48 9.01 -40.14
C ILE F 260 -32.97 8.09 -39.04
N HIS F 261 -32.82 6.81 -39.38
CA HIS F 261 -32.23 5.83 -38.48
C HIS F 261 -30.79 6.17 -38.15
N ASP F 262 -30.03 6.65 -39.14
CA ASP F 262 -28.64 7.06 -38.91
C ASP F 262 -28.55 8.22 -37.92
N ILE F 263 -29.45 9.21 -38.05
CA ILE F 263 -29.38 10.37 -37.17
C ILE F 263 -29.88 10.03 -35.77
N GLY F 264 -30.89 9.16 -35.66
CA GLY F 264 -31.29 8.66 -34.35
C GLY F 264 -30.20 7.83 -33.69
N LYS F 265 -29.46 7.06 -34.49
CA LYS F 265 -28.29 6.32 -34.04
C LYS F 265 -27.22 7.27 -33.50
N LEU F 266 -26.98 8.37 -34.20
CA LEU F 266 -25.99 9.33 -33.74
C LEU F 266 -26.45 10.09 -32.50
N ILE F 267 -27.76 10.33 -32.37
CA ILE F 267 -28.32 10.92 -31.16
C ILE F 267 -28.06 10.01 -29.96
N PHE F 268 -28.32 8.71 -30.15
CA PHE F 268 -28.07 7.71 -29.13
C PHE F 268 -26.59 7.65 -28.75
N ALA F 269 -25.72 7.69 -29.77
CA ALA F 269 -24.28 7.65 -29.54
C ALA F 269 -23.78 8.91 -28.84
N PHE F 270 -24.36 10.07 -29.13
CA PHE F 270 -23.88 11.26 -28.47
C PHE F 270 -24.44 11.40 -27.06
N THR F 271 -25.63 10.83 -26.80
CA THR F 271 -26.13 10.75 -25.43
C THR F 271 -25.23 9.89 -24.56
N VAL F 272 -24.83 8.72 -25.08
CA VAL F 272 -23.96 7.87 -24.27
C VAL F 272 -22.54 8.44 -24.20
N LEU F 273 -22.06 9.12 -25.25
CA LEU F 273 -20.75 9.76 -25.19
C LEU F 273 -20.73 10.90 -24.20
N TRP F 274 -21.80 11.70 -24.15
CA TRP F 274 -21.89 12.76 -23.16
C TRP F 274 -21.97 12.24 -21.74
N THR F 275 -22.77 11.19 -21.49
CA THR F 275 -22.84 10.69 -20.12
C THR F 275 -21.55 9.97 -19.74
N TYR F 276 -20.81 9.46 -20.73
CA TYR F 276 -19.48 8.92 -20.48
C TYR F 276 -18.51 10.04 -20.08
N MET F 277 -18.61 11.19 -20.75
CA MET F 277 -17.75 12.34 -20.42
C MET F 277 -18.06 12.89 -19.02
N SER F 278 -19.36 13.04 -18.71
CA SER F 278 -19.76 13.55 -17.40
C SER F 278 -19.42 12.58 -16.29
N TYR F 279 -19.63 11.28 -16.52
CA TYR F 279 -19.24 10.29 -15.52
C TYR F 279 -17.72 10.24 -15.37
N GLY F 280 -16.98 10.44 -16.46
CA GLY F 280 -15.53 10.44 -16.36
C GLY F 280 -15.02 11.56 -15.48
N GLN F 281 -15.53 12.78 -15.71
CA GLN F 281 -15.16 13.91 -14.86
C GLN F 281 -15.61 13.69 -13.42
N LEU F 282 -16.82 13.15 -13.24
CA LEU F 282 -17.37 12.96 -11.91
C LEU F 282 -16.58 11.92 -11.14
N VAL F 283 -16.26 10.79 -11.74
CA VAL F 283 -15.57 9.74 -11.00
C VAL F 283 -14.10 10.08 -10.81
N ILE F 284 -13.52 10.91 -11.69
CA ILE F 284 -12.14 11.34 -11.49
C ILE F 284 -12.04 12.30 -10.32
N ILE F 285 -12.92 13.30 -10.29
CA ILE F 285 -12.86 14.28 -9.21
C ILE F 285 -13.38 13.68 -7.91
N TRP F 286 -14.38 12.80 -7.98
CA TRP F 286 -14.99 12.21 -6.81
C TRP F 286 -14.08 11.19 -6.16
N SER F 287 -13.46 10.31 -6.95
CA SER F 287 -12.60 9.30 -6.36
C SER F 287 -11.28 9.89 -5.88
N GLY F 288 -10.67 10.77 -6.68
CA GLY F 288 -9.50 11.47 -6.19
C GLY F 288 -9.91 12.78 -5.53
N ASP F 289 -10.08 12.74 -4.22
CA ASP F 289 -10.78 13.80 -3.48
C ASP F 289 -9.79 14.90 -3.12
N VAL F 290 -9.39 15.65 -4.14
CA VAL F 290 -8.39 16.70 -3.99
C VAL F 290 -9.12 18.04 -4.06
N ALA F 291 -8.80 18.94 -3.13
CA ALA F 291 -9.69 20.04 -2.80
C ALA F 291 -9.61 21.25 -3.75
N GLU F 292 -8.94 21.13 -4.89
CA GLU F 292 -9.13 22.15 -5.91
C GLU F 292 -10.12 21.73 -6.99
N PHE F 293 -10.39 20.44 -7.12
CA PHE F 293 -11.37 19.94 -8.08
C PHE F 293 -12.74 19.71 -7.47
N THR F 294 -12.79 19.48 -6.17
CA THR F 294 -13.98 19.15 -5.40
C THR F 294 -15.00 20.29 -5.20
N PRO F 295 -14.61 21.58 -5.03
CA PRO F 295 -15.64 22.64 -4.89
C PRO F 295 -16.64 22.76 -6.04
N TRP F 296 -16.29 22.34 -7.25
CA TRP F 296 -17.27 22.32 -8.34
C TRP F 296 -18.44 21.39 -8.05
N TYR F 297 -18.15 20.20 -7.54
CA TYR F 297 -19.22 19.28 -7.18
C TYR F 297 -19.79 19.53 -5.80
N VAL F 298 -19.09 20.26 -4.95
CA VAL F 298 -19.71 20.68 -3.70
C VAL F 298 -20.78 21.72 -3.98
N HIS F 299 -20.48 22.68 -4.87
CA HIS F 299 -21.45 23.69 -5.28
C HIS F 299 -22.57 23.13 -6.14
N ARG F 300 -22.47 21.90 -6.63
CA ARG F 300 -23.44 21.34 -7.55
C ARG F 300 -24.29 20.23 -6.97
N THR F 301 -24.01 19.77 -5.75
CA THR F 301 -24.94 18.91 -5.04
C THR F 301 -25.44 19.55 -3.75
N GLN F 302 -25.25 20.84 -3.59
CA GLN F 302 -25.73 21.54 -2.41
C GLN F 302 -26.92 22.42 -2.76
N HIS F 303 -27.75 22.67 -1.75
CA HIS F 303 -28.75 23.74 -1.74
C HIS F 303 -29.82 23.55 -2.80
N GLY F 304 -30.11 22.29 -3.15
CA GLY F 304 -31.13 21.98 -4.13
C GLY F 304 -30.61 21.56 -5.49
N TRP F 305 -29.33 21.81 -5.80
CA TRP F 305 -28.78 21.44 -7.10
C TRP F 305 -28.63 19.93 -7.25
N VAL F 306 -28.62 19.19 -6.14
CA VAL F 306 -28.47 17.74 -6.19
C VAL F 306 -29.66 17.10 -6.90
N PHE F 307 -30.86 17.62 -6.69
CA PHE F 307 -32.03 17.02 -7.31
C PHE F 307 -32.06 17.30 -8.80
N VAL F 308 -31.53 18.45 -9.21
CA VAL F 308 -31.31 18.72 -10.63
C VAL F 308 -30.30 17.74 -11.21
N ALA F 309 -29.27 17.40 -10.43
CA ALA F 309 -28.28 16.42 -10.90
C ALA F 309 -28.89 15.03 -11.07
N LEU F 310 -29.73 14.60 -10.11
CA LEU F 310 -30.37 13.28 -10.24
C LEU F 310 -31.41 13.27 -11.35
N ALA F 311 -32.15 14.38 -11.53
CA ALA F 311 -33.09 14.46 -12.64
C ALA F 311 -32.36 14.52 -13.99
N LEU F 312 -31.16 15.08 -14.00
CA LEU F 312 -30.31 15.02 -15.18
C LEU F 312 -29.86 13.59 -15.46
N MET F 313 -29.51 12.84 -14.42
CA MET F 313 -29.08 11.47 -14.62
C MET F 313 -30.24 10.56 -15.02
N LEU F 314 -31.44 10.85 -14.54
CA LEU F 314 -32.58 9.96 -14.74
C LEU F 314 -33.36 10.30 -16.01
N PHE F 315 -33.40 11.58 -16.38
CA PHE F 315 -34.21 12.01 -17.52
C PHE F 315 -33.40 12.47 -18.73
N ALA F 316 -32.09 12.67 -18.60
CA ALA F 316 -31.26 12.98 -19.74
C ALA F 316 -30.28 11.88 -20.10
N PHE F 317 -30.12 10.87 -19.24
CA PHE F 317 -29.40 9.67 -19.63
C PHE F 317 -30.30 8.46 -19.69
N ALA F 318 -30.92 8.07 -18.57
CA ALA F 318 -31.45 6.71 -18.42
C ALA F 318 -32.68 6.49 -19.29
N LEU F 319 -33.64 7.41 -19.22
CA LEU F 319 -34.77 7.39 -20.16
C LEU F 319 -34.33 7.63 -21.60
N PRO F 320 -33.49 8.63 -21.95
CA PRO F 320 -33.05 8.73 -23.35
C PRO F 320 -32.21 7.58 -23.86
N PHE F 321 -31.40 6.93 -23.02
CA PHE F 321 -30.72 5.72 -23.44
C PHE F 321 -31.73 4.61 -23.69
N PHE F 322 -32.53 4.28 -22.67
CA PHE F 322 -33.39 3.11 -22.70
C PHE F 322 -34.49 3.20 -23.74
N VAL F 323 -34.97 4.41 -24.02
CA VAL F 323 -35.98 4.59 -25.05
C VAL F 323 -35.34 4.44 -26.45
N LEU F 324 -34.09 4.84 -26.60
CA LEU F 324 -33.41 4.80 -27.89
C LEU F 324 -32.62 3.53 -28.14
N LEU F 325 -32.90 2.43 -27.42
CA LEU F 325 -32.34 1.15 -27.86
C LEU F 325 -33.10 0.60 -29.06
N PHE F 326 -34.37 0.92 -29.21
CA PHE F 326 -35.18 0.27 -30.26
C PHE F 326 -35.20 0.78 -31.71
N ARG F 327 -35.65 -0.05 -32.65
CA ARG F 327 -35.79 0.35 -34.06
C ARG F 327 -36.86 1.38 -34.24
N GLY F 328 -38.15 1.10 -34.05
CA GLY F 328 -39.09 2.18 -34.02
C GLY F 328 -38.67 2.96 -32.79
N THR F 329 -38.88 4.28 -32.84
CA THR F 329 -38.16 5.37 -32.16
C THR F 329 -36.77 5.62 -32.71
N LYS F 330 -36.37 4.92 -33.76
CA LYS F 330 -35.24 5.36 -34.59
C LYS F 330 -35.56 5.37 -36.07
N ARG F 331 -36.23 4.31 -36.58
CA ARG F 331 -36.65 4.29 -37.97
C ARG F 331 -37.84 5.21 -38.18
N ASN F 332 -38.80 5.19 -37.26
CA ASN F 332 -39.90 6.13 -37.30
C ASN F 332 -39.39 7.51 -36.93
N LEU F 333 -39.98 8.52 -37.53
CA LEU F 333 -39.46 9.87 -37.45
C LEU F 333 -40.22 10.74 -36.45
N ASN F 334 -41.51 10.46 -36.21
CA ASN F 334 -42.31 11.28 -35.30
C ASN F 334 -41.87 11.09 -33.86
N THR F 335 -41.73 9.84 -33.43
CA THR F 335 -41.30 9.58 -32.07
C THR F 335 -39.84 9.93 -31.88
N LEU F 336 -39.03 9.83 -32.93
CA LEU F 336 -37.66 10.33 -32.89
C LEU F 336 -37.65 11.84 -32.67
N ALA F 337 -38.60 12.55 -33.27
CA ALA F 337 -38.71 13.99 -33.02
C ALA F 337 -39.13 14.28 -31.58
N THR F 338 -40.02 13.46 -31.01
CA THR F 338 -40.41 13.68 -29.61
C THR F 338 -39.24 13.41 -28.66
N ILE F 339 -38.46 12.36 -28.95
CA ILE F 339 -37.23 12.10 -28.20
C ILE F 339 -36.27 13.26 -28.33
N ALA F 340 -36.12 13.81 -29.54
CA ALA F 340 -35.19 14.91 -29.76
C ALA F 340 -35.61 16.19 -29.04
N GLY F 341 -36.92 16.45 -28.99
CA GLY F 341 -37.40 17.57 -28.21
C GLY F 341 -37.15 17.40 -26.72
N TRP F 342 -37.34 16.17 -26.21
CA TRP F 342 -36.98 15.87 -24.83
C TRP F 342 -35.48 16.02 -24.61
N ILE F 343 -34.67 15.67 -25.60
CA ILE F 343 -33.22 15.82 -25.51
C ILE F 343 -32.84 17.28 -25.41
N VAL F 344 -33.45 18.12 -26.26
CA VAL F 344 -33.13 19.56 -26.29
C VAL F 344 -33.48 20.22 -24.97
N VAL F 345 -34.66 19.88 -24.42
CA VAL F 345 -35.06 20.39 -23.11
C VAL F 345 -34.10 19.90 -22.01
N MET F 346 -33.68 18.64 -22.10
CA MET F 346 -32.77 18.12 -21.10
C MET F 346 -31.37 18.70 -21.23
N ARG F 347 -30.99 19.13 -22.43
CA ARG F 347 -29.71 19.82 -22.59
C ARG F 347 -29.78 21.22 -22.02
N PHE F 348 -30.96 21.86 -22.12
CA PHE F 348 -31.18 23.13 -21.42
C PHE F 348 -31.00 22.97 -19.92
N VAL F 349 -31.60 21.91 -19.37
CA VAL F 349 -31.51 21.64 -17.92
C VAL F 349 -30.08 21.31 -17.53
N ASP F 350 -29.35 20.59 -18.40
CA ASP F 350 -27.96 20.28 -18.10
C ASP F 350 -27.08 21.51 -18.12
N MET F 351 -27.24 22.38 -19.12
CA MET F 351 -26.42 23.60 -19.10
C MET F 351 -26.83 24.53 -17.98
N ALA F 352 -28.08 24.44 -17.50
CA ALA F 352 -28.43 25.11 -16.25
C ALA F 352 -27.59 24.58 -15.09
N TRP F 353 -27.47 23.24 -14.98
CA TRP F 353 -26.63 22.64 -13.94
C TRP F 353 -25.15 22.96 -14.13
N ILE F 354 -24.72 23.20 -15.36
CA ILE F 354 -23.32 23.47 -15.62
C ILE F 354 -22.98 24.92 -15.28
N ILE F 355 -23.85 25.86 -15.61
CA ILE F 355 -23.53 27.27 -15.56
C ILE F 355 -24.11 27.96 -14.33
N LEU F 356 -25.40 27.73 -14.03
CA LEU F 356 -26.08 28.48 -12.98
C LEU F 356 -25.62 28.27 -11.53
N PRO F 357 -25.05 27.13 -11.12
CA PRO F 357 -24.41 27.10 -9.78
C PRO F 357 -23.26 28.06 -9.57
N GLU F 358 -22.63 28.56 -10.64
CA GLU F 358 -21.51 29.47 -10.48
C GLU F 358 -21.92 30.86 -10.00
N PHE F 359 -23.21 31.18 -10.08
CA PHE F 359 -23.68 32.48 -9.64
C PHE F 359 -25.07 32.50 -8.98
N ARG F 360 -25.72 31.36 -8.86
CA ARG F 360 -27.07 31.33 -8.32
C ARG F 360 -27.13 30.80 -6.89
N GLU F 361 -26.35 29.74 -6.60
CA GLU F 361 -26.07 29.18 -5.28
C GLU F 361 -27.27 28.41 -4.70
N HIS F 362 -28.44 28.51 -5.33
CA HIS F 362 -29.63 27.80 -4.90
C HIS F 362 -30.41 27.34 -6.12
N LEU F 363 -31.14 26.23 -5.97
CA LEU F 363 -32.11 25.89 -6.99
C LEU F 363 -33.28 26.87 -6.99
N TRP F 364 -33.70 27.33 -5.81
CA TRP F 364 -34.80 28.28 -5.73
C TRP F 364 -34.39 29.72 -6.02
N ASP F 365 -33.10 29.98 -6.23
CA ASP F 365 -32.68 31.31 -6.64
C ASP F 365 -32.76 31.53 -8.14
N ILE F 366 -33.13 30.50 -8.91
CA ILE F 366 -33.17 30.59 -10.36
C ILE F 366 -34.30 31.56 -10.77
N ALA F 367 -33.91 32.70 -11.30
CA ALA F 367 -34.86 33.74 -11.65
C ALA F 367 -35.57 33.40 -12.95
N ILE F 368 -36.54 34.24 -13.31
CA ILE F 368 -37.24 34.09 -14.58
C ILE F 368 -36.34 34.44 -15.75
N THR F 369 -35.26 35.19 -15.50
CA THR F 369 -34.31 35.54 -16.56
C THR F 369 -33.50 34.33 -17.02
N ASP F 370 -33.28 33.36 -16.13
CA ASP F 370 -32.58 32.13 -16.48
C ASP F 370 -33.43 31.21 -17.35
N VAL F 371 -34.71 31.51 -17.52
CA VAL F 371 -35.52 30.89 -18.57
C VAL F 371 -35.69 31.84 -19.76
N ALA F 372 -35.71 33.15 -19.52
CA ALA F 372 -35.89 34.13 -20.59
C ALA F 372 -34.74 34.11 -21.59
N ALA F 373 -33.51 34.11 -21.08
CA ALA F 373 -32.34 34.13 -21.96
C ALA F 373 -32.13 32.86 -22.79
N PRO F 374 -32.26 31.62 -22.27
CA PRO F 374 -32.10 30.47 -23.19
C PRO F 374 -33.17 30.37 -24.27
N ILE F 375 -34.44 30.54 -23.90
CA ILE F 375 -35.53 30.47 -24.88
C ILE F 375 -35.44 31.63 -25.87
N GLY F 376 -35.11 32.82 -25.39
CA GLY F 376 -34.96 33.96 -26.30
C GLY F 376 -33.78 33.84 -27.25
N LEU F 377 -32.62 33.43 -26.75
CA LEU F 377 -31.46 33.34 -27.62
C LEU F 377 -31.52 32.12 -28.54
N ILE F 378 -32.11 31.02 -28.10
CA ILE F 378 -32.44 29.91 -28.99
C ILE F 378 -33.47 30.31 -30.03
N GLY F 379 -34.41 31.18 -29.68
CA GLY F 379 -35.35 31.68 -30.68
C GLY F 379 -34.67 32.53 -31.74
N LEU F 380 -33.71 33.37 -31.33
CA LEU F 380 -32.90 34.11 -32.29
C LEU F 380 -32.08 33.16 -33.16
N VAL F 381 -31.52 32.12 -32.55
CA VAL F 381 -30.75 31.11 -33.28
C VAL F 381 -31.61 30.40 -34.32
N ILE F 382 -32.82 30.00 -33.91
CA ILE F 382 -33.72 29.26 -34.78
C ILE F 382 -34.25 30.14 -35.91
N ALA F 383 -34.52 31.43 -35.62
CA ALA F 383 -34.98 32.35 -36.64
C ALA F 383 -33.90 32.62 -37.68
N LEU F 384 -32.65 32.86 -37.24
CA LEU F 384 -31.59 33.07 -38.21
C LEU F 384 -31.24 31.78 -38.95
N PHE F 385 -31.37 30.63 -38.28
CA PHE F 385 -31.15 29.34 -38.93
C PHE F 385 -32.16 29.11 -40.04
N ALA F 386 -33.45 29.25 -39.73
CA ALA F 386 -34.50 28.97 -40.70
C ALA F 386 -34.57 30.02 -41.79
N ALA F 387 -34.06 31.23 -41.53
CA ALA F 387 -33.83 32.15 -42.64
C ALA F 387 -32.68 31.65 -43.52
N ASN F 388 -31.65 31.06 -42.92
CA ASN F 388 -30.52 30.59 -43.72
C ASN F 388 -30.81 29.29 -44.49
N VAL F 389 -31.76 28.46 -44.04
CA VAL F 389 -32.10 27.28 -44.83
C VAL F 389 -32.84 27.70 -46.10
N GLN F 390 -33.73 28.69 -45.99
CA GLN F 390 -34.60 29.07 -47.09
C GLN F 390 -33.87 29.74 -48.24
N GLN F 391 -32.71 30.34 -47.99
CA GLN F 391 -32.01 31.09 -49.04
C GLN F 391 -31.35 30.18 -50.07
N ALA F 392 -31.21 28.89 -49.79
CA ALA F 392 -30.58 27.92 -50.67
C ALA F 392 -31.52 26.74 -50.86
N PRO F 393 -31.36 25.98 -51.94
CA PRO F 393 -31.97 24.66 -51.98
C PRO F 393 -31.38 23.76 -50.91
N LEU F 394 -32.23 23.15 -50.12
CA LEU F 394 -31.81 22.11 -49.20
C LEU F 394 -31.39 20.87 -49.99
N LEU F 395 -30.67 19.96 -49.29
CA LEU F 395 -30.31 18.62 -49.77
C LEU F 395 -29.57 18.65 -51.12
N PRO F 396 -28.25 18.94 -51.13
CA PRO F 396 -27.54 19.24 -52.39
C PRO F 396 -27.63 18.13 -53.44
N LEU F 397 -28.42 18.41 -54.49
CA LEU F 397 -28.82 17.39 -55.44
C LEU F 397 -27.68 16.96 -56.34
N ARG F 398 -26.72 17.86 -56.56
CA ARG F 398 -25.59 17.61 -57.42
C ARG F 398 -24.38 17.55 -56.51
N ASP F 399 -23.86 16.35 -56.29
CA ASP F 399 -22.93 16.04 -55.23
C ASP F 399 -22.33 14.67 -55.48
N PRO F 400 -21.03 14.47 -55.22
CA PRO F 400 -20.45 13.15 -55.44
C PRO F 400 -20.76 12.15 -54.34
N ASN F 401 -21.43 12.56 -53.27
CA ASN F 401 -21.84 11.66 -52.21
C ASN F 401 -23.35 11.45 -52.22
N MET F 402 -23.98 11.71 -53.37
CA MET F 402 -25.42 11.61 -53.54
C MET F 402 -25.93 10.18 -53.50
N GLU F 403 -25.15 9.22 -54.00
CA GLU F 403 -25.65 7.86 -54.25
C GLU F 403 -25.90 7.09 -52.95
N GLN F 404 -25.37 7.56 -51.81
CA GLN F 404 -25.65 6.90 -50.55
C GLN F 404 -27.08 7.13 -50.08
N LEU F 405 -27.77 8.14 -50.62
CA LEU F 405 -29.20 8.29 -50.34
C LEU F 405 -30.00 7.23 -51.06
N GLN F 406 -29.54 6.82 -52.24
CA GLN F 406 -30.15 5.78 -53.06
C GLN F 406 -29.65 4.39 -52.64
N ASN F 407 -28.78 4.34 -51.62
CA ASN F 407 -28.10 3.14 -51.11
C ASN F 407 -27.33 2.42 -52.21
N LEU G 32 -30.47 -35.42 -26.94
CA LEU G 32 -31.59 -36.02 -26.23
C LEU G 32 -31.78 -35.38 -24.87
N SER G 33 -32.98 -35.54 -24.32
CA SER G 33 -33.27 -35.02 -23.00
C SER G 33 -33.10 -36.07 -21.91
N ARG G 34 -33.42 -37.33 -22.19
CA ARG G 34 -33.14 -38.38 -21.23
C ARG G 34 -31.64 -38.56 -21.03
N LEU G 35 -30.83 -38.24 -22.04
CA LEU G 35 -29.39 -38.18 -21.84
C LEU G 35 -29.00 -37.00 -20.96
N MET G 36 -29.74 -35.90 -21.03
CA MET G 36 -29.49 -34.78 -20.12
C MET G 36 -29.77 -35.19 -18.69
N ILE G 37 -30.90 -35.89 -18.46
CA ILE G 37 -31.25 -36.37 -17.13
C ILE G 37 -30.22 -37.37 -16.61
N ALA G 38 -29.80 -38.30 -17.46
CA ALA G 38 -28.87 -39.34 -17.03
C ALA G 38 -27.49 -38.76 -16.73
N GLY G 39 -27.00 -37.86 -17.58
CA GLY G 39 -25.73 -37.21 -17.31
C GLY G 39 -25.76 -36.34 -16.07
N LEU G 40 -26.88 -35.63 -15.85
CA LEU G 40 -26.96 -34.81 -14.64
C LEU G 40 -27.15 -35.65 -13.39
N MET G 41 -27.82 -36.80 -13.51
CA MET G 41 -27.91 -37.69 -12.35
C MET G 41 -26.57 -38.34 -12.03
N VAL G 42 -25.78 -38.66 -13.05
CA VAL G 42 -24.43 -39.18 -12.82
C VAL G 42 -23.56 -38.10 -12.18
N PHE G 43 -23.65 -36.87 -12.68
CA PHE G 43 -22.94 -35.74 -12.09
C PHE G 43 -23.41 -35.45 -10.66
N LEU G 44 -24.71 -35.60 -10.41
CA LEU G 44 -25.26 -35.43 -9.07
C LEU G 44 -24.76 -36.47 -8.10
N VAL G 45 -24.75 -37.74 -8.52
CA VAL G 45 -24.27 -38.82 -7.64
C VAL G 45 -22.78 -38.68 -7.38
N LEU G 46 -22.00 -38.37 -8.43
CA LEU G 46 -20.56 -38.24 -8.27
C LEU G 46 -20.20 -37.01 -7.44
N SER G 47 -20.93 -35.91 -7.64
CA SER G 47 -20.74 -34.71 -6.86
C SER G 47 -21.17 -34.88 -5.41
N LEU G 48 -22.24 -35.62 -5.16
CA LEU G 48 -22.69 -35.84 -3.80
C LEU G 48 -21.75 -36.79 -3.07
N VAL G 49 -21.18 -37.76 -3.80
CA VAL G 49 -20.13 -38.62 -3.25
C VAL G 49 -18.89 -37.79 -2.93
N VAL G 50 -18.58 -36.81 -3.77
CA VAL G 50 -17.48 -35.89 -3.51
C VAL G 50 -17.74 -35.00 -2.28
N LEU G 51 -18.97 -34.49 -2.14
CA LEU G 51 -19.35 -33.71 -0.98
C LEU G 51 -19.26 -34.54 0.30
N LEU G 52 -19.69 -35.81 0.23
CA LEU G 52 -19.52 -36.72 1.36
C LEU G 52 -18.05 -36.99 1.64
N ALA G 53 -17.23 -37.11 0.61
CA ALA G 53 -15.80 -37.32 0.77
C ALA G 53 -15.08 -36.10 1.34
N GLY G 54 -15.65 -34.91 1.20
CA GLY G 54 -15.11 -33.77 1.90
C GLY G 54 -15.48 -33.72 3.37
N ARG G 55 -16.40 -34.59 3.80
CA ARG G 55 -16.63 -34.81 5.22
C ARG G 55 -16.29 -36.24 5.61
N LEU G 56 -15.39 -36.89 4.87
CA LEU G 56 -15.09 -38.31 5.08
C LEU G 56 -14.47 -38.62 6.45
N PRO G 57 -13.58 -37.80 7.03
CA PRO G 57 -13.35 -37.96 8.47
C PRO G 57 -14.52 -37.43 9.27
N PHE G 58 -15.52 -38.28 9.50
CA PHE G 58 -16.69 -37.91 10.28
C PHE G 58 -16.31 -37.66 11.74
N THR G 59 -17.25 -37.02 12.46
CA THR G 59 -17.03 -36.69 13.86
C THR G 59 -16.86 -37.96 14.68
N PRO G 60 -15.80 -38.08 15.47
CA PRO G 60 -15.54 -39.32 16.20
C PRO G 60 -16.59 -39.57 17.27
N GLN G 61 -16.86 -40.85 17.49
CA GLN G 61 -17.79 -41.28 18.52
C GLN G 61 -16.98 -41.61 19.77
N PRO G 62 -16.84 -40.68 20.72
CA PRO G 62 -15.97 -40.94 21.87
C PRO G 62 -16.64 -41.93 22.82
N ALA G 63 -15.94 -43.01 23.13
CA ALA G 63 -16.46 -44.19 23.81
C ALA G 63 -16.99 -43.85 25.20
N PRO G 64 -18.26 -44.13 25.48
CA PRO G 64 -18.88 -43.69 26.74
C PRO G 64 -18.26 -44.38 27.94
N VAL G 65 -17.65 -43.59 28.82
CA VAL G 65 -16.82 -44.13 29.87
C VAL G 65 -17.69 -44.77 30.96
N THR G 66 -17.08 -45.68 31.72
CA THR G 66 -17.76 -46.32 32.83
C THR G 66 -16.82 -46.35 34.02
N GLY G 67 -17.21 -47.09 35.04
CA GLY G 67 -16.56 -47.00 36.34
C GLY G 67 -17.02 -45.77 37.10
N ASN G 68 -16.45 -45.61 38.29
CA ASN G 68 -16.72 -44.39 39.05
C ASN G 68 -16.02 -43.21 38.40
N THR G 69 -16.59 -42.03 38.56
CA THR G 69 -16.01 -40.80 38.07
C THR G 69 -15.77 -39.87 39.24
N TYR G 70 -15.17 -38.71 38.95
CA TYR G 70 -14.93 -37.70 39.96
C TYR G 70 -16.20 -37.04 40.45
N ARG G 71 -17.30 -37.14 39.70
CA ARG G 71 -18.51 -36.39 40.01
C ARG G 71 -19.17 -36.84 41.30
N THR G 72 -19.08 -38.13 41.65
CA THR G 72 -19.72 -38.62 42.86
C THR G 72 -19.09 -38.00 44.10
N TYR G 73 -17.76 -38.04 44.21
CA TYR G 73 -17.05 -37.38 45.29
C TYR G 73 -17.24 -35.88 45.26
N VAL G 74 -17.30 -35.29 44.06
CA VAL G 74 -17.38 -33.84 43.93
C VAL G 74 -18.73 -33.33 44.43
N ASN G 75 -19.84 -33.96 44.02
CA ASN G 75 -21.11 -33.46 44.51
C ASN G 75 -21.39 -33.92 45.94
N ASP G 76 -20.77 -35.02 46.41
CA ASP G 76 -20.85 -35.35 47.82
C ASP G 76 -20.18 -34.29 48.67
N ALA G 77 -18.99 -33.84 48.27
CA ALA G 77 -18.32 -32.76 49.00
C ALA G 77 -19.00 -31.41 48.80
N ARG G 78 -19.66 -31.21 47.66
CA ARG G 78 -20.42 -29.97 47.45
C ARG G 78 -21.64 -29.92 48.34
N THR G 79 -22.27 -31.07 48.59
CA THR G 79 -23.27 -31.17 49.64
C THR G 79 -22.66 -30.93 51.01
N LEU G 80 -21.49 -31.52 51.25
CA LEU G 80 -20.80 -31.40 52.54
C LEU G 80 -20.32 -29.98 52.83
N LEU G 81 -20.17 -29.14 51.81
CA LEU G 81 -19.70 -27.79 52.04
C LEU G 81 -20.81 -26.88 52.54
N ASN G 82 -21.96 -26.89 51.88
CA ASN G 82 -23.11 -26.12 52.35
C ASN G 82 -23.97 -27.01 53.24
N SER G 83 -25.21 -26.56 53.50
CA SER G 83 -26.33 -27.37 53.96
C SER G 83 -26.15 -27.94 55.38
N TYR G 84 -25.28 -27.33 56.18
CA TYR G 84 -25.08 -27.60 57.62
C TYR G 84 -24.63 -29.06 57.79
N GLY G 85 -24.96 -29.71 58.90
CA GLY G 85 -24.68 -31.12 59.10
C GLY G 85 -23.72 -31.36 60.25
N TYR G 86 -23.47 -32.64 60.49
CA TYR G 86 -22.64 -33.12 61.58
C TYR G 86 -21.53 -34.00 61.05
N THR G 87 -20.62 -34.38 61.94
CA THR G 87 -19.56 -35.35 61.64
C THR G 87 -19.26 -36.11 62.93
N MET G 88 -18.08 -36.75 62.97
CA MET G 88 -17.65 -37.56 64.11
C MET G 88 -17.50 -36.74 65.39
N GLU G 89 -16.74 -35.64 65.34
CA GLU G 89 -16.49 -34.87 66.56
C GLU G 89 -16.81 -33.39 66.40
N GLY G 90 -16.85 -32.88 65.16
CA GLY G 90 -17.14 -31.48 64.92
C GLY G 90 -18.56 -31.13 65.32
N LYS G 91 -18.75 -29.92 65.86
CA LYS G 91 -20.01 -29.61 66.52
C LYS G 91 -21.13 -29.36 65.51
N VAL G 92 -20.83 -28.70 64.38
CA VAL G 92 -21.77 -28.50 63.27
C VAL G 92 -20.95 -28.05 62.06
N HIS G 93 -21.31 -28.55 60.87
CA HIS G 93 -20.75 -28.01 59.63
C HIS G 93 -21.25 -26.58 59.44
N ILE G 94 -20.38 -25.62 59.69
CA ILE G 94 -20.66 -24.23 59.32
C ILE G 94 -20.40 -24.12 57.83
N PRO G 95 -21.38 -23.68 57.04
CA PRO G 95 -21.23 -23.75 55.57
C PRO G 95 -20.26 -22.73 55.02
N ILE G 96 -19.62 -23.12 53.91
CA ILE G 96 -18.80 -22.20 53.13
C ILE G 96 -19.72 -21.12 52.56
N ASP G 97 -19.24 -19.87 52.57
CA ASP G 97 -19.90 -18.55 52.37
C ASP G 97 -20.62 -18.10 53.63
N ARG G 98 -20.66 -18.94 54.67
CA ARG G 98 -21.07 -18.50 55.99
C ARG G 98 -19.87 -18.64 56.91
N ALA G 99 -19.18 -19.79 56.81
CA ALA G 99 -17.89 -19.93 57.49
C ALA G 99 -16.84 -19.04 56.85
N MET G 100 -16.99 -18.74 55.56
CA MET G 100 -16.10 -17.81 54.88
C MET G 100 -16.29 -16.39 55.43
N ASP G 101 -17.55 -15.98 55.62
CA ASP G 101 -17.85 -14.70 56.22
C ASP G 101 -17.38 -14.65 57.67
N LEU G 102 -17.51 -15.76 58.40
CA LEU G 102 -17.02 -15.79 59.76
C LEU G 102 -15.49 -15.74 59.83
N ILE G 103 -14.79 -16.35 58.88
CA ILE G 103 -13.35 -16.41 59.02
C ILE G 103 -12.73 -15.07 58.58
N VAL G 104 -13.42 -14.31 57.72
CA VAL G 104 -12.93 -12.95 57.51
C VAL G 104 -13.33 -12.08 58.70
N GLU G 105 -14.47 -12.36 59.33
CA GLU G 105 -14.96 -11.52 60.43
C GLU G 105 -14.08 -11.64 61.68
N ARG G 106 -13.71 -12.86 62.09
CA ARG G 106 -12.72 -12.95 63.15
C ARG G 106 -11.30 -12.83 62.60
N GLY G 107 -11.14 -12.84 61.29
CA GLY G 107 -9.91 -12.45 60.65
C GLY G 107 -8.83 -13.51 60.72
N LEU G 108 -7.91 -13.44 59.77
CA LEU G 108 -6.66 -14.13 59.98
C LEU G 108 -5.66 -13.16 60.60
N PRO G 109 -4.70 -13.65 61.37
CA PRO G 109 -3.63 -12.78 61.88
C PRO G 109 -2.82 -12.18 60.74
N VAL G 110 -2.42 -10.93 60.93
CA VAL G 110 -1.64 -10.20 59.95
C VAL G 110 -0.27 -9.94 60.54
N ARG G 111 0.78 -10.38 59.83
CA ARG G 111 2.19 -10.18 60.18
C ARG G 111 2.59 -10.66 61.57
N MET H 1 -39.32 -14.26 -37.29
CA MET H 1 -38.70 -15.58 -37.39
C MET H 1 -38.78 -16.34 -36.09
N GLN H 2 -38.91 -17.65 -36.22
CA GLN H 2 -38.88 -18.57 -35.09
C GLN H 2 -37.62 -19.41 -35.21
N PRO H 3 -37.14 -19.97 -34.09
CA PRO H 3 -36.04 -20.94 -34.18
C PRO H 3 -36.47 -22.22 -34.88
N GLU H 4 -35.50 -23.00 -35.36
CA GLU H 4 -35.83 -24.24 -36.05
C GLU H 4 -36.16 -25.37 -35.09
N TRP H 5 -35.96 -25.21 -33.80
CA TRP H 5 -36.38 -26.19 -32.82
C TRP H 5 -37.67 -25.79 -32.12
N SER H 6 -38.38 -24.79 -32.66
CA SER H 6 -39.62 -24.33 -32.05
C SER H 6 -40.72 -25.37 -32.14
N GLY H 7 -40.82 -26.07 -33.26
CA GLY H 7 -41.83 -27.08 -33.45
C GLY H 7 -41.30 -28.49 -33.31
N ASP H 8 -40.41 -28.70 -32.35
CA ASP H 8 -39.84 -30.02 -32.12
C ASP H 8 -40.32 -30.56 -30.79
N PRO H 9 -40.57 -31.88 -30.70
CA PRO H 9 -40.95 -32.47 -29.40
C PRO H 9 -39.85 -32.43 -28.35
N GLU H 10 -38.59 -32.25 -28.76
CA GLU H 10 -37.49 -32.14 -27.81
C GLU H 10 -37.44 -30.78 -27.12
N VAL H 11 -38.20 -29.79 -27.57
CA VAL H 11 -38.06 -28.45 -27.00
C VAL H 11 -38.67 -28.36 -25.60
N LYS H 12 -39.60 -29.24 -25.25
CA LYS H 12 -40.11 -29.20 -23.88
C LYS H 12 -39.10 -29.85 -22.93
N PRO H 13 -38.69 -31.13 -23.06
CA PRO H 13 -37.88 -31.70 -21.98
C PRO H 13 -36.42 -31.27 -21.98
N VAL H 14 -35.88 -30.78 -23.11
CA VAL H 14 -34.53 -30.22 -23.08
C VAL H 14 -34.51 -28.90 -22.32
N PHE H 15 -35.48 -28.03 -22.56
CA PHE H 15 -35.50 -26.75 -21.84
C PHE H 15 -36.02 -26.91 -20.42
N LEU H 16 -36.72 -28.01 -20.11
CA LEU H 16 -36.90 -28.35 -18.71
C LEU H 16 -35.60 -28.88 -18.10
N ALA H 17 -34.78 -29.55 -18.90
CA ALA H 17 -33.50 -30.04 -18.40
C ALA H 17 -32.49 -28.93 -18.14
N VAL H 18 -32.55 -27.82 -18.89
CA VAL H 18 -31.65 -26.70 -18.58
C VAL H 18 -31.96 -26.11 -17.20
N THR H 19 -33.23 -25.96 -16.86
CA THR H 19 -33.53 -25.48 -15.52
C THR H 19 -33.32 -26.56 -14.46
N LEU H 20 -33.47 -27.84 -14.77
CA LEU H 20 -33.14 -28.86 -13.78
C LEU H 20 -31.64 -29.00 -13.59
N THR H 21 -30.86 -28.71 -14.63
CA THR H 21 -29.43 -28.47 -14.52
C THR H 21 -29.09 -27.28 -13.64
N GLY H 22 -29.78 -26.15 -13.83
CA GLY H 22 -29.52 -24.96 -13.06
C GLY H 22 -29.81 -25.15 -11.59
N MET H 23 -30.98 -25.71 -11.26
CA MET H 23 -31.33 -25.92 -9.86
C MET H 23 -30.59 -27.08 -9.22
N VAL H 24 -29.84 -27.87 -9.99
CA VAL H 24 -28.97 -28.85 -9.36
C VAL H 24 -27.57 -28.28 -9.17
N ALA H 25 -26.98 -27.74 -10.24
CA ALA H 25 -25.60 -27.27 -10.18
C ALA H 25 -25.46 -26.01 -9.34
N PHE H 26 -26.32 -25.00 -9.56
CA PHE H 26 -26.22 -23.76 -8.81
C PHE H 26 -26.54 -23.98 -7.33
N LEU H 27 -27.52 -24.84 -7.03
CA LEU H 27 -27.81 -25.13 -5.63
C LEU H 27 -26.71 -25.98 -5.01
N LEU H 28 -25.98 -26.75 -5.81
CA LEU H 28 -24.82 -27.45 -5.28
C LEU H 28 -23.69 -26.49 -4.92
N MET H 29 -23.46 -25.47 -5.74
CA MET H 29 -22.52 -24.41 -5.35
C MET H 29 -23.04 -23.62 -4.15
N VAL H 30 -24.35 -23.49 -4.02
CA VAL H 30 -24.92 -22.82 -2.85
C VAL H 30 -24.67 -23.64 -1.59
N TRP H 31 -24.86 -24.97 -1.68
CA TRP H 31 -24.66 -25.84 -0.53
C TRP H 31 -23.19 -25.88 -0.15
N LEU H 32 -22.29 -25.98 -1.14
CA LEU H 32 -20.86 -26.09 -0.83
C LEU H 32 -20.31 -24.74 -0.34
N PHE H 33 -20.68 -23.65 -0.99
CA PHE H 33 -20.06 -22.36 -0.73
C PHE H 33 -20.72 -21.57 0.39
N ALA H 34 -21.85 -22.02 0.93
CA ALA H 34 -22.50 -21.26 1.99
C ALA H 34 -22.86 -22.12 3.20
N PHE H 35 -23.24 -23.38 2.97
CA PHE H 35 -23.75 -24.24 4.02
C PHE H 35 -22.83 -25.40 4.34
N TYR H 36 -21.56 -25.35 3.91
CA TYR H 36 -20.64 -26.48 4.05
C TYR H 36 -19.37 -25.93 4.70
N TRP H 37 -19.40 -25.81 6.02
CA TRP H 37 -18.25 -25.38 6.83
C TRP H 37 -18.53 -25.69 8.29
#